data_2G9J
#
_entry.id   2G9J
#
loop_
_entity.id
_entity.type
_entity.pdbx_description
1 polymer 'Tropomyosin 1 alpha chain'
2 polymer 'Tropomyosin 1 alpha chain/General control protein GCN4'
#
loop_
_entity_poly.entity_id
_entity_poly.type
_entity_poly.pdbx_seq_one_letter_code
_entity_poly.pdbx_strand_id
1 'polypeptide(L)' GCGKSIDDLEDELYAQKLKYKAISEELDHALKDMTSI C,D
2 'polypeptide(L)' GMDAIKKKMQMLKLDNYHLENEVARLKKLVGER A,B
#
# COMPACT_ATOMS: atom_id res chain seq x y z
N GLY A 1 -29.61 3.98 -21.95
CA GLY A 1 -28.75 3.12 -22.80
C GLY A 1 -29.51 2.57 -23.99
N CYS A 2 -28.96 2.77 -25.18
CA CYS A 2 -29.63 2.36 -26.40
C CYS A 2 -28.65 2.40 -27.57
N GLY A 3 -29.15 2.24 -28.79
CA GLY A 3 -28.30 2.25 -29.96
C GLY A 3 -27.77 3.65 -30.26
N LYS A 4 -26.71 4.01 -29.55
CA LYS A 4 -26.08 5.30 -29.73
C LYS A 4 -24.59 5.18 -29.38
N SER A 5 -24.33 5.08 -28.08
CA SER A 5 -22.98 4.90 -27.57
C SER A 5 -22.98 3.80 -26.54
N ILE A 6 -23.80 2.79 -26.78
CA ILE A 6 -23.98 1.69 -25.85
C ILE A 6 -22.76 0.77 -25.87
N ASP A 7 -22.06 0.75 -27.01
CA ASP A 7 -20.83 -0.03 -27.14
C ASP A 7 -19.82 0.40 -26.09
N ASP A 8 -19.63 1.71 -25.98
CA ASP A 8 -18.75 2.29 -24.97
C ASP A 8 -19.16 1.84 -23.57
N LEU A 9 -20.46 1.82 -23.35
CA LEU A 9 -21.02 1.41 -22.07
C LEU A 9 -20.74 -0.05 -21.77
N GLU A 10 -21.07 -0.93 -22.72
CA GLU A 10 -20.86 -2.36 -22.55
C GLU A 10 -19.38 -2.67 -22.38
N ASP A 11 -18.56 -2.03 -23.22
CA ASP A 11 -17.11 -2.17 -23.17
C ASP A 11 -16.60 -1.84 -21.78
N GLU A 12 -16.87 -0.61 -21.37
CA GLU A 12 -16.43 -0.12 -20.09
C GLU A 12 -16.96 -0.98 -18.95
N LEU A 13 -18.23 -1.37 -19.02
CA LEU A 13 -18.84 -2.16 -17.97
C LEU A 13 -18.07 -3.45 -17.72
N TYR A 14 -17.74 -4.16 -18.80
CA TYR A 14 -16.97 -5.38 -18.69
C TYR A 14 -15.52 -5.09 -18.31
N ALA A 15 -14.98 -4.00 -18.85
CA ALA A 15 -13.60 -3.62 -18.54
C ALA A 15 -13.44 -3.27 -17.07
N GLN A 16 -14.34 -2.43 -16.56
CA GLN A 16 -14.24 -1.94 -15.19
C GLN A 16 -14.51 -3.04 -14.18
N LYS A 17 -15.42 -3.97 -14.50
CA LYS A 17 -15.70 -5.08 -13.59
C LYS A 17 -14.49 -6.00 -13.49
N LEU A 18 -13.78 -6.17 -14.61
CA LEU A 18 -12.55 -6.95 -14.61
C LEU A 18 -11.48 -6.24 -13.80
N LYS A 19 -11.35 -4.93 -14.02
CA LYS A 19 -10.40 -4.11 -13.27
C LYS A 19 -10.68 -4.18 -11.78
N TYR A 20 -11.97 -4.13 -11.43
CA TYR A 20 -12.39 -4.20 -10.03
C TYR A 20 -11.90 -5.49 -9.37
N LYS A 21 -12.13 -6.61 -10.04
CA LYS A 21 -11.70 -7.89 -9.50
C LYS A 21 -10.18 -8.02 -9.55
N ALA A 22 -9.58 -7.50 -10.61
CA ALA A 22 -8.15 -7.59 -10.80
C ALA A 22 -7.41 -6.70 -9.81
N ILE A 23 -7.99 -5.55 -9.46
CA ILE A 23 -7.37 -4.63 -8.52
C ILE A 23 -7.48 -5.18 -7.09
N SER A 24 -8.59 -5.87 -6.80
CA SER A 24 -8.75 -6.53 -5.52
C SER A 24 -7.69 -7.62 -5.39
N GLU A 25 -7.55 -8.41 -6.46
CA GLU A 25 -6.51 -9.43 -6.53
C GLU A 25 -5.14 -8.78 -6.44
N GLU A 26 -5.03 -7.61 -7.05
CA GLU A 26 -3.78 -6.88 -7.08
C GLU A 26 -3.34 -6.49 -5.68
N LEU A 27 -4.14 -5.66 -5.00
CA LEU A 27 -3.77 -5.14 -3.69
C LEU A 27 -3.46 -6.29 -2.72
N ASP A 28 -4.20 -7.39 -2.85
CA ASP A 28 -3.99 -8.56 -2.01
C ASP A 28 -2.57 -9.10 -2.20
N HIS A 29 -2.23 -9.48 -3.42
CA HIS A 29 -0.93 -10.09 -3.68
C HIS A 29 0.18 -9.03 -3.65
N ALA A 30 -0.15 -7.81 -4.04
CA ALA A 30 0.83 -6.72 -4.12
C ALA A 30 1.50 -6.50 -2.78
N LEU A 31 0.70 -6.50 -1.73
CA LEU A 31 1.21 -6.30 -0.38
C LEU A 31 1.73 -7.62 0.20
N LYS A 32 1.11 -8.73 -0.21
CA LYS A 32 1.52 -10.05 0.26
C LYS A 32 2.89 -10.44 -0.28
N ASP A 33 3.18 -10.08 -1.53
CA ASP A 33 4.48 -10.33 -2.13
C ASP A 33 5.58 -9.69 -1.30
N MET A 34 5.30 -8.52 -0.78
CA MET A 34 6.30 -7.75 -0.05
C MET A 34 6.20 -8.00 1.44
N THR A 35 6.15 -9.27 1.82
CA THR A 35 6.22 -9.65 3.23
C THR A 35 7.56 -9.20 3.86
N SER A 36 8.44 -8.64 3.03
CA SER A 36 9.75 -8.20 3.49
C SER A 36 9.91 -6.67 3.34
N ILE A 37 8.81 -5.93 3.32
CA ILE A 37 8.90 -4.47 3.36
C ILE A 37 9.02 -4.00 4.81
N GLY B 1 -8.12 2.91 4.19
CA GLY B 1 -6.97 3.04 3.26
C GLY B 1 -6.43 1.69 2.85
N MET B 2 -5.18 1.43 3.17
CA MET B 2 -4.55 0.14 2.90
C MET B 2 -3.74 -0.30 4.10
N ASP B 3 -4.33 -1.18 4.90
CA ASP B 3 -3.78 -1.57 6.20
C ASP B 3 -2.37 -2.11 6.07
N ALA B 4 -2.18 -3.02 5.12
CA ALA B 4 -0.91 -3.72 4.95
C ALA B 4 0.28 -2.76 4.91
N ILE B 5 0.33 -1.90 3.91
CA ILE B 5 1.45 -0.98 3.76
C ILE B 5 1.51 0.02 4.91
N LYS B 6 0.37 0.56 5.32
CA LYS B 6 0.34 1.56 6.38
C LYS B 6 0.90 1.02 7.69
N LYS B 7 0.39 -0.11 8.13
CA LYS B 7 0.79 -0.70 9.40
C LYS B 7 2.21 -1.25 9.33
N LYS B 8 2.54 -1.89 8.22
CA LYS B 8 3.85 -2.49 8.08
C LYS B 8 4.91 -1.42 7.81
N MET B 9 4.51 -0.30 7.20
CA MET B 9 5.44 0.82 7.00
C MET B 9 5.76 1.44 8.34
N GLN B 10 4.83 1.34 9.29
CA GLN B 10 5.08 1.79 10.65
C GLN B 10 6.22 0.96 11.24
N MET B 11 6.13 -0.35 11.07
CA MET B 11 7.22 -1.25 11.44
C MET B 11 8.50 -0.85 10.68
N LEU B 12 8.33 -0.68 9.38
CA LEU B 12 9.41 -0.26 8.48
C LEU B 12 10.10 1.02 8.99
N LYS B 13 9.32 2.06 9.22
CA LYS B 13 9.86 3.35 9.65
C LYS B 13 10.66 3.23 10.94
N LEU B 14 10.20 2.42 11.87
CA LEU B 14 10.93 2.22 13.12
C LEU B 14 12.29 1.58 12.85
N ASP B 15 12.34 0.68 11.86
CA ASP B 15 13.61 0.09 11.45
C ASP B 15 14.48 1.14 10.76
N ASN B 16 13.87 1.91 9.87
CA ASN B 16 14.56 2.97 9.16
C ASN B 16 15.10 3.99 10.16
N TYR B 17 14.29 4.31 11.17
CA TYR B 17 14.68 5.28 12.20
C TYR B 17 15.93 4.84 12.94
N HIS B 18 15.98 3.59 13.40
CA HIS B 18 17.15 3.15 14.15
C HIS B 18 18.39 3.14 13.25
N LEU B 19 18.16 2.95 11.94
CA LEU B 19 19.24 3.02 10.96
C LEU B 19 19.74 4.45 10.80
N GLU B 20 18.84 5.35 10.44
CA GLU B 20 19.21 6.73 10.15
C GLU B 20 19.67 7.45 11.42
N ASN B 21 19.11 7.07 12.55
CA ASN B 21 19.50 7.65 13.83
C ASN B 21 20.91 7.21 14.18
N GLU B 22 21.20 5.94 13.96
CA GLU B 22 22.51 5.39 14.23
C GLU B 22 23.55 6.04 13.33
N VAL B 23 23.29 6.03 12.03
CA VAL B 23 24.25 6.55 11.06
C VAL B 23 24.49 8.05 11.27
N ALA B 24 23.45 8.79 11.66
CA ALA B 24 23.57 10.22 11.91
C ALA B 24 24.51 10.51 13.06
N ARG B 25 24.24 9.87 14.19
CA ARG B 25 25.07 10.04 15.38
C ARG B 25 26.46 9.48 15.13
N LEU B 26 26.51 8.40 14.39
CA LEU B 26 27.76 7.71 14.09
C LEU B 26 28.69 8.62 13.29
N LYS B 27 28.20 9.15 12.17
CA LYS B 27 29.05 9.96 11.30
C LYS B 27 29.39 11.29 11.95
N LYS B 28 28.53 11.75 12.85
CA LYS B 28 28.81 12.95 13.63
C LYS B 28 29.95 12.68 14.61
N LEU B 29 29.91 11.49 15.21
CA LEU B 29 30.93 11.08 16.18
C LEU B 29 32.25 10.78 15.49
N VAL B 30 32.21 10.13 14.35
CA VAL B 30 33.44 9.85 13.61
C VAL B 30 34.01 11.13 13.01
N GLY B 31 33.13 12.09 12.75
CA GLY B 31 33.54 13.37 12.21
C GLY B 31 34.19 14.26 13.26
N GLU B 32 33.78 14.10 14.52
CA GLU B 32 34.35 14.88 15.60
C GLU B 32 35.72 14.32 16.00
N ARG B 33 35.96 13.08 15.62
CA ARG B 33 37.24 12.43 15.87
C ARG B 33 38.24 12.81 14.79
N GLY C 1 -30.40 -5.79 -27.20
CA GLY C 1 -29.68 -5.10 -26.10
C GLY C 1 -30.55 -4.12 -25.34
N CYS C 2 -30.87 -3.00 -25.99
CA CYS C 2 -31.63 -1.94 -25.33
C CYS C 2 -33.10 -2.33 -25.20
N GLY C 3 -33.71 -1.92 -24.10
CA GLY C 3 -35.09 -2.25 -23.83
C GLY C 3 -35.28 -2.78 -22.43
N LYS C 4 -34.42 -3.72 -22.04
CA LYS C 4 -34.47 -4.30 -20.70
C LYS C 4 -33.08 -4.64 -20.19
N SER C 5 -32.32 -5.38 -21.02
CA SER C 5 -30.99 -5.85 -20.63
C SER C 5 -30.05 -4.69 -20.29
N ILE C 6 -30.07 -3.65 -21.12
CA ILE C 6 -29.19 -2.51 -20.94
C ILE C 6 -29.44 -1.79 -19.61
N ASP C 7 -30.69 -1.80 -19.16
CA ASP C 7 -31.04 -1.15 -17.90
C ASP C 7 -30.28 -1.78 -16.74
N ASP C 8 -30.23 -3.11 -16.72
CA ASP C 8 -29.46 -3.82 -15.71
C ASP C 8 -27.97 -3.53 -15.86
N LEU C 9 -27.54 -3.33 -17.11
CA LEU C 9 -26.16 -2.99 -17.40
C LEU C 9 -25.84 -1.59 -16.87
N GLU C 10 -26.71 -0.63 -17.15
CA GLU C 10 -26.51 0.74 -16.68
C GLU C 10 -26.59 0.82 -15.16
N ASP C 11 -27.52 0.05 -14.61
CA ASP C 11 -27.66 -0.10 -13.17
C ASP C 11 -26.33 -0.50 -12.55
N GLU C 12 -25.79 -1.58 -13.10
CA GLU C 12 -24.54 -2.14 -12.65
C GLU C 12 -23.37 -1.24 -12.99
N LEU C 13 -23.38 -0.68 -14.21
CA LEU C 13 -22.33 0.23 -14.66
C LEU C 13 -22.16 1.37 -13.67
N TYR C 14 -23.27 2.00 -13.33
CA TYR C 14 -23.27 3.09 -12.38
C TYR C 14 -22.70 2.65 -11.04
N ALA C 15 -23.16 1.50 -10.55
CA ALA C 15 -22.72 0.97 -9.27
C ALA C 15 -21.23 0.60 -9.30
N GLN C 16 -20.81 -0.16 -10.31
CA GLN C 16 -19.43 -0.61 -10.43
C GLN C 16 -18.47 0.56 -10.53
N LYS C 17 -18.84 1.58 -11.29
CA LYS C 17 -18.00 2.76 -11.48
C LYS C 17 -17.88 3.56 -10.20
N LEU C 18 -18.95 3.58 -9.40
CA LEU C 18 -18.92 4.24 -8.10
C LEU C 18 -17.98 3.50 -7.16
N LYS C 19 -18.07 2.17 -7.17
CA LYS C 19 -17.18 1.33 -6.38
C LYS C 19 -15.74 1.48 -6.87
N TYR C 20 -15.59 1.56 -8.18
CA TYR C 20 -14.28 1.76 -8.80
C TYR C 20 -13.69 3.09 -8.34
N LYS C 21 -14.53 4.13 -8.32
CA LYS C 21 -14.10 5.43 -7.84
C LYS C 21 -13.72 5.34 -6.37
N ALA C 22 -14.56 4.68 -5.58
CA ALA C 22 -14.34 4.54 -4.15
C ALA C 22 -13.04 3.81 -3.85
N ILE C 23 -12.86 2.63 -4.47
CA ILE C 23 -11.69 1.81 -4.21
C ILE C 23 -10.41 2.53 -4.66
N SER C 24 -10.47 3.19 -5.81
CA SER C 24 -9.29 3.89 -6.32
C SER C 24 -8.99 5.11 -5.47
N GLU C 25 -10.04 5.82 -5.05
CA GLU C 25 -9.88 7.00 -4.20
C GLU C 25 -9.32 6.60 -2.84
N GLU C 26 -9.82 5.48 -2.32
CA GLU C 26 -9.38 4.94 -1.05
C GLU C 26 -7.89 4.59 -1.09
N LEU C 27 -7.50 3.80 -2.09
CA LEU C 27 -6.11 3.36 -2.21
C LEU C 27 -5.20 4.50 -2.60
N ASP C 28 -5.71 5.43 -3.42
CA ASP C 28 -4.95 6.63 -3.78
C ASP C 28 -4.59 7.40 -2.53
N HIS C 29 -5.60 7.63 -1.69
CA HIS C 29 -5.40 8.36 -0.44
C HIS C 29 -4.48 7.57 0.50
N ALA C 30 -4.56 6.25 0.42
CA ALA C 30 -3.74 5.38 1.26
C ALA C 30 -2.26 5.62 1.03
N LEU C 31 -1.86 5.75 -0.24
CA LEU C 31 -0.47 6.03 -0.56
C LEU C 31 -0.19 7.52 -0.53
N LYS C 32 -1.23 8.31 -0.79
CA LYS C 32 -1.14 9.77 -0.76
C LYS C 32 -0.80 10.27 0.64
N ASP C 33 -1.28 9.51 1.62
CA ASP C 33 -1.12 9.83 3.04
C ASP C 33 0.31 10.21 3.38
N MET C 34 1.21 9.27 3.18
CA MET C 34 2.62 9.46 3.51
C MET C 34 3.38 9.97 2.31
N THR C 35 3.18 9.29 1.18
CA THR C 35 3.82 9.58 -0.11
C THR C 35 5.36 9.53 -0.07
N SER C 36 5.93 9.41 1.13
CA SER C 36 7.37 9.29 1.26
C SER C 36 7.72 8.19 2.26
N ILE C 37 7.59 6.94 1.83
CA ILE C 37 8.07 5.85 2.66
C ILE C 37 9.53 5.57 2.34
N GLY D 1 0.11 -3.51 -11.20
CA GLY D 1 0.41 -3.46 -9.75
C GLY D 1 0.09 -2.10 -9.16
N MET D 2 0.12 -1.99 -7.83
CA MET D 2 -0.05 -0.69 -7.19
C MET D 2 1.22 0.14 -7.36
N ASP D 3 1.27 0.86 -8.47
CA ASP D 3 2.47 1.58 -8.91
C ASP D 3 3.09 2.42 -7.78
N ALA D 4 2.24 3.07 -7.01
CA ALA D 4 2.66 3.97 -5.93
C ALA D 4 3.66 3.31 -4.98
N ILE D 5 3.18 2.37 -4.16
CA ILE D 5 4.03 1.77 -3.14
C ILE D 5 5.06 0.81 -3.76
N LYS D 6 4.71 0.18 -4.86
CA LYS D 6 5.63 -0.72 -5.56
C LYS D 6 6.95 0.01 -5.88
N LYS D 7 6.82 1.10 -6.62
CA LYS D 7 7.98 1.88 -7.03
C LYS D 7 8.57 2.65 -5.85
N LYS D 8 7.73 3.06 -4.92
CA LYS D 8 8.21 3.80 -3.77
C LYS D 8 9.00 2.90 -2.83
N MET D 9 8.61 1.63 -2.73
CA MET D 9 9.34 0.67 -1.92
C MET D 9 10.71 0.42 -2.51
N GLN D 10 10.77 0.36 -3.84
CA GLN D 10 12.04 0.23 -4.53
C GLN D 10 12.93 1.43 -4.20
N MET D 11 12.37 2.63 -4.36
CA MET D 11 13.06 3.87 -4.02
C MET D 11 13.46 3.87 -2.53
N LEU D 12 12.54 3.40 -1.70
CA LEU D 12 12.73 3.25 -0.27
C LEU D 12 14.01 2.45 0.02
N LYS D 13 14.01 1.19 -0.40
CA LYS D 13 15.10 0.30 -0.05
C LYS D 13 16.39 0.63 -0.80
N LEU D 14 16.28 1.25 -1.96
CA LEU D 14 17.48 1.73 -2.65
C LEU D 14 18.19 2.77 -1.79
N ASP D 15 17.40 3.67 -1.21
CA ASP D 15 17.95 4.71 -0.33
C ASP D 15 18.48 4.10 0.96
N ASN D 16 17.67 3.26 1.57
CA ASN D 16 18.05 2.65 2.85
C ASN D 16 19.21 1.67 2.67
N TYR D 17 19.32 1.06 1.50
CA TYR D 17 20.43 0.16 1.23
C TYR D 17 21.75 0.92 1.12
N HIS D 18 21.75 2.10 0.48
CA HIS D 18 22.98 2.88 0.43
C HIS D 18 23.28 3.44 1.82
N LEU D 19 22.24 3.59 2.62
CA LEU D 19 22.39 4.08 3.99
C LEU D 19 23.00 2.98 4.87
N GLU D 20 22.44 1.77 4.79
CA GLU D 20 22.95 0.65 5.58
C GLU D 20 24.35 0.27 5.11
N ASN D 21 24.60 0.41 3.82
CA ASN D 21 25.94 0.18 3.28
C ASN D 21 26.92 1.20 3.83
N GLU D 22 26.50 2.45 3.86
CA GLU D 22 27.33 3.51 4.41
C GLU D 22 27.58 3.27 5.89
N VAL D 23 26.51 3.10 6.66
CA VAL D 23 26.63 2.96 8.10
C VAL D 23 27.44 1.72 8.49
N ALA D 24 27.37 0.66 7.69
CA ALA D 24 28.12 -0.55 7.95
C ALA D 24 29.61 -0.31 7.76
N ARG D 25 29.97 0.32 6.66
CA ARG D 25 31.37 0.64 6.38
C ARG D 25 31.84 1.76 7.30
N LEU D 26 30.90 2.62 7.70
CA LEU D 26 31.18 3.71 8.61
C LEU D 26 31.47 3.18 10.02
N LYS D 27 30.62 2.28 10.52
CA LYS D 27 30.82 1.72 11.85
C LYS D 27 32.10 0.88 11.89
N LYS D 28 32.48 0.35 10.75
CA LYS D 28 33.76 -0.31 10.61
C LYS D 28 34.88 0.71 10.82
N LEU D 29 34.72 1.88 10.21
CA LEU D 29 35.68 2.98 10.37
C LEU D 29 35.70 3.46 11.81
N VAL D 30 34.57 3.35 12.49
CA VAL D 30 34.50 3.69 13.91
C VAL D 30 35.36 2.73 14.71
N GLY D 31 35.42 1.49 14.24
CA GLY D 31 36.32 0.52 14.85
C GLY D 31 37.76 0.80 14.49
N GLU D 32 37.97 1.46 13.35
CA GLU D 32 39.30 1.86 12.92
C GLU D 32 39.82 3.04 13.75
N ARG D 33 38.92 3.93 14.16
CA ARG D 33 39.30 5.14 14.88
C ARG D 33 38.29 5.48 15.97
N GLY A 1 -35.03 -0.65 -1.88
CA GLY A 1 -36.51 -0.84 -1.88
C GLY A 1 -36.95 -1.85 -2.92
N CYS A 2 -38.15 -2.38 -2.74
CA CYS A 2 -38.68 -3.37 -3.66
C CYS A 2 -39.63 -2.73 -4.67
N GLY A 3 -39.86 -3.42 -5.77
CA GLY A 3 -40.71 -2.89 -6.81
C GLY A 3 -39.92 -2.18 -7.89
N LYS A 4 -39.29 -2.98 -8.75
CA LYS A 4 -38.50 -2.46 -9.87
C LYS A 4 -37.24 -1.75 -9.38
N SER A 5 -36.24 -2.57 -9.05
CA SER A 5 -34.95 -2.09 -8.58
C SER A 5 -34.12 -3.28 -8.11
N ILE A 6 -34.80 -4.31 -7.62
CA ILE A 6 -34.17 -5.46 -7.02
C ILE A 6 -33.42 -6.32 -8.03
N ASP A 7 -33.99 -6.48 -9.22
CA ASP A 7 -33.35 -7.28 -10.27
C ASP A 7 -31.98 -6.69 -10.60
N ASP A 8 -31.96 -5.37 -10.78
CA ASP A 8 -30.73 -4.64 -11.06
C ASP A 8 -29.80 -4.68 -9.85
N LEU A 9 -30.37 -4.43 -8.68
CA LEU A 9 -29.60 -4.42 -7.43
C LEU A 9 -28.88 -5.76 -7.23
N GLU A 10 -29.63 -6.85 -7.32
CA GLU A 10 -29.07 -8.18 -7.12
C GLU A 10 -27.95 -8.46 -8.13
N ASP A 11 -28.18 -8.06 -9.37
CA ASP A 11 -27.20 -8.26 -10.43
C ASP A 11 -25.91 -7.52 -10.12
N GLU A 12 -26.04 -6.24 -9.85
CA GLU A 12 -24.92 -5.39 -9.50
C GLU A 12 -24.29 -5.83 -8.17
N LEU A 13 -25.12 -6.34 -7.27
CA LEU A 13 -24.67 -6.80 -5.96
C LEU A 13 -23.54 -7.81 -6.11
N TYR A 14 -23.80 -8.88 -6.85
CA TYR A 14 -22.81 -9.92 -7.04
C TYR A 14 -21.66 -9.42 -7.91
N ALA A 15 -21.97 -8.53 -8.84
CA ALA A 15 -20.95 -7.93 -9.70
C ALA A 15 -19.94 -7.12 -8.89
N GLN A 16 -20.45 -6.23 -8.04
CA GLN A 16 -19.59 -5.41 -7.19
C GLN A 16 -18.81 -6.30 -6.22
N LYS A 17 -19.51 -7.28 -5.66
CA LYS A 17 -18.90 -8.23 -4.74
C LYS A 17 -17.75 -8.97 -5.42
N LEU A 18 -17.95 -9.33 -6.68
CA LEU A 18 -16.95 -10.04 -7.45
C LEU A 18 -15.72 -9.16 -7.68
N LYS A 19 -15.94 -7.95 -8.20
CA LYS A 19 -14.84 -7.06 -8.52
C LYS A 19 -14.18 -6.51 -7.26
N TYR A 20 -14.95 -6.40 -6.18
CA TYR A 20 -14.40 -5.99 -4.88
C TYR A 20 -13.44 -7.07 -4.38
N LYS A 21 -13.82 -8.32 -4.58
CA LYS A 21 -12.95 -9.43 -4.24
C LYS A 21 -11.74 -9.43 -5.18
N ALA A 22 -11.99 -9.11 -6.45
CA ALA A 22 -10.94 -9.06 -7.46
C ALA A 22 -9.89 -7.99 -7.14
N ILE A 23 -10.35 -6.78 -6.83
CA ILE A 23 -9.43 -5.69 -6.50
C ILE A 23 -8.70 -6.00 -5.19
N SER A 24 -9.40 -6.65 -4.26
CA SER A 24 -8.79 -7.07 -3.02
C SER A 24 -7.72 -8.11 -3.29
N GLU A 25 -8.05 -9.11 -4.10
CA GLU A 25 -7.10 -10.14 -4.53
C GLU A 25 -5.83 -9.47 -5.07
N GLU A 26 -6.02 -8.46 -5.90
CA GLU A 26 -4.91 -7.73 -6.51
C GLU A 26 -4.09 -7.00 -5.44
N LEU A 27 -4.74 -6.13 -4.69
CA LEU A 27 -4.05 -5.28 -3.71
C LEU A 27 -3.48 -6.10 -2.55
N ASP A 28 -4.28 -7.01 -2.01
CA ASP A 28 -3.85 -7.86 -0.90
C ASP A 28 -2.61 -8.66 -1.27
N HIS A 29 -2.69 -9.38 -2.37
CA HIS A 29 -1.58 -10.22 -2.83
C HIS A 29 -0.35 -9.35 -3.11
N ALA A 30 -0.57 -8.19 -3.71
CA ALA A 30 0.53 -7.30 -4.09
C ALA A 30 1.30 -6.81 -2.87
N LEU A 31 0.59 -6.31 -1.87
CA LEU A 31 1.23 -5.73 -0.69
C LEU A 31 1.75 -6.81 0.25
N LYS A 32 1.23 -8.03 0.10
CA LYS A 32 1.75 -9.17 0.84
C LYS A 32 2.94 -9.79 0.11
N ASP A 33 3.06 -9.51 -1.18
CA ASP A 33 4.09 -10.11 -2.03
C ASP A 33 5.50 -9.95 -1.46
N MET A 34 5.94 -8.70 -1.34
CA MET A 34 7.33 -8.44 -0.95
C MET A 34 7.58 -8.80 0.51
N THR A 35 6.53 -8.78 1.31
CA THR A 35 6.59 -8.97 2.78
C THR A 35 7.55 -7.98 3.46
N SER A 36 8.83 -8.16 3.22
CA SER A 36 9.86 -7.32 3.80
C SER A 36 9.89 -5.96 3.11
N ILE A 37 8.99 -5.08 3.52
CA ILE A 37 9.00 -3.70 3.06
C ILE A 37 9.85 -2.85 4.00
N GLY B 1 -8.24 -0.12 4.63
CA GLY B 1 -8.35 -0.81 3.32
C GLY B 1 -7.00 -1.30 2.81
N MET B 2 -6.01 -0.42 2.78
CA MET B 2 -4.68 -0.77 2.29
C MET B 2 -3.77 -1.12 3.47
N ASP B 3 -4.39 -1.63 4.52
CA ASP B 3 -3.74 -1.86 5.80
C ASP B 3 -2.50 -2.75 5.68
N ALA B 4 -2.40 -3.51 4.59
CA ALA B 4 -1.23 -4.35 4.36
C ALA B 4 0.05 -3.52 4.40
N ILE B 5 0.14 -2.51 3.54
CA ILE B 5 1.32 -1.65 3.53
C ILE B 5 1.25 -0.65 4.65
N LYS B 6 0.06 -0.12 4.94
CA LYS B 6 -0.08 0.92 5.95
C LYS B 6 0.38 0.43 7.32
N LYS B 7 0.00 -0.79 7.67
CA LYS B 7 0.43 -1.41 8.92
C LYS B 7 1.93 -1.74 8.90
N LYS B 8 2.37 -2.37 7.80
CA LYS B 8 3.79 -2.69 7.67
C LYS B 8 4.62 -1.41 7.60
N MET B 9 4.04 -0.34 7.08
CA MET B 9 4.68 0.96 7.02
C MET B 9 5.01 1.46 8.42
N GLN B 10 4.04 1.34 9.33
CA GLN B 10 4.27 1.74 10.71
C GLN B 10 5.47 0.99 11.29
N MET B 11 5.51 -0.33 11.08
CA MET B 11 6.63 -1.13 11.54
C MET B 11 7.90 -0.77 10.77
N LEU B 12 7.73 -0.42 9.51
CA LEU B 12 8.83 0.02 8.66
C LEU B 12 9.46 1.28 9.21
N LYS B 13 8.64 2.24 9.59
CA LYS B 13 9.11 3.49 10.17
C LYS B 13 9.83 3.21 11.48
N LEU B 14 9.27 2.31 12.29
CA LEU B 14 9.94 1.87 13.51
C LEU B 14 11.29 1.26 13.19
N ASP B 15 11.34 0.50 12.11
CA ASP B 15 12.59 -0.14 11.67
C ASP B 15 13.60 0.90 11.21
N ASN B 16 13.17 1.80 10.34
CA ASN B 16 14.05 2.82 9.80
C ASN B 16 14.56 3.74 10.90
N TYR B 17 13.73 4.00 11.91
CA TYR B 17 14.14 4.86 13.00
C TYR B 17 14.96 4.11 14.06
N HIS B 18 14.75 2.81 14.22
CA HIS B 18 15.61 2.05 15.12
C HIS B 18 16.97 1.86 14.46
N LEU B 19 16.97 1.83 13.14
CA LEU B 19 18.22 1.78 12.38
C LEU B 19 18.90 3.15 12.40
N GLU B 20 18.07 4.19 12.32
CA GLU B 20 18.54 5.57 12.41
C GLU B 20 19.24 5.81 13.73
N ASN B 21 18.58 5.38 14.81
CA ASN B 21 19.13 5.53 16.15
C ASN B 21 20.31 4.59 16.34
N GLU B 22 20.24 3.42 15.70
CA GLU B 22 21.32 2.45 15.72
C GLU B 22 22.60 3.07 15.17
N VAL B 23 22.53 3.55 13.93
CA VAL B 23 23.69 4.13 13.27
C VAL B 23 24.14 5.40 13.99
N ALA B 24 23.17 6.11 14.59
CA ALA B 24 23.47 7.32 15.34
C ALA B 24 24.36 7.00 16.54
N ARG B 25 23.97 6.01 17.33
CA ARG B 25 24.76 5.60 18.47
C ARG B 25 26.09 5.01 18.00
N LEU B 26 26.03 4.23 16.95
CA LEU B 26 27.21 3.54 16.42
C LEU B 26 28.27 4.52 15.94
N LYS B 27 27.85 5.51 15.15
CA LYS B 27 28.78 6.51 14.63
C LYS B 27 29.30 7.39 15.77
N LYS B 28 28.47 7.58 16.79
CA LYS B 28 28.86 8.38 17.94
C LYS B 28 29.75 7.56 18.87
N LEU B 29 29.66 6.24 18.76
CA LEU B 29 30.47 5.35 19.58
C LEU B 29 31.89 5.28 19.05
N VAL B 30 32.02 5.32 17.74
CA VAL B 30 33.35 5.36 17.12
C VAL B 30 33.88 6.80 17.10
N GLY B 31 32.96 7.76 17.02
CA GLY B 31 33.32 9.16 17.10
C GLY B 31 33.64 9.59 18.53
N GLU B 32 33.16 8.79 19.48
CA GLU B 32 33.41 9.03 20.90
C GLU B 32 34.90 8.84 21.21
N ARG B 33 35.57 8.10 20.34
CA ARG B 33 36.95 7.72 20.55
C ARG B 33 37.90 8.75 19.96
N GLY C 1 -36.06 -3.02 2.68
CA GLY C 1 -35.69 -3.98 1.60
C GLY C 1 -36.91 -4.49 0.86
N CYS C 2 -37.38 -5.68 1.24
CA CYS C 2 -38.52 -6.30 0.56
C CYS C 2 -39.29 -7.19 1.52
N GLY C 3 -38.58 -7.87 2.41
CA GLY C 3 -39.21 -8.82 3.31
C GLY C 3 -38.21 -9.43 4.26
N LYS C 4 -37.26 -10.20 3.72
CA LYS C 4 -36.23 -10.80 4.54
C LYS C 4 -34.91 -10.95 3.78
N SER C 5 -34.89 -11.86 2.80
CA SER C 5 -33.67 -12.18 2.05
C SER C 5 -33.10 -10.94 1.37
N ILE C 6 -33.94 -10.24 0.61
CA ILE C 6 -33.52 -9.06 -0.14
C ILE C 6 -33.03 -7.96 0.79
N ASP C 7 -33.57 -7.90 2.00
CA ASP C 7 -33.19 -6.86 2.95
C ASP C 7 -31.72 -6.96 3.33
N ASP C 8 -31.26 -8.18 3.60
CA ASP C 8 -29.84 -8.40 3.89
C ASP C 8 -29.01 -8.16 2.65
N LEU C 9 -29.52 -8.59 1.51
CA LEU C 9 -28.86 -8.39 0.23
C LEU C 9 -28.67 -6.91 -0.06
N GLU C 10 -29.75 -6.15 0.03
CA GLU C 10 -29.73 -4.72 -0.22
C GLU C 10 -28.84 -4.00 0.79
N ASP C 11 -28.91 -4.46 2.03
CA ASP C 11 -28.09 -3.92 3.11
C ASP C 11 -26.62 -4.10 2.79
N GLU C 12 -26.27 -5.34 2.47
CA GLU C 12 -24.91 -5.69 2.12
C GLU C 12 -24.47 -4.96 0.85
N LEU C 13 -25.38 -4.81 -0.10
CA LEU C 13 -25.10 -4.06 -1.33
C LEU C 13 -24.63 -2.66 -0.97
N TYR C 14 -25.39 -1.99 -0.12
CA TYR C 14 -25.05 -0.64 0.33
C TYR C 14 -23.69 -0.65 1.03
N ALA C 15 -23.49 -1.64 1.89
CA ALA C 15 -22.25 -1.75 2.65
C ALA C 15 -21.05 -1.96 1.72
N GLN C 16 -21.15 -2.95 0.82
CA GLN C 16 -20.05 -3.26 -0.07
C GLN C 16 -19.84 -2.14 -1.09
N LYS C 17 -20.90 -1.44 -1.45
CA LYS C 17 -20.80 -0.28 -2.33
C LYS C 17 -19.97 0.80 -1.66
N LEU C 18 -20.26 1.05 -0.39
CA LEU C 18 -19.49 2.00 0.40
C LEU C 18 -18.05 1.53 0.56
N LYS C 19 -17.87 0.23 0.81
CA LYS C 19 -16.54 -0.35 0.94
C LYS C 19 -15.73 -0.17 -0.34
N TYR C 20 -16.37 -0.45 -1.46
CA TYR C 20 -15.73 -0.32 -2.76
C TYR C 20 -15.20 1.10 -2.97
N LYS C 21 -16.04 2.09 -2.70
CA LYS C 21 -15.63 3.48 -2.87
C LYS C 21 -14.62 3.86 -1.80
N ALA C 22 -14.82 3.35 -0.58
CA ALA C 22 -13.94 3.67 0.53
C ALA C 22 -12.54 3.15 0.29
N ILE C 23 -12.42 1.90 -0.13
CA ILE C 23 -11.12 1.28 -0.35
C ILE C 23 -10.42 1.97 -1.53
N SER C 24 -11.19 2.33 -2.55
CA SER C 24 -10.63 3.04 -3.71
C SER C 24 -10.10 4.42 -3.29
N GLU C 25 -10.95 5.16 -2.58
CA GLU C 25 -10.59 6.49 -2.11
C GLU C 25 -9.41 6.41 -1.16
N GLU C 26 -9.44 5.42 -0.27
CA GLU C 26 -8.39 5.25 0.72
C GLU C 26 -7.06 4.91 0.06
N LEU C 27 -7.07 3.98 -0.89
CA LEU C 27 -5.82 3.51 -1.48
C LEU C 27 -5.08 4.66 -2.17
N ASP C 28 -5.81 5.50 -2.90
CA ASP C 28 -5.18 6.64 -3.56
C ASP C 28 -4.70 7.65 -2.52
N HIS C 29 -5.57 7.93 -1.55
CA HIS C 29 -5.30 8.93 -0.52
C HIS C 29 -4.15 8.50 0.37
N ALA C 30 -4.25 7.28 0.89
CA ALA C 30 -3.28 6.76 1.86
C ALA C 30 -1.89 6.63 1.26
N LEU C 31 -1.82 6.29 -0.03
CA LEU C 31 -0.54 6.20 -0.70
C LEU C 31 0.01 7.59 -1.01
N LYS C 32 -0.88 8.55 -1.20
CA LYS C 32 -0.48 9.93 -1.47
C LYS C 32 0.03 10.59 -0.19
N ASP C 33 -0.58 10.24 0.94
CA ASP C 33 -0.13 10.72 2.24
C ASP C 33 1.32 10.34 2.46
N MET C 34 1.58 9.07 2.26
CA MET C 34 2.87 8.49 2.55
C MET C 34 3.88 8.71 1.43
N THR C 35 3.88 9.90 0.87
CA THR C 35 4.86 10.25 -0.15
C THR C 35 6.28 10.14 0.41
N SER C 36 6.39 10.01 1.72
CA SER C 36 7.67 9.94 2.40
C SER C 36 8.17 8.49 2.53
N ILE C 37 7.55 7.55 1.82
CA ILE C 37 8.06 6.18 1.79
C ILE C 37 9.18 6.07 0.75
N GLY D 1 -2.75 -2.81 -10.14
CA GLY D 1 -1.74 -2.95 -9.05
C GLY D 1 -1.51 -1.66 -8.32
N MET D 2 -0.56 -1.65 -7.38
CA MET D 2 -0.21 -0.45 -6.66
C MET D 2 1.24 -0.11 -6.89
N ASP D 3 1.50 0.67 -7.93
CA ASP D 3 2.85 1.01 -8.31
C ASP D 3 3.42 2.08 -7.38
N ALA D 4 2.53 2.85 -6.76
CA ALA D 4 2.94 3.90 -5.83
C ALA D 4 3.88 3.36 -4.76
N ILE D 5 3.38 2.46 -3.92
CA ILE D 5 4.21 1.86 -2.90
C ILE D 5 5.34 1.06 -3.53
N LYS D 6 5.05 0.24 -4.53
CA LYS D 6 6.06 -0.66 -5.08
C LYS D 6 7.27 0.06 -5.66
N LYS D 7 7.05 1.10 -6.44
CA LYS D 7 8.15 1.83 -7.05
C LYS D 7 8.93 2.63 -6.00
N LYS D 8 8.20 3.29 -5.11
CA LYS D 8 8.83 4.14 -4.10
C LYS D 8 9.50 3.29 -3.03
N MET D 9 8.91 2.14 -2.73
CA MET D 9 9.52 1.18 -1.78
C MET D 9 10.81 0.63 -2.35
N GLN D 10 10.86 0.46 -3.67
CA GLN D 10 12.08 0.01 -4.31
C GLN D 10 13.19 1.03 -4.08
N MET D 11 12.86 2.30 -4.30
CA MET D 11 13.80 3.38 -3.99
C MET D 11 14.11 3.41 -2.50
N LEU D 12 13.07 3.21 -1.69
CA LEU D 12 13.18 3.11 -0.24
C LEU D 12 14.20 2.05 0.15
N LYS D 13 14.09 0.86 -0.44
CA LYS D 13 14.97 -0.25 -0.11
C LYS D 13 16.40 0.04 -0.55
N LEU D 14 16.56 0.77 -1.63
CA LEU D 14 17.89 1.17 -2.07
C LEU D 14 18.52 2.12 -1.04
N ASP D 15 17.71 3.02 -0.51
CA ASP D 15 18.16 3.95 0.51
C ASP D 15 18.40 3.19 1.82
N ASN D 16 17.47 2.32 2.16
CA ASN D 16 17.58 1.48 3.35
C ASN D 16 18.81 0.60 3.27
N TYR D 17 19.08 0.06 2.09
CA TYR D 17 20.19 -0.86 1.90
C TYR D 17 21.53 -0.15 2.10
N HIS D 18 21.70 1.04 1.53
CA HIS D 18 22.98 1.74 1.68
C HIS D 18 23.18 2.16 3.13
N LEU D 19 22.07 2.38 3.83
CA LEU D 19 22.12 2.66 5.26
C LEU D 19 22.54 1.41 6.03
N GLU D 20 21.82 0.32 5.79
CA GLU D 20 22.09 -0.96 6.45
C GLU D 20 23.51 -1.42 6.15
N ASN D 21 23.92 -1.24 4.89
CA ASN D 21 25.28 -1.55 4.46
C ASN D 21 26.30 -0.78 5.28
N GLU D 22 26.06 0.52 5.43
CA GLU D 22 26.94 1.38 6.20
C GLU D 22 26.97 0.93 7.66
N VAL D 23 25.79 0.64 8.21
CA VAL D 23 25.68 0.17 9.58
C VAL D 23 26.45 -1.14 9.78
N ALA D 24 26.22 -2.10 8.89
CA ALA D 24 26.87 -3.40 8.96
C ALA D 24 28.40 -3.25 8.90
N ARG D 25 28.87 -2.43 7.98
CA ARG D 25 30.30 -2.18 7.84
C ARG D 25 30.86 -1.50 9.10
N LEU D 26 30.10 -0.56 9.64
CA LEU D 26 30.53 0.17 10.82
C LEU D 26 30.45 -0.71 12.07
N LYS D 27 29.43 -1.58 12.13
CA LYS D 27 29.30 -2.52 13.24
C LYS D 27 30.55 -3.38 13.37
N LYS D 28 30.98 -3.97 12.26
CA LYS D 28 32.15 -4.82 12.26
C LYS D 28 33.43 -4.01 12.50
N LEU D 29 33.42 -2.76 12.05
CA LEU D 29 34.56 -1.86 12.25
C LEU D 29 34.72 -1.51 13.72
N VAL D 30 33.61 -1.15 14.36
CA VAL D 30 33.62 -0.81 15.77
C VAL D 30 33.86 -2.06 16.63
N GLY D 31 33.33 -3.20 16.18
CA GLY D 31 33.55 -4.46 16.89
C GLY D 31 35.00 -4.91 16.81
N GLU D 32 35.65 -4.58 15.70
CA GLU D 32 37.06 -4.89 15.48
C GLU D 32 37.94 -4.21 16.53
N ARG D 33 37.64 -2.96 16.81
CA ARG D 33 38.49 -2.14 17.64
C ARG D 33 37.94 -2.05 19.05
N GLY A 1 -28.91 -4.16 -25.50
CA GLY A 1 -29.81 -3.33 -24.67
C GLY A 1 -30.98 -2.77 -25.45
N CYS A 2 -30.73 -1.68 -26.17
CA CYS A 2 -31.78 -1.00 -26.93
C CYS A 2 -31.18 -0.13 -28.03
N GLY A 3 -29.89 0.16 -27.92
CA GLY A 3 -29.22 0.99 -28.90
C GLY A 3 -28.33 2.04 -28.26
N LYS A 4 -28.82 2.64 -27.19
CA LYS A 4 -28.10 3.72 -26.52
C LYS A 4 -28.16 3.55 -25.01
N SER A 5 -27.11 4.02 -24.33
CA SER A 5 -27.03 4.00 -22.87
C SER A 5 -26.90 2.57 -22.33
N ILE A 6 -28.00 1.82 -22.39
CA ILE A 6 -28.05 0.48 -21.82
C ILE A 6 -26.97 -0.42 -22.39
N ASP A 7 -26.80 -0.39 -23.71
CA ASP A 7 -25.81 -1.24 -24.36
C ASP A 7 -24.41 -0.92 -23.89
N ASP A 8 -24.12 0.36 -23.78
CA ASP A 8 -22.84 0.82 -23.26
C ASP A 8 -22.71 0.41 -21.80
N LEU A 9 -23.82 0.44 -21.09
CA LEU A 9 -23.86 0.07 -19.68
C LEU A 9 -23.68 -1.43 -19.48
N GLU A 10 -24.23 -2.22 -20.39
CA GLU A 10 -24.05 -3.68 -20.34
C GLU A 10 -22.57 -4.03 -20.45
N ASP A 11 -21.91 -3.37 -21.38
CA ASP A 11 -20.47 -3.52 -21.57
C ASP A 11 -19.73 -3.03 -20.33
N GLU A 12 -20.09 -1.82 -19.93
CA GLU A 12 -19.52 -1.16 -18.76
C GLU A 12 -19.67 -2.01 -17.51
N LEU A 13 -20.89 -2.48 -17.26
CA LEU A 13 -21.18 -3.26 -16.06
C LEU A 13 -20.30 -4.50 -16.00
N TYR A 14 -20.23 -5.23 -17.11
CA TYR A 14 -19.36 -6.40 -17.18
C TYR A 14 -17.91 -6.02 -16.91
N ALA A 15 -17.44 -4.99 -17.63
CA ALA A 15 -16.05 -4.55 -17.53
C ALA A 15 -15.71 -4.09 -16.12
N GLN A 16 -16.50 -3.15 -15.59
CA GLN A 16 -16.26 -2.60 -14.26
C GLN A 16 -16.28 -3.68 -13.19
N LYS A 17 -17.24 -4.59 -13.28
CA LYS A 17 -17.35 -5.69 -12.33
C LYS A 17 -16.10 -6.55 -12.35
N LEU A 18 -15.67 -6.90 -13.56
CA LEU A 18 -14.51 -7.76 -13.75
C LEU A 18 -13.26 -7.07 -13.21
N LYS A 19 -13.03 -5.82 -13.62
CA LYS A 19 -11.83 -5.11 -13.23
C LYS A 19 -11.86 -4.71 -11.76
N TYR A 20 -13.05 -4.66 -11.17
CA TYR A 20 -13.18 -4.40 -9.74
C TYR A 20 -12.60 -5.58 -8.95
N LYS A 21 -12.94 -6.78 -9.37
CA LYS A 21 -12.36 -7.97 -8.75
C LYS A 21 -10.89 -8.08 -9.13
N ALA A 22 -10.58 -7.76 -10.39
CA ALA A 22 -9.21 -7.81 -10.89
C ALA A 22 -8.29 -6.92 -10.07
N ILE A 23 -8.70 -5.67 -9.84
CA ILE A 23 -7.88 -4.75 -9.05
C ILE A 23 -7.76 -5.26 -7.61
N SER A 24 -8.85 -5.77 -7.06
CA SER A 24 -8.85 -6.30 -5.70
C SER A 24 -7.85 -7.45 -5.58
N GLU A 25 -7.90 -8.37 -6.53
CA GLU A 25 -6.96 -9.48 -6.59
C GLU A 25 -5.52 -8.97 -6.74
N GLU A 26 -5.38 -7.92 -7.56
CA GLU A 26 -4.07 -7.31 -7.80
C GLU A 26 -3.52 -6.63 -6.55
N LEU A 27 -4.40 -6.05 -5.74
CA LEU A 27 -3.97 -5.37 -4.53
C LEU A 27 -3.46 -6.36 -3.49
N ASP A 28 -4.15 -7.49 -3.35
CA ASP A 28 -3.70 -8.55 -2.45
C ASP A 28 -2.32 -8.99 -2.86
N HIS A 29 -2.17 -9.19 -4.17
CA HIS A 29 -0.89 -9.52 -4.79
C HIS A 29 0.17 -8.51 -4.35
N ALA A 30 -0.12 -7.23 -4.57
CA ALA A 30 0.83 -6.15 -4.32
C ALA A 30 1.44 -6.19 -2.91
N LEU A 31 0.60 -6.26 -1.90
CA LEU A 31 1.08 -6.22 -0.52
C LEU A 31 1.72 -7.54 -0.12
N LYS A 32 1.14 -8.64 -0.59
CA LYS A 32 1.63 -9.97 -0.25
C LYS A 32 3.00 -10.24 -0.89
N ASP A 33 3.33 -9.48 -1.94
CA ASP A 33 4.62 -9.60 -2.62
C ASP A 33 5.79 -9.33 -1.68
N MET A 34 5.56 -8.50 -0.67
CA MET A 34 6.65 -8.08 0.19
C MET A 34 6.54 -8.69 1.58
N THR A 35 5.68 -8.13 2.41
CA THR A 35 5.60 -8.52 3.81
C THR A 35 6.88 -8.13 4.55
N SER A 36 7.82 -7.53 3.83
CA SER A 36 9.10 -7.14 4.39
C SER A 36 9.65 -5.93 3.63
N ILE A 37 8.89 -4.84 3.67
CA ILE A 37 9.38 -3.57 3.17
C ILE A 37 10.19 -2.89 4.26
N GLY B 1 -8.77 0.64 3.76
CA GLY B 1 -7.44 0.99 3.20
C GLY B 1 -6.47 -0.16 3.30
N MET B 2 -5.25 0.04 2.82
CA MET B 2 -4.24 -1.01 2.81
C MET B 2 -3.40 -0.92 4.07
N ASP B 3 -3.94 -1.50 5.15
CA ASP B 3 -3.27 -1.47 6.45
C ASP B 3 -2.01 -2.32 6.40
N ALA B 4 -1.92 -3.21 5.42
CA ALA B 4 -0.72 -4.01 5.21
C ALA B 4 0.50 -3.11 5.06
N ILE B 5 0.52 -2.31 4.00
CA ILE B 5 1.61 -1.35 3.81
C ILE B 5 1.61 -0.31 4.92
N LYS B 6 0.42 0.11 5.35
CA LYS B 6 0.29 1.16 6.35
C LYS B 6 1.03 0.83 7.65
N LYS B 7 0.74 -0.35 8.20
CA LYS B 7 1.35 -0.72 9.47
C LYS B 7 2.79 -1.19 9.29
N LYS B 8 3.08 -1.78 8.13
CA LYS B 8 4.46 -2.13 7.81
C LYS B 8 5.30 -0.89 7.67
N MET B 9 4.71 0.17 7.12
CA MET B 9 5.36 1.46 7.01
C MET B 9 5.65 2.02 8.41
N GLN B 10 4.70 1.81 9.32
CA GLN B 10 4.87 2.24 10.71
C GLN B 10 6.12 1.61 11.30
N MET B 11 6.22 0.29 11.18
CA MET B 11 7.40 -0.44 11.67
C MET B 11 8.64 -0.04 10.87
N LEU B 12 8.45 0.14 9.57
CA LEU B 12 9.53 0.53 8.67
C LEU B 12 10.15 1.85 9.12
N LYS B 13 9.33 2.87 9.30
CA LYS B 13 9.82 4.18 9.71
C LYS B 13 10.42 4.12 11.12
N LEU B 14 9.84 3.29 11.98
CA LEU B 14 10.42 3.05 13.29
C LEU B 14 11.85 2.55 13.16
N ASP B 15 12.06 1.59 12.27
CA ASP B 15 13.37 1.02 12.02
C ASP B 15 14.29 2.05 11.38
N ASN B 16 13.73 2.87 10.50
CA ASN B 16 14.50 3.91 9.83
C ASN B 16 15.02 4.94 10.82
N TYR B 17 14.14 5.46 11.68
CA TYR B 17 14.55 6.37 12.75
C TYR B 17 15.51 5.67 13.69
N HIS B 18 15.22 4.40 13.94
CA HIS B 18 16.06 3.55 14.78
C HIS B 18 17.49 3.49 14.24
N LEU B 19 17.62 3.13 12.98
CA LEU B 19 18.92 3.05 12.33
C LEU B 19 19.58 4.42 12.24
N GLU B 20 18.91 5.37 11.60
CA GLU B 20 19.44 6.70 11.35
C GLU B 20 20.03 7.31 12.63
N ASN B 21 19.25 7.29 13.70
CA ASN B 21 19.67 7.90 14.96
C ASN B 21 20.83 7.12 15.60
N GLU B 22 20.72 5.81 15.65
CA GLU B 22 21.74 4.98 16.28
C GLU B 22 23.06 5.07 15.50
N VAL B 23 22.96 5.05 14.18
CA VAL B 23 24.12 5.16 13.31
C VAL B 23 24.75 6.54 13.45
N ALA B 24 23.91 7.56 13.65
CA ALA B 24 24.38 8.92 13.85
C ALA B 24 25.25 8.99 15.09
N ARG B 25 24.87 8.24 16.12
CA ARG B 25 25.62 8.18 17.36
C ARG B 25 26.95 7.45 17.14
N LEU B 26 26.93 6.45 16.27
CA LEU B 26 28.13 5.68 15.95
C LEU B 26 29.15 6.54 15.23
N LYS B 27 28.70 7.26 14.20
CA LYS B 27 29.58 8.14 13.46
C LYS B 27 29.90 9.39 14.26
N LYS B 28 29.09 9.67 15.27
CA LYS B 28 29.39 10.71 16.24
C LYS B 28 30.54 10.27 17.15
N LEU B 29 30.53 9.00 17.53
CA LEU B 29 31.57 8.45 18.40
C LEU B 29 32.95 8.60 17.77
N VAL B 30 33.08 8.14 16.53
CA VAL B 30 34.35 8.21 15.81
C VAL B 30 34.57 9.63 15.26
N GLY B 31 33.48 10.36 15.04
CA GLY B 31 33.55 11.70 14.48
C GLY B 31 33.85 12.76 15.52
N GLU B 32 33.65 12.43 16.78
CA GLU B 32 33.88 13.35 17.88
C GLU B 32 35.37 13.64 18.03
N ARG B 33 36.19 12.76 17.44
CA ARG B 33 37.64 12.90 17.50
C ARG B 33 38.09 14.04 16.59
N GLY C 1 -34.29 -7.53 -23.18
CA GLY C 1 -33.15 -6.59 -23.06
C GLY C 1 -33.33 -5.61 -21.91
N CYS C 2 -34.20 -4.63 -22.11
CA CYS C 2 -34.43 -3.60 -21.09
C CYS C 2 -35.67 -3.91 -20.27
N GLY C 3 -35.71 -3.37 -19.05
CA GLY C 3 -36.88 -3.51 -18.22
C GLY C 3 -36.61 -4.23 -16.91
N LYS C 4 -36.93 -5.51 -16.88
CA LYS C 4 -36.94 -6.28 -15.64
C LYS C 4 -35.51 -6.56 -15.17
N SER C 5 -34.69 -7.10 -16.06
CA SER C 5 -33.30 -7.38 -15.74
C SER C 5 -32.53 -6.08 -15.52
N ILE C 6 -32.92 -5.06 -16.27
CA ILE C 6 -32.26 -3.76 -16.22
C ILE C 6 -32.41 -3.09 -14.86
N ASP C 7 -33.56 -3.29 -14.22
CA ASP C 7 -33.77 -2.75 -12.88
C ASP C 7 -32.68 -3.23 -11.92
N ASP C 8 -32.43 -4.53 -11.95
CA ASP C 8 -31.42 -5.13 -11.10
C ASP C 8 -30.03 -4.68 -11.53
N LEU C 9 -29.80 -4.71 -12.84
CA LEU C 9 -28.51 -4.34 -13.41
C LEU C 9 -28.16 -2.88 -13.12
N GLU C 10 -29.12 -1.98 -13.30
CA GLU C 10 -28.87 -0.56 -13.06
C GLU C 10 -28.59 -0.32 -11.58
N ASP C 11 -29.31 -1.04 -10.74
CA ASP C 11 -29.14 -0.92 -9.29
C ASP C 11 -27.71 -1.28 -8.90
N GLU C 12 -27.26 -2.44 -9.37
CA GLU C 12 -25.93 -2.91 -9.02
C GLU C 12 -24.86 -2.11 -9.76
N LEU C 13 -25.17 -1.65 -10.97
CA LEU C 13 -24.23 -0.85 -11.75
C LEU C 13 -23.87 0.40 -10.97
N TYR C 14 -24.88 1.04 -10.40
CA TYR C 14 -24.68 2.20 -9.55
C TYR C 14 -23.85 1.81 -8.33
N ALA C 15 -24.18 0.67 -7.75
CA ALA C 15 -23.51 0.18 -6.55
C ALA C 15 -22.03 -0.12 -6.81
N GLN C 16 -21.75 -0.91 -7.84
CA GLN C 16 -20.37 -1.30 -8.14
C GLN C 16 -19.54 -0.10 -8.58
N LYS C 17 -20.18 0.87 -9.23
CA LYS C 17 -19.48 2.08 -9.62
C LYS C 17 -19.19 2.93 -8.39
N LEU C 18 -20.12 2.92 -7.45
CA LEU C 18 -19.94 3.61 -6.19
C LEU C 18 -18.84 2.93 -5.38
N LYS C 19 -18.79 1.61 -5.47
CA LYS C 19 -17.74 0.83 -4.83
C LYS C 19 -16.39 1.12 -5.48
N TYR C 20 -16.38 1.24 -6.81
CA TYR C 20 -15.17 1.60 -7.53
C TYR C 20 -14.73 3.01 -7.15
N LYS C 21 -15.70 3.90 -7.01
CA LYS C 21 -15.43 5.24 -6.51
C LYS C 21 -14.80 5.18 -5.13
N ALA C 22 -15.41 4.39 -4.26
CA ALA C 22 -14.97 4.25 -2.88
C ALA C 22 -13.56 3.67 -2.81
N ILE C 23 -13.28 2.63 -3.60
CA ILE C 23 -11.97 1.99 -3.58
C ILE C 23 -10.91 2.90 -4.21
N SER C 24 -11.29 3.65 -5.23
CA SER C 24 -10.37 4.58 -5.88
C SER C 24 -10.08 5.75 -4.95
N GLU C 25 -11.09 6.15 -4.20
CA GLU C 25 -10.94 7.19 -3.19
C GLU C 25 -10.01 6.71 -2.07
N GLU C 26 -10.29 5.51 -1.60
CA GLU C 26 -9.53 4.90 -0.52
C GLU C 26 -8.05 4.78 -0.89
N LEU C 27 -7.77 4.06 -1.99
CA LEU C 27 -6.40 3.75 -2.38
C LEU C 27 -5.61 5.02 -2.70
N ASP C 28 -6.19 5.93 -3.49
CA ASP C 28 -5.48 7.16 -3.88
C ASP C 28 -5.06 7.93 -2.63
N HIS C 29 -6.01 8.15 -1.74
CA HIS C 29 -5.75 8.91 -0.53
C HIS C 29 -4.77 8.16 0.38
N ALA C 30 -4.93 6.85 0.47
CA ALA C 30 -4.14 6.04 1.40
C ALA C 30 -2.69 5.94 0.96
N LEU C 31 -2.46 5.85 -0.34
CA LEU C 31 -1.11 5.68 -0.86
C LEU C 31 -0.41 7.03 -1.02
N LYS C 32 -1.21 8.08 -1.17
CA LYS C 32 -0.70 9.44 -1.26
C LYS C 32 -0.49 10.01 0.13
N ASP C 33 -1.16 9.38 1.09
CA ASP C 33 -1.22 9.84 2.47
C ASP C 33 0.15 10.04 3.09
N MET C 34 1.05 9.08 2.91
CA MET C 34 2.34 9.13 3.59
C MET C 34 3.39 9.86 2.76
N THR C 35 3.62 9.39 1.53
CA THR C 35 4.67 9.90 0.64
C THR C 35 6.07 9.54 1.15
N SER C 36 6.24 9.46 2.45
CA SER C 36 7.53 9.15 3.05
C SER C 36 7.72 7.64 3.21
N ILE C 37 8.12 7.00 2.13
CA ILE C 37 8.47 5.59 2.12
C ILE C 37 8.95 5.21 0.73
N GLY D 1 -0.64 -2.86 -11.07
CA GLY D 1 -0.24 -2.90 -9.64
C GLY D 1 -0.38 -1.55 -8.98
N MET D 2 -0.20 -1.51 -7.66
CA MET D 2 -0.23 -0.25 -6.94
C MET D 2 1.16 0.38 -6.97
N ASP D 3 1.40 1.19 -8.00
CA ASP D 3 2.72 1.73 -8.27
C ASP D 3 3.24 2.60 -7.11
N ALA D 4 2.31 3.16 -6.33
CA ALA D 4 2.70 3.99 -5.19
C ALA D 4 3.63 3.24 -4.24
N ILE D 5 3.10 2.23 -3.55
CA ILE D 5 3.91 1.48 -2.60
C ILE D 5 4.92 0.58 -3.30
N LYS D 6 4.53 -0.01 -4.41
CA LYS D 6 5.39 -1.01 -5.05
C LYS D 6 6.63 -0.37 -5.69
N LYS D 7 6.45 0.71 -6.43
CA LYS D 7 7.58 1.38 -7.06
C LYS D 7 8.46 2.03 -6.00
N LYS D 8 7.83 2.72 -5.05
CA LYS D 8 8.60 3.35 -3.98
C LYS D 8 9.26 2.30 -3.10
N MET D 9 8.60 1.14 -2.94
CA MET D 9 9.19 0.01 -2.22
C MET D 9 10.57 -0.34 -2.78
N GLN D 10 10.65 -0.44 -4.10
CA GLN D 10 11.90 -0.74 -4.76
C GLN D 10 12.94 0.33 -4.43
N MET D 11 12.57 1.60 -4.61
CA MET D 11 13.46 2.72 -4.29
C MET D 11 13.83 2.69 -2.80
N LEU D 12 12.82 2.50 -1.98
CA LEU D 12 12.95 2.43 -0.53
C LEU D 12 14.03 1.43 -0.12
N LYS D 13 13.87 0.18 -0.51
CA LYS D 13 14.76 -0.87 -0.07
C LYS D 13 16.15 -0.70 -0.67
N LEU D 14 16.24 -0.09 -1.85
CA LEU D 14 17.53 0.23 -2.44
C LEU D 14 18.23 1.31 -1.61
N ASP D 15 17.45 2.30 -1.18
CA ASP D 15 17.97 3.36 -0.33
C ASP D 15 18.42 2.79 1.01
N ASN D 16 17.55 2.03 1.64
CA ASN D 16 17.87 1.41 2.93
C ASN D 16 19.04 0.44 2.78
N TYR D 17 19.13 -0.19 1.61
CA TYR D 17 20.20 -1.14 1.32
C TYR D 17 21.57 -0.43 1.35
N HIS D 18 21.67 0.70 0.66
CA HIS D 18 22.97 1.40 0.60
C HIS D 18 23.25 2.07 1.93
N LEU D 19 22.21 2.36 2.69
CA LEU D 19 22.36 2.90 4.03
C LEU D 19 22.99 1.85 4.94
N GLU D 20 22.45 0.64 4.91
CA GLU D 20 23.00 -0.46 5.69
C GLU D 20 24.42 -0.76 5.24
N ASN D 21 24.66 -0.62 3.95
CA ASN D 21 26.01 -0.78 3.39
C ASN D 21 26.94 0.25 4.03
N GLU D 22 26.50 1.50 4.07
CA GLU D 22 27.25 2.58 4.71
C GLU D 22 27.53 2.26 6.17
N VAL D 23 26.49 1.93 6.91
CA VAL D 23 26.61 1.71 8.36
C VAL D 23 27.46 0.47 8.65
N ALA D 24 27.47 -0.49 7.72
CA ALA D 24 28.29 -1.67 7.84
C ALA D 24 29.76 -1.30 7.73
N ARG D 25 30.06 -0.40 6.80
CA ARG D 25 31.43 0.07 6.61
C ARG D 25 31.83 0.94 7.79
N LEU D 26 30.87 1.72 8.28
CA LEU D 26 31.08 2.61 9.41
C LEU D 26 31.44 1.81 10.67
N LYS D 27 30.61 0.84 11.03
CA LYS D 27 30.85 0.05 12.23
C LYS D 27 32.16 -0.74 12.11
N LYS D 28 32.46 -1.17 10.89
CA LYS D 28 33.70 -1.87 10.62
C LYS D 28 34.89 -0.95 10.86
N LEU D 29 34.72 0.31 10.44
CA LEU D 29 35.76 1.33 10.64
C LEU D 29 35.92 1.65 12.12
N VAL D 30 34.79 1.80 12.81
CA VAL D 30 34.79 2.11 14.24
C VAL D 30 35.46 1.00 15.03
N GLY D 31 35.22 -0.24 14.63
CA GLY D 31 35.86 -1.37 15.28
C GLY D 31 37.30 -1.53 14.86
N GLU D 32 37.65 -0.97 13.70
CA GLU D 32 39.00 -1.05 13.17
C GLU D 32 39.93 -0.14 13.98
N ARG D 33 39.49 1.09 14.21
CA ARG D 33 40.28 2.06 14.95
C ARG D 33 40.36 1.69 16.42
N GLY A 1 -40.18 -9.08 -16.94
CA GLY A 1 -39.33 -8.02 -16.35
C GLY A 1 -38.05 -7.81 -17.14
N CYS A 2 -37.16 -7.00 -16.60
CA CYS A 2 -35.82 -6.82 -17.15
C CYS A 2 -35.86 -6.26 -18.58
N GLY A 3 -36.82 -5.39 -18.84
CA GLY A 3 -36.97 -4.84 -20.18
C GLY A 3 -36.77 -3.33 -20.20
N LYS A 4 -35.65 -2.89 -19.63
CA LYS A 4 -35.35 -1.47 -19.55
C LYS A 4 -33.85 -1.24 -19.54
N SER A 5 -33.23 -1.50 -18.40
CA SER A 5 -31.79 -1.30 -18.26
C SER A 5 -31.15 -2.47 -17.53
N ILE A 6 -31.92 -3.52 -17.31
CA ILE A 6 -31.44 -4.67 -16.55
C ILE A 6 -30.38 -5.43 -17.34
N ASP A 7 -30.47 -5.38 -18.65
CA ASP A 7 -29.54 -6.11 -19.52
C ASP A 7 -28.11 -5.62 -19.33
N ASP A 8 -27.93 -4.31 -19.28
CA ASP A 8 -26.62 -3.74 -19.03
C ASP A 8 -26.32 -3.74 -17.54
N LEU A 9 -27.36 -3.81 -16.72
CA LEU A 9 -27.19 -3.93 -15.29
C LEU A 9 -26.61 -5.28 -14.92
N GLU A 10 -27.17 -6.35 -15.49
CA GLU A 10 -26.66 -7.69 -15.24
C GLU A 10 -25.27 -7.86 -15.86
N ASP A 11 -25.07 -7.19 -17.00
CA ASP A 11 -23.77 -7.15 -17.65
C ASP A 11 -22.75 -6.56 -16.69
N GLU A 12 -23.03 -5.34 -16.27
CA GLU A 12 -22.16 -4.61 -15.37
C GLU A 12 -22.08 -5.28 -13.99
N LEU A 13 -23.16 -5.94 -13.57
CA LEU A 13 -23.15 -6.65 -12.28
C LEU A 13 -22.04 -7.69 -12.26
N TYR A 14 -21.93 -8.44 -13.35
CA TYR A 14 -20.85 -9.41 -13.50
C TYR A 14 -19.50 -8.70 -13.47
N ALA A 15 -19.41 -7.60 -14.21
CA ALA A 15 -18.18 -6.82 -14.29
C ALA A 15 -17.77 -6.28 -12.91
N GLN A 16 -18.72 -5.66 -12.22
CA GLN A 16 -18.47 -5.09 -10.90
C GLN A 16 -18.03 -6.17 -9.91
N LYS A 17 -18.70 -7.31 -9.96
CA LYS A 17 -18.39 -8.41 -9.07
C LYS A 17 -16.96 -8.91 -9.30
N LEU A 18 -16.61 -9.10 -10.55
CA LEU A 18 -15.29 -9.60 -10.91
C LEU A 18 -14.22 -8.54 -10.66
N LYS A 19 -14.53 -7.30 -11.03
CA LYS A 19 -13.61 -6.18 -10.81
C LYS A 19 -13.34 -5.96 -9.33
N TYR A 20 -14.38 -6.07 -8.51
CA TYR A 20 -14.24 -5.90 -7.07
C TYR A 20 -13.31 -6.97 -6.51
N LYS A 21 -13.49 -8.20 -6.96
CA LYS A 21 -12.59 -9.28 -6.58
C LYS A 21 -11.17 -8.97 -7.05
N ALA A 22 -11.05 -8.60 -8.31
CA ALA A 22 -9.77 -8.32 -8.93
C ALA A 22 -8.98 -7.26 -8.17
N ILE A 23 -9.61 -6.12 -7.90
CA ILE A 23 -8.92 -5.00 -7.27
C ILE A 23 -8.54 -5.34 -5.83
N SER A 24 -9.46 -5.93 -5.07
CA SER A 24 -9.21 -6.24 -3.67
C SER A 24 -8.12 -7.32 -3.57
N GLU A 25 -8.12 -8.23 -4.54
CA GLU A 25 -7.16 -9.30 -4.58
C GLU A 25 -5.80 -8.79 -5.05
N GLU A 26 -5.83 -7.86 -6.00
CA GLU A 26 -4.61 -7.26 -6.51
C GLU A 26 -3.92 -6.43 -5.43
N LEU A 27 -4.71 -5.71 -4.64
CA LEU A 27 -4.17 -4.98 -3.50
C LEU A 27 -3.44 -5.92 -2.56
N ASP A 28 -4.16 -6.94 -2.08
CA ASP A 28 -3.57 -7.98 -1.21
C ASP A 28 -2.28 -8.51 -1.81
N HIS A 29 -2.35 -8.83 -3.10
CA HIS A 29 -1.19 -9.33 -3.83
C HIS A 29 -0.05 -8.32 -3.81
N ALA A 30 -0.35 -7.08 -4.20
CA ALA A 30 0.66 -6.04 -4.36
C ALA A 30 1.46 -5.82 -3.08
N LEU A 31 0.79 -5.84 -1.94
CA LEU A 31 1.48 -5.66 -0.66
C LEU A 31 2.10 -6.97 -0.19
N LYS A 32 1.62 -8.08 -0.74
CA LYS A 32 2.16 -9.40 -0.41
C LYS A 32 3.43 -9.66 -1.20
N ASP A 33 3.54 -9.04 -2.37
CA ASP A 33 4.72 -9.15 -3.24
C ASP A 33 6.00 -8.73 -2.51
N MET A 34 5.82 -7.99 -1.43
CA MET A 34 6.93 -7.32 -0.77
C MET A 34 6.99 -7.64 0.72
N THR A 35 6.61 -8.86 1.08
CA THR A 35 6.64 -9.32 2.46
C THR A 35 8.04 -9.22 3.08
N SER A 36 8.39 -8.00 3.48
CA SER A 36 9.66 -7.68 4.12
C SER A 36 9.52 -6.31 4.77
N ILE A 37 8.77 -5.45 4.07
CA ILE A 37 8.40 -4.13 4.55
C ILE A 37 7.63 -4.24 5.86
N GLY B 1 -9.12 1.17 5.63
CA GLY B 1 -7.90 1.61 4.92
C GLY B 1 -7.05 0.44 4.46
N MET B 2 -5.98 0.73 3.72
CA MET B 2 -5.07 -0.31 3.26
C MET B 2 -4.08 -0.67 4.37
N ASP B 3 -4.59 -1.37 5.37
CA ASP B 3 -3.81 -1.72 6.57
C ASP B 3 -2.55 -2.48 6.21
N ALA B 4 -2.63 -3.28 5.15
CA ALA B 4 -1.49 -4.07 4.69
C ALA B 4 -0.21 -3.23 4.63
N ILE B 5 -0.18 -2.26 3.74
CA ILE B 5 1.00 -1.42 3.58
C ILE B 5 1.03 -0.36 4.66
N LYS B 6 -0.12 0.19 5.04
CA LYS B 6 -0.17 1.26 6.03
C LYS B 6 0.44 0.83 7.36
N LYS B 7 0.03 -0.33 7.85
CA LYS B 7 0.52 -0.83 9.13
C LYS B 7 1.96 -1.30 9.02
N LYS B 8 2.30 -2.01 7.95
CA LYS B 8 3.67 -2.48 7.78
C LYS B 8 4.60 -1.31 7.47
N MET B 9 4.06 -0.27 6.83
CA MET B 9 4.80 0.97 6.60
C MET B 9 5.22 1.58 7.94
N GLN B 10 4.29 1.61 8.88
CA GLN B 10 4.58 2.12 10.22
C GLN B 10 5.69 1.29 10.87
N MET B 11 5.56 -0.03 10.78
CA MET B 11 6.58 -0.93 11.31
C MET B 11 7.91 -0.69 10.60
N LEU B 12 7.84 -0.61 9.29
CA LEU B 12 9.00 -0.33 8.45
C LEU B 12 9.69 0.95 8.89
N LYS B 13 8.94 2.05 8.98
CA LYS B 13 9.51 3.33 9.34
C LYS B 13 10.05 3.32 10.76
N LEU B 14 9.44 2.54 11.63
CA LEU B 14 9.95 2.37 13.00
C LEU B 14 11.24 1.57 12.97
N ASP B 15 11.28 0.55 12.11
CA ASP B 15 12.48 -0.25 11.94
C ASP B 15 13.60 0.60 11.38
N ASN B 16 13.29 1.33 10.32
CA ASN B 16 14.23 2.24 9.71
C ASN B 16 14.64 3.32 10.70
N TYR B 17 13.69 3.75 11.53
CA TYR B 17 13.96 4.77 12.52
C TYR B 17 14.96 4.29 13.55
N HIS B 18 14.76 3.11 14.12
CA HIS B 18 15.66 2.62 15.15
C HIS B 18 17.04 2.33 14.55
N LEU B 19 17.06 2.04 13.25
CA LEU B 19 18.33 1.89 12.54
C LEU B 19 19.00 3.25 12.40
N GLU B 20 18.34 4.16 11.70
CA GLU B 20 18.86 5.51 11.46
C GLU B 20 19.20 6.20 12.78
N ASN B 21 18.36 5.99 13.80
CA ASN B 21 18.60 6.58 15.10
C ASN B 21 19.87 6.03 15.73
N GLU B 22 20.05 4.72 15.64
CA GLU B 22 21.25 4.08 16.15
C GLU B 22 22.47 4.58 15.38
N VAL B 23 22.28 4.78 14.08
CA VAL B 23 23.32 5.36 13.23
C VAL B 23 23.61 6.80 13.65
N ALA B 24 22.56 7.54 13.96
CA ALA B 24 22.72 8.91 14.46
C ALA B 24 23.49 8.91 15.77
N ARG B 25 23.19 7.95 16.63
CA ARG B 25 23.91 7.77 17.87
C ARG B 25 25.39 7.49 17.59
N LEU B 26 25.62 6.58 16.65
CA LEU B 26 26.96 6.17 16.28
C LEU B 26 27.72 7.31 15.60
N LYS B 27 27.07 7.98 14.66
CA LYS B 27 27.72 9.04 13.89
C LYS B 27 28.06 10.23 14.78
N LYS B 28 27.26 10.45 15.81
CA LYS B 28 27.54 11.49 16.78
C LYS B 28 28.71 11.08 17.67
N LEU B 29 28.75 9.79 17.99
CA LEU B 29 29.81 9.23 18.82
C LEU B 29 31.13 9.24 18.06
N VAL B 30 31.10 8.80 16.80
CA VAL B 30 32.29 8.75 15.98
C VAL B 30 32.68 10.15 15.48
N GLY B 31 31.70 11.05 15.44
CA GLY B 31 31.97 12.42 15.09
C GLY B 31 32.77 13.12 16.16
N GLU B 32 32.38 12.89 17.41
CA GLU B 32 33.07 13.48 18.54
C GLU B 32 34.39 12.74 18.80
N ARG B 33 34.27 11.50 19.30
CA ARG B 33 35.44 10.69 19.67
C ARG B 33 36.43 11.47 20.53
N GLY C 1 -36.97 -2.24 -10.35
CA GLY C 1 -36.72 -3.53 -11.04
C GLY C 1 -37.94 -4.43 -11.07
N CYS C 2 -37.78 -5.65 -10.58
CA CYS C 2 -38.84 -6.64 -10.63
C CYS C 2 -39.36 -6.98 -9.23
N GLY C 3 -38.94 -6.22 -8.24
CA GLY C 3 -39.41 -6.44 -6.88
C GLY C 3 -38.63 -7.53 -6.16
N LYS C 4 -38.46 -8.67 -6.81
CA LYS C 4 -37.74 -9.78 -6.22
C LYS C 4 -36.59 -10.19 -7.13
N SER C 5 -35.45 -10.51 -6.51
CA SER C 5 -34.23 -10.95 -7.23
C SER C 5 -33.57 -9.77 -7.95
N ILE C 6 -34.29 -9.16 -8.87
CA ILE C 6 -33.77 -8.02 -9.62
C ILE C 6 -33.67 -6.79 -8.72
N ASP C 7 -34.58 -6.70 -7.75
CA ASP C 7 -34.52 -5.62 -6.77
C ASP C 7 -33.25 -5.73 -5.97
N ASP C 8 -32.94 -6.96 -5.58
CA ASP C 8 -31.72 -7.29 -4.88
C ASP C 8 -30.52 -6.95 -5.75
N LEU C 9 -30.65 -7.18 -7.05
CA LEU C 9 -29.62 -6.87 -8.03
C LEU C 9 -29.35 -5.36 -8.02
N GLU C 10 -30.41 -4.57 -8.17
CA GLU C 10 -30.29 -3.11 -8.16
C GLU C 10 -29.63 -2.63 -6.88
N ASP C 11 -30.07 -3.20 -5.75
CA ASP C 11 -29.53 -2.87 -4.44
C ASP C 11 -28.04 -3.11 -4.40
N GLU C 12 -27.67 -4.35 -4.68
CA GLU C 12 -26.29 -4.81 -4.59
C GLU C 12 -25.42 -4.14 -5.65
N LEU C 13 -25.95 -3.95 -6.84
CA LEU C 13 -25.19 -3.29 -7.92
C LEU C 13 -24.80 -1.89 -7.50
N TYR C 14 -25.73 -1.18 -6.87
CA TYR C 14 -25.47 0.16 -6.35
C TYR C 14 -24.38 0.09 -5.29
N ALA C 15 -24.54 -0.84 -4.35
CA ALA C 15 -23.59 -1.03 -3.27
C ALA C 15 -22.21 -1.39 -3.81
N GLN C 16 -22.14 -2.40 -4.67
CA GLN C 16 -20.88 -2.83 -5.27
C GLN C 16 -20.16 -1.68 -5.94
N LYS C 17 -20.90 -0.91 -6.73
CA LYS C 17 -20.33 0.22 -7.46
C LYS C 17 -19.79 1.27 -6.48
N LEU C 18 -20.52 1.48 -5.40
CA LEU C 18 -20.11 2.44 -4.38
C LEU C 18 -18.90 1.93 -3.61
N LYS C 19 -18.90 0.63 -3.27
CA LYS C 19 -17.78 0.03 -2.57
C LYS C 19 -16.55 -0.02 -3.45
N TYR C 20 -16.77 -0.14 -4.76
CA TYR C 20 -15.69 -0.09 -5.74
C TYR C 20 -15.04 1.29 -5.74
N LYS C 21 -15.86 2.32 -5.62
CA LYS C 21 -15.34 3.67 -5.51
C LYS C 21 -14.75 3.89 -4.12
N ALA C 22 -15.35 3.26 -3.11
CA ALA C 22 -14.85 3.34 -1.75
C ALA C 22 -13.42 2.83 -1.65
N ILE C 23 -13.16 1.66 -2.22
CA ILE C 23 -11.83 1.07 -2.18
C ILE C 23 -10.84 1.86 -3.03
N SER C 24 -11.29 2.37 -4.18
CA SER C 24 -10.42 3.16 -5.03
C SER C 24 -10.13 4.52 -4.40
N GLU C 25 -11.13 5.09 -3.75
CA GLU C 25 -10.95 6.31 -2.96
C GLU C 25 -10.01 6.03 -1.79
N GLU C 26 -10.19 4.87 -1.18
CA GLU C 26 -9.36 4.47 -0.04
C GLU C 26 -7.90 4.34 -0.44
N LEU C 27 -7.63 3.58 -1.50
CA LEU C 27 -6.25 3.37 -1.95
C LEU C 27 -5.63 4.69 -2.39
N ASP C 28 -6.46 5.60 -2.87
CA ASP C 28 -6.01 6.94 -3.23
C ASP C 28 -5.40 7.63 -2.03
N HIS C 29 -6.14 7.67 -0.94
CA HIS C 29 -5.70 8.34 0.28
C HIS C 29 -4.61 7.54 0.98
N ALA C 30 -4.64 6.23 0.80
CA ALA C 30 -3.65 5.35 1.41
C ALA C 30 -2.26 5.64 0.89
N LEU C 31 -2.12 5.75 -0.43
CA LEU C 31 -0.83 6.01 -1.04
C LEU C 31 -0.53 7.51 -1.09
N LYS C 32 -1.57 8.33 -1.03
CA LYS C 32 -1.40 9.78 -0.92
C LYS C 32 -0.84 10.15 0.45
N ASP C 33 -1.20 9.32 1.43
CA ASP C 33 -0.85 9.54 2.84
C ASP C 33 0.62 9.86 3.04
N MET C 34 1.49 8.92 2.72
CA MET C 34 2.88 9.03 3.06
C MET C 34 3.60 10.02 2.14
N THR C 35 3.55 9.76 0.83
CA THR C 35 4.31 10.48 -0.20
C THR C 35 5.81 10.59 0.16
N SER C 36 6.23 9.80 1.15
CA SER C 36 7.61 9.76 1.58
C SER C 36 7.94 8.38 2.13
N ILE C 37 7.99 7.39 1.26
CA ILE C 37 8.35 6.03 1.66
C ILE C 37 9.37 5.45 0.68
N GLY D 1 -0.26 -4.37 -9.89
CA GLY D 1 0.10 -4.02 -8.49
C GLY D 1 0.10 -2.52 -8.27
N MET D 2 0.13 -2.11 -7.01
CA MET D 2 0.12 -0.69 -6.67
C MET D 2 1.51 -0.10 -6.90
N ASP D 3 1.68 0.54 -8.06
CA ASP D 3 2.98 1.05 -8.50
C ASP D 3 3.57 2.07 -7.53
N ALA D 4 2.71 2.83 -6.85
CA ALA D 4 3.17 3.86 -5.93
C ALA D 4 4.11 3.30 -4.87
N ILE D 5 3.58 2.40 -4.05
CA ILE D 5 4.37 1.77 -3.00
C ILE D 5 5.43 0.84 -3.60
N LYS D 6 5.10 0.18 -4.70
CA LYS D 6 6.02 -0.76 -5.33
C LYS D 6 7.31 -0.09 -5.79
N LYS D 7 7.18 0.98 -6.56
CA LYS D 7 8.35 1.66 -7.12
C LYS D 7 9.12 2.38 -6.03
N LYS D 8 8.41 3.04 -5.13
CA LYS D 8 9.05 3.73 -4.01
C LYS D 8 9.76 2.75 -3.10
N MET D 9 9.13 1.60 -2.84
CA MET D 9 9.75 0.53 -2.06
C MET D 9 11.05 0.08 -2.69
N GLN D 10 11.07 0.04 -4.02
CA GLN D 10 12.28 -0.34 -4.75
C GLN D 10 13.44 0.57 -4.36
N MET D 11 13.22 1.88 -4.48
CA MET D 11 14.25 2.85 -4.10
C MET D 11 14.49 2.81 -2.60
N LEU D 12 13.41 2.58 -1.86
CA LEU D 12 13.46 2.47 -0.40
C LEU D 12 14.44 1.39 0.05
N LYS D 13 14.24 0.17 -0.43
CA LYS D 13 15.08 -0.95 -0.02
C LYS D 13 16.52 -0.73 -0.45
N LEU D 14 16.70 -0.19 -1.66
CA LEU D 14 18.04 0.12 -2.15
C LEU D 14 18.72 1.12 -1.22
N ASP D 15 17.95 2.07 -0.70
CA ASP D 15 18.46 3.05 0.24
C ASP D 15 18.86 2.36 1.54
N ASN D 16 17.98 1.49 2.02
CA ASN D 16 18.22 0.74 3.26
C ASN D 16 19.53 -0.05 3.16
N TYR D 17 19.74 -0.70 2.01
CA TYR D 17 20.94 -1.50 1.81
C TYR D 17 22.21 -0.64 1.80
N HIS D 18 22.16 0.51 1.14
CA HIS D 18 23.35 1.37 1.11
C HIS D 18 23.52 2.05 2.46
N LEU D 19 22.42 2.28 3.17
CA LEU D 19 22.47 2.82 4.52
C LEU D 19 23.23 1.84 5.40
N GLU D 20 22.86 0.57 5.32
CA GLU D 20 23.54 -0.49 6.07
C GLU D 20 25.00 -0.64 5.60
N ASN D 21 25.26 -0.25 4.35
CA ASN D 21 26.60 -0.30 3.79
C ASN D 21 27.45 0.77 4.46
N GLU D 22 26.90 1.97 4.51
CA GLU D 22 27.53 3.08 5.18
C GLU D 22 27.74 2.77 6.67
N VAL D 23 26.73 2.15 7.29
CA VAL D 23 26.82 1.78 8.70
C VAL D 23 27.97 0.82 8.95
N ALA D 24 28.04 -0.24 8.14
CA ALA D 24 29.09 -1.24 8.29
C ALA D 24 30.47 -0.60 8.25
N ARG D 25 30.68 0.30 7.29
CA ARG D 25 31.94 1.00 7.14
C ARG D 25 32.19 1.94 8.32
N LEU D 26 31.13 2.61 8.76
CA LEU D 26 31.21 3.58 9.84
C LEU D 26 31.52 2.90 11.17
N LYS D 27 30.82 1.81 11.46
CA LYS D 27 31.00 1.11 12.73
C LYS D 27 32.34 0.39 12.76
N LYS D 28 32.86 0.02 11.60
CA LYS D 28 34.20 -0.53 11.50
C LYS D 28 35.22 0.56 11.78
N LEU D 29 34.96 1.74 11.22
CA LEU D 29 35.83 2.90 11.40
C LEU D 29 35.92 3.27 12.88
N VAL D 30 34.76 3.46 13.51
CA VAL D 30 34.71 3.82 14.93
C VAL D 30 35.27 2.68 15.80
N GLY D 31 35.18 1.46 15.28
CA GLY D 31 35.72 0.33 15.99
C GLY D 31 37.23 0.30 15.93
N GLU D 32 37.80 0.93 14.90
CA GLU D 32 39.25 0.99 14.73
C GLU D 32 39.86 2.09 15.61
N ARG D 33 39.17 3.22 15.73
CA ARG D 33 39.66 4.29 16.60
C ARG D 33 38.67 4.58 17.72
N GLY A 1 -33.69 1.89 -12.80
CA GLY A 1 -35.17 1.90 -12.82
C GLY A 1 -35.77 1.02 -13.92
N CYS A 2 -35.06 -0.06 -14.28
CA CYS A 2 -35.57 -1.03 -15.26
C CYS A 2 -35.77 -0.39 -16.64
N GLY A 3 -36.51 -1.07 -17.51
CA GLY A 3 -36.79 -0.53 -18.83
C GLY A 3 -35.75 -0.94 -19.84
N LYS A 4 -35.58 -2.24 -20.02
CA LYS A 4 -34.59 -2.83 -20.93
C LYS A 4 -33.17 -2.70 -20.36
N SER A 5 -32.88 -1.57 -19.72
CA SER A 5 -31.57 -1.30 -19.17
C SER A 5 -31.26 -2.21 -17.98
N ILE A 6 -32.23 -3.03 -17.58
CA ILE A 6 -32.01 -4.01 -16.52
C ILE A 6 -30.97 -5.05 -16.95
N ASP A 7 -30.90 -5.29 -18.26
CA ASP A 7 -29.91 -6.21 -18.80
C ASP A 7 -28.50 -5.67 -18.56
N ASP A 8 -28.30 -4.40 -18.85
CA ASP A 8 -27.02 -3.73 -18.60
C ASP A 8 -26.82 -3.53 -17.10
N LEU A 9 -27.92 -3.34 -16.38
CA LEU A 9 -27.87 -3.10 -14.94
C LEU A 9 -27.35 -4.34 -14.22
N GLU A 10 -27.91 -5.50 -14.56
CA GLU A 10 -27.43 -6.76 -13.99
C GLU A 10 -26.01 -7.04 -14.47
N ASP A 11 -25.74 -6.68 -15.72
CA ASP A 11 -24.41 -6.84 -16.29
C ASP A 11 -23.37 -6.14 -15.44
N GLU A 12 -23.58 -4.85 -15.32
CA GLU A 12 -22.67 -3.98 -14.60
C GLU A 12 -22.66 -4.32 -13.11
N LEU A 13 -23.80 -4.75 -12.58
CA LEU A 13 -23.87 -5.23 -11.20
C LEU A 13 -22.88 -6.36 -10.96
N TYR A 14 -22.96 -7.39 -11.78
CA TYR A 14 -22.07 -8.53 -11.64
C TYR A 14 -20.65 -8.16 -12.02
N ALA A 15 -20.49 -7.34 -13.05
CA ALA A 15 -19.17 -6.92 -13.51
C ALA A 15 -18.44 -6.14 -12.43
N GLN A 16 -19.11 -5.15 -11.85
CA GLN A 16 -18.51 -4.33 -10.80
C GLN A 16 -18.24 -5.15 -9.55
N LYS A 17 -19.12 -6.10 -9.27
CA LYS A 17 -18.94 -7.01 -8.14
C LYS A 17 -17.71 -7.87 -8.38
N LEU A 18 -17.58 -8.37 -9.60
CA LEU A 18 -16.44 -9.18 -9.99
C LEU A 18 -15.16 -8.37 -9.89
N LYS A 19 -15.20 -7.12 -10.33
CA LYS A 19 -14.04 -6.24 -10.29
C LYS A 19 -13.67 -5.88 -8.87
N TYR A 20 -14.68 -5.68 -8.02
CA TYR A 20 -14.43 -5.40 -6.60
C TYR A 20 -13.65 -6.55 -5.97
N LYS A 21 -14.05 -7.77 -6.32
CA LYS A 21 -13.34 -8.95 -5.86
C LYS A 21 -11.95 -9.01 -6.49
N ALA A 22 -11.90 -8.78 -7.79
CA ALA A 22 -10.65 -8.86 -8.55
C ALA A 22 -9.62 -7.84 -8.08
N ILE A 23 -10.06 -6.63 -7.75
CA ILE A 23 -9.14 -5.61 -7.29
C ILE A 23 -8.63 -5.92 -5.90
N SER A 24 -9.50 -6.45 -5.04
CA SER A 24 -9.07 -6.87 -3.70
C SER A 24 -8.06 -8.01 -3.82
N GLU A 25 -8.28 -8.88 -4.80
CA GLU A 25 -7.34 -9.94 -5.15
C GLU A 25 -6.01 -9.33 -5.58
N GLU A 26 -6.10 -8.33 -6.45
CA GLU A 26 -4.92 -7.66 -6.99
C GLU A 26 -4.14 -6.96 -5.89
N LEU A 27 -4.84 -6.23 -5.02
CA LEU A 27 -4.19 -5.52 -3.91
C LEU A 27 -3.57 -6.51 -2.93
N ASP A 28 -4.23 -7.65 -2.74
CA ASP A 28 -3.69 -8.71 -1.90
C ASP A 28 -2.31 -9.11 -2.40
N HIS A 29 -2.22 -9.33 -3.70
CA HIS A 29 -0.97 -9.73 -4.32
C HIS A 29 0.00 -8.56 -4.39
N ALA A 30 -0.54 -7.34 -4.39
CA ALA A 30 0.28 -6.14 -4.43
C ALA A 30 1.09 -6.00 -3.15
N LEU A 31 0.46 -6.30 -2.01
CA LEU A 31 1.15 -6.25 -0.74
C LEU A 31 1.89 -7.57 -0.47
N LYS A 32 1.31 -8.67 -0.95
CA LYS A 32 1.97 -9.98 -0.88
C LYS A 32 3.24 -10.00 -1.74
N ASP A 33 3.31 -9.05 -2.66
CA ASP A 33 4.45 -8.92 -3.57
C ASP A 33 5.78 -8.92 -2.83
N MET A 34 5.85 -8.11 -1.78
CA MET A 34 7.09 -7.92 -1.04
C MET A 34 7.05 -8.56 0.34
N THR A 35 6.08 -8.15 1.15
CA THR A 35 5.96 -8.57 2.56
C THR A 35 7.29 -8.41 3.31
N SER A 36 8.16 -7.52 2.82
CA SER A 36 9.47 -7.36 3.42
C SER A 36 9.74 -5.90 3.77
N ILE A 37 8.72 -5.05 3.65
CA ILE A 37 8.88 -3.65 3.96
C ILE A 37 8.72 -3.43 5.47
N GLY B 1 -6.15 4.07 4.24
CA GLY B 1 -6.76 3.09 5.16
C GLY B 1 -6.26 1.66 4.93
N MET B 2 -5.76 1.36 3.72
CA MET B 2 -5.20 0.04 3.41
C MET B 2 -4.21 -0.39 4.48
N ASP B 3 -4.67 -1.26 5.36
CA ASP B 3 -3.96 -1.60 6.59
C ASP B 3 -2.66 -2.35 6.34
N ALA B 4 -2.62 -3.18 5.30
CA ALA B 4 -1.45 -4.00 5.02
C ALA B 4 -0.17 -3.18 4.96
N ILE B 5 -0.06 -2.33 3.95
CA ILE B 5 1.15 -1.53 3.76
C ILE B 5 1.25 -0.43 4.80
N LYS B 6 0.11 0.12 5.21
CA LYS B 6 0.09 1.19 6.23
C LYS B 6 0.72 0.70 7.54
N LYS B 7 0.33 -0.51 7.94
CA LYS B 7 0.84 -1.10 9.19
C LYS B 7 2.34 -1.34 9.08
N LYS B 8 2.74 -2.02 8.02
CA LYS B 8 4.15 -2.34 7.81
C LYS B 8 4.98 -1.07 7.60
N MET B 9 4.41 -0.12 6.87
CA MET B 9 5.08 1.16 6.61
C MET B 9 5.43 1.86 7.91
N GLN B 10 4.53 1.80 8.88
CA GLN B 10 4.74 2.44 10.16
C GLN B 10 5.88 1.74 10.91
N MET B 11 5.86 0.42 10.91
CA MET B 11 6.92 -0.37 11.54
C MET B 11 8.24 -0.13 10.82
N LEU B 12 8.17 -0.04 9.51
CA LEU B 12 9.30 0.28 8.66
C LEU B 12 9.85 1.65 9.01
N LYS B 13 8.96 2.64 9.04
CA LYS B 13 9.34 4.01 9.28
C LYS B 13 9.97 4.18 10.66
N LEU B 14 9.46 3.46 11.65
CA LEU B 14 10.00 3.55 13.00
C LEU B 14 11.34 2.82 13.09
N ASP B 15 11.50 1.77 12.29
CA ASP B 15 12.79 1.06 12.21
C ASP B 15 13.82 1.97 11.57
N ASN B 16 13.41 2.64 10.50
CA ASN B 16 14.27 3.60 9.82
C ASN B 16 14.56 4.79 10.73
N TYR B 17 13.56 5.17 11.52
CA TYR B 17 13.66 6.32 12.41
C TYR B 17 14.76 6.12 13.44
N HIS B 18 14.77 4.97 14.11
CA HIS B 18 15.79 4.74 15.12
C HIS B 18 17.16 4.57 14.47
N LEU B 19 17.18 3.96 13.29
CA LEU B 19 18.43 3.80 12.54
C LEU B 19 19.00 5.16 12.14
N GLU B 20 18.16 5.99 11.54
CA GLU B 20 18.55 7.33 11.12
C GLU B 20 19.04 8.15 12.32
N ASN B 21 18.47 7.86 13.48
CA ASN B 21 18.82 8.58 14.70
C ASN B 21 20.15 8.08 15.20
N GLU B 22 20.30 6.76 15.22
CA GLU B 22 21.51 6.12 15.66
C GLU B 22 22.69 6.51 14.78
N VAL B 23 22.46 6.62 13.48
CA VAL B 23 23.49 7.09 12.56
C VAL B 23 23.93 8.50 12.93
N ALA B 24 22.94 9.38 13.12
CA ALA B 24 23.21 10.77 13.49
C ALA B 24 23.93 10.85 14.83
N ARG B 25 23.47 10.07 15.81
CA ARG B 25 24.07 10.08 17.13
C ARG B 25 25.51 9.57 17.07
N LEU B 26 25.73 8.50 16.31
CA LEU B 26 27.05 7.90 16.21
C LEU B 26 28.01 8.84 15.48
N LYS B 27 27.51 9.51 14.44
CA LYS B 27 28.30 10.49 13.71
C LYS B 27 28.62 11.69 14.61
N LYS B 28 27.69 12.03 15.49
CA LYS B 28 27.89 13.12 16.43
C LYS B 28 28.88 12.69 17.53
N LEU B 29 28.79 11.43 17.92
CA LEU B 29 29.69 10.88 18.94
C LEU B 29 31.13 10.89 18.46
N VAL B 30 31.35 10.40 17.25
CA VAL B 30 32.70 10.36 16.68
C VAL B 30 33.13 11.76 16.26
N GLY B 31 32.16 12.62 15.96
CA GLY B 31 32.44 14.00 15.61
C GLY B 31 32.80 14.82 16.82
N GLU B 32 32.26 14.44 17.97
CA GLU B 32 32.56 15.10 19.23
C GLU B 32 34.04 14.92 19.57
N ARG B 33 34.61 13.85 19.06
CA ARG B 33 36.01 13.54 19.28
C ARG B 33 36.89 14.21 18.22
N GLY C 1 -39.57 -7.26 -14.93
CA GLY C 1 -39.78 -5.83 -14.57
C GLY C 1 -38.98 -5.42 -13.37
N CYS C 2 -39.43 -4.36 -12.70
CA CYS C 2 -38.71 -3.83 -11.55
C CYS C 2 -39.18 -4.49 -10.26
N GLY C 3 -40.32 -5.15 -10.30
CA GLY C 3 -40.90 -5.75 -9.11
C GLY C 3 -40.37 -7.14 -8.85
N LYS C 4 -39.22 -7.47 -9.43
CA LYS C 4 -38.62 -8.78 -9.22
C LYS C 4 -37.21 -8.63 -8.67
N SER C 5 -37.12 -8.40 -7.35
CA SER C 5 -35.84 -8.27 -6.65
C SER C 5 -34.95 -7.17 -7.23
N ILE C 6 -35.54 -6.28 -8.04
CA ILE C 6 -34.79 -5.22 -8.66
C ILE C 6 -34.55 -4.08 -7.68
N ASP C 7 -35.46 -3.91 -6.72
CA ASP C 7 -35.26 -2.91 -5.69
C ASP C 7 -34.09 -3.33 -4.81
N ASP C 8 -34.03 -4.63 -4.52
CA ASP C 8 -32.91 -5.23 -3.79
C ASP C 8 -31.63 -5.14 -4.63
N LEU C 9 -31.75 -5.53 -5.88
CA LEU C 9 -30.63 -5.51 -6.82
C LEU C 9 -30.06 -4.09 -6.94
N GLU C 10 -30.91 -3.12 -7.20
CA GLU C 10 -30.47 -1.75 -7.38
C GLU C 10 -30.01 -1.16 -6.04
N ASP C 11 -30.53 -1.70 -4.94
CA ASP C 11 -30.12 -1.28 -3.60
C ASP C 11 -28.65 -1.59 -3.39
N GLU C 12 -28.27 -2.84 -3.63
CA GLU C 12 -26.89 -3.25 -3.43
C GLU C 12 -26.04 -2.76 -4.60
N LEU C 13 -26.66 -2.52 -5.74
CA LEU C 13 -25.95 -1.94 -6.86
C LEU C 13 -25.53 -0.52 -6.52
N TYR C 14 -26.38 0.16 -5.77
CA TYR C 14 -26.05 1.47 -5.25
C TYR C 14 -24.85 1.36 -4.31
N ALA C 15 -24.89 0.33 -3.47
CA ALA C 15 -23.77 0.04 -2.57
C ALA C 15 -22.52 -0.30 -3.38
N GLN C 16 -22.68 -1.14 -4.40
CA GLN C 16 -21.57 -1.50 -5.30
C GLN C 16 -20.91 -0.24 -5.87
N LYS C 17 -21.72 0.71 -6.34
CA LYS C 17 -21.21 1.98 -6.83
C LYS C 17 -20.30 2.63 -5.80
N LEU C 18 -20.79 2.72 -4.57
CA LEU C 18 -20.05 3.33 -3.48
C LEU C 18 -18.80 2.51 -3.13
N LYS C 19 -18.95 1.18 -3.11
CA LYS C 19 -17.85 0.30 -2.75
C LYS C 19 -16.71 0.39 -3.76
N TYR C 20 -17.05 0.42 -5.05
CA TYR C 20 -16.06 0.51 -6.10
C TYR C 20 -15.27 1.82 -5.96
N LYS C 21 -16.00 2.91 -5.72
CA LYS C 21 -15.38 4.20 -5.52
C LYS C 21 -14.57 4.22 -4.23
N ALA C 22 -15.14 3.63 -3.18
CA ALA C 22 -14.50 3.62 -1.87
C ALA C 22 -13.13 2.97 -1.91
N ILE C 23 -13.02 1.83 -2.56
CA ILE C 23 -11.75 1.12 -2.62
C ILE C 23 -10.77 1.85 -3.54
N SER C 24 -11.29 2.47 -4.62
CA SER C 24 -10.46 3.25 -5.52
C SER C 24 -9.88 4.46 -4.79
N GLU C 25 -10.75 5.16 -4.06
CA GLU C 25 -10.34 6.31 -3.26
C GLU C 25 -9.38 5.85 -2.16
N GLU C 26 -9.65 4.66 -1.63
CA GLU C 26 -8.85 4.06 -0.59
C GLU C 26 -7.39 3.92 -1.03
N LEU C 27 -7.15 3.15 -2.08
CA LEU C 27 -5.79 2.89 -2.53
C LEU C 27 -5.06 4.19 -2.86
N ASP C 28 -5.78 5.14 -3.45
CA ASP C 28 -5.22 6.44 -3.77
C ASP C 28 -4.80 7.18 -2.51
N HIS C 29 -5.73 7.28 -1.56
CA HIS C 29 -5.51 8.03 -0.34
C HIS C 29 -4.45 7.35 0.52
N ALA C 30 -4.47 6.01 0.54
CA ALA C 30 -3.58 5.24 1.40
C ALA C 30 -2.12 5.44 1.02
N LEU C 31 -1.81 5.37 -0.27
CA LEU C 31 -0.43 5.47 -0.73
C LEU C 31 0.03 6.92 -0.81
N LYS C 32 -0.90 7.82 -1.03
CA LYS C 32 -0.58 9.24 -1.11
C LYS C 32 -0.54 9.86 0.29
N ASP C 33 -1.14 9.16 1.25
CA ASP C 33 -1.24 9.63 2.63
C ASP C 33 0.12 10.02 3.21
N MET C 34 1.12 9.18 3.01
CA MET C 34 2.44 9.43 3.57
C MET C 34 3.31 10.14 2.56
N THR C 35 3.12 9.77 1.29
CA THR C 35 3.89 10.32 0.19
C THR C 35 5.33 9.83 0.21
N SER C 36 6.01 10.10 1.31
CA SER C 36 7.40 9.71 1.48
C SER C 36 7.53 8.41 2.26
N ILE C 37 7.22 7.30 1.61
CA ILE C 37 7.50 5.98 2.18
C ILE C 37 8.88 5.52 1.72
N GLY D 1 -1.98 -2.87 -10.40
CA GLY D 1 -2.64 -2.72 -9.08
C GLY D 1 -2.17 -1.48 -8.36
N MET D 2 -1.14 -1.62 -7.54
CA MET D 2 -0.55 -0.48 -6.85
C MET D 2 0.97 -0.55 -6.92
N ASP D 3 1.54 0.20 -7.85
CA ASP D 3 2.98 0.26 -8.01
C ASP D 3 3.57 1.30 -7.08
N ALA D 4 2.72 2.21 -6.61
CA ALA D 4 3.14 3.29 -5.71
C ALA D 4 4.04 2.79 -4.59
N ILE D 5 3.53 1.83 -3.81
CA ILE D 5 4.30 1.29 -2.71
C ILE D 5 5.55 0.56 -3.20
N LYS D 6 5.40 -0.32 -4.18
CA LYS D 6 6.53 -1.16 -4.62
C LYS D 6 7.63 -0.35 -5.30
N LYS D 7 7.26 0.70 -6.00
CA LYS D 7 8.24 1.53 -6.70
C LYS D 7 9.05 2.33 -5.69
N LYS D 8 8.35 2.98 -4.76
CA LYS D 8 9.01 3.73 -3.70
C LYS D 8 9.70 2.77 -2.74
N MET D 9 9.12 1.60 -2.55
CA MET D 9 9.74 0.53 -1.78
C MET D 9 11.12 0.18 -2.34
N GLN D 10 11.22 0.13 -3.66
CA GLN D 10 12.46 -0.18 -4.32
C GLN D 10 13.50 0.90 -4.01
N MET D 11 13.06 2.14 -4.09
CA MET D 11 13.90 3.28 -3.70
C MET D 11 14.26 3.17 -2.22
N LEU D 12 13.24 2.91 -1.42
CA LEU D 12 13.34 2.74 0.03
C LEU D 12 14.39 1.71 0.41
N LYS D 13 14.25 0.49 -0.08
CA LYS D 13 15.14 -0.59 0.30
C LYS D 13 16.56 -0.30 -0.17
N LEU D 14 16.70 0.22 -1.38
CA LEU D 14 18.02 0.61 -1.89
C LEU D 14 18.62 1.70 -1.02
N ASP D 15 17.78 2.63 -0.56
CA ASP D 15 18.21 3.68 0.35
C ASP D 15 18.66 3.07 1.67
N ASN D 16 17.84 2.18 2.20
CA ASN D 16 18.14 1.50 3.45
C ASN D 16 19.42 0.68 3.34
N TYR D 17 19.64 0.06 2.18
CA TYR D 17 20.82 -0.76 1.98
C TYR D 17 22.10 0.07 1.88
N HIS D 18 22.01 1.28 1.34
CA HIS D 18 23.18 2.15 1.33
C HIS D 18 23.37 2.76 2.71
N LEU D 19 22.27 2.85 3.47
CA LEU D 19 22.34 3.34 4.85
C LEU D 19 23.04 2.31 5.73
N GLU D 20 22.59 1.06 5.67
CA GLU D 20 23.19 0.00 6.47
C GLU D 20 24.65 -0.22 6.06
N ASN D 21 24.94 0.02 4.78
CA ASN D 21 26.31 0.00 4.30
C ASN D 21 27.12 1.09 4.98
N GLU D 22 26.55 2.28 5.03
CA GLU D 22 27.17 3.42 5.70
C GLU D 22 27.32 3.13 7.20
N VAL D 23 26.28 2.57 7.81
CA VAL D 23 26.31 2.22 9.22
C VAL D 23 27.47 1.26 9.52
N ALA D 24 27.64 0.26 8.67
CA ALA D 24 28.70 -0.71 8.84
C ALA D 24 30.07 -0.04 8.82
N ARG D 25 30.27 0.86 7.87
CA ARG D 25 31.53 1.57 7.74
C ARG D 25 31.68 2.62 8.85
N LEU D 26 30.56 3.12 9.34
CA LEU D 26 30.56 4.09 10.42
C LEU D 26 31.02 3.45 11.72
N LYS D 27 30.43 2.30 12.06
CA LYS D 27 30.82 1.58 13.27
C LYS D 27 32.20 0.97 13.10
N LYS D 28 32.63 0.82 11.85
CA LYS D 28 33.98 0.40 11.53
C LYS D 28 34.97 1.49 11.94
N LEU D 29 34.65 2.73 11.56
CA LEU D 29 35.46 3.89 11.88
C LEU D 29 35.46 4.12 13.40
N VAL D 30 34.28 4.10 13.98
CA VAL D 30 34.12 4.26 15.43
C VAL D 30 34.77 3.09 16.19
N GLY D 31 34.74 1.92 15.59
CA GLY D 31 35.41 0.76 16.17
C GLY D 31 36.91 0.97 16.26
N GLU D 32 37.44 1.69 15.28
CA GLU D 32 38.84 2.09 15.27
C GLU D 32 39.14 3.07 16.40
N ARG D 33 38.08 3.68 16.93
CA ARG D 33 38.22 4.70 17.97
C ARG D 33 38.08 4.06 19.34
N GLY A 1 -32.73 5.43 -23.32
CA GLY A 1 -33.15 4.20 -22.60
C GLY A 1 -32.40 2.98 -23.09
N CYS A 2 -33.13 1.90 -23.31
CA CYS A 2 -32.52 0.65 -23.77
C CYS A 2 -32.51 0.60 -25.29
N GLY A 3 -31.48 1.18 -25.89
CA GLY A 3 -31.36 1.21 -27.33
C GLY A 3 -29.93 1.35 -27.78
N LYS A 4 -29.22 2.30 -27.20
CA LYS A 4 -27.82 2.52 -27.53
C LYS A 4 -26.98 2.61 -26.27
N SER A 5 -27.45 3.41 -25.30
CA SER A 5 -26.69 3.66 -24.07
C SER A 5 -26.57 2.42 -23.20
N ILE A 6 -27.46 1.46 -23.42
CA ILE A 6 -27.50 0.26 -22.58
C ILE A 6 -26.45 -0.76 -22.99
N ASP A 7 -26.03 -0.72 -24.25
CA ASP A 7 -25.00 -1.64 -24.72
C ASP A 7 -23.70 -1.43 -23.95
N ASP A 8 -23.26 -0.18 -23.89
CA ASP A 8 -22.05 0.15 -23.14
C ASP A 8 -22.34 0.21 -21.65
N LEU A 9 -23.61 0.36 -21.29
CA LEU A 9 -24.04 0.31 -19.89
C LEU A 9 -23.84 -1.10 -19.34
N GLU A 10 -24.35 -2.08 -20.09
CA GLU A 10 -24.19 -3.49 -19.74
C GLU A 10 -22.72 -3.87 -19.83
N ASP A 11 -22.06 -3.34 -20.85
CA ASP A 11 -20.62 -3.51 -21.05
C ASP A 11 -19.88 -3.11 -19.78
N GLU A 12 -20.18 -1.90 -19.33
CA GLU A 12 -19.56 -1.32 -18.17
C GLU A 12 -20.00 -2.02 -16.89
N LEU A 13 -21.23 -2.50 -16.86
CA LEU A 13 -21.71 -3.27 -15.71
C LEU A 13 -20.77 -4.43 -15.44
N TYR A 14 -20.55 -5.23 -16.48
CA TYR A 14 -19.65 -6.37 -16.40
C TYR A 14 -18.25 -5.89 -16.03
N ALA A 15 -17.79 -4.87 -16.74
CA ALA A 15 -16.44 -4.34 -16.55
C ALA A 15 -16.21 -3.86 -15.12
N GLN A 16 -17.19 -3.17 -14.56
CA GLN A 16 -17.06 -2.60 -13.22
C GLN A 16 -16.99 -3.67 -12.14
N LYS A 17 -17.97 -4.58 -12.11
CA LYS A 17 -18.00 -5.59 -11.05
C LYS A 17 -16.86 -6.58 -11.21
N LEU A 18 -16.44 -6.82 -12.45
CA LEU A 18 -15.33 -7.73 -12.69
C LEU A 18 -14.01 -7.11 -12.28
N LYS A 19 -13.82 -5.81 -12.54
CA LYS A 19 -12.60 -5.15 -12.11
C LYS A 19 -12.62 -4.94 -10.61
N TYR A 20 -13.81 -4.99 -10.01
CA TYR A 20 -13.91 -4.98 -8.56
C TYR A 20 -13.30 -6.27 -8.00
N LYS A 21 -13.61 -7.39 -8.62
CA LYS A 21 -12.99 -8.65 -8.25
C LYS A 21 -11.50 -8.60 -8.55
N ALA A 22 -11.17 -8.02 -9.70
CA ALA A 22 -9.78 -7.92 -10.15
C ALA A 22 -8.95 -7.03 -9.23
N ILE A 23 -9.53 -5.92 -8.78
CA ILE A 23 -8.81 -5.01 -7.89
C ILE A 23 -8.68 -5.59 -6.50
N SER A 24 -9.67 -6.36 -6.08
CA SER A 24 -9.62 -7.04 -4.81
C SER A 24 -8.48 -8.07 -4.81
N GLU A 25 -8.43 -8.85 -5.90
CA GLU A 25 -7.33 -9.78 -6.15
C GLU A 25 -6.02 -9.00 -6.22
N GLU A 26 -6.08 -7.87 -6.91
CA GLU A 26 -4.93 -6.99 -7.06
C GLU A 26 -4.34 -6.59 -5.72
N LEU A 27 -5.18 -5.98 -4.87
CA LEU A 27 -4.72 -5.47 -3.57
C LEU A 27 -4.06 -6.57 -2.74
N ASP A 28 -4.67 -7.76 -2.76
CA ASP A 28 -4.12 -8.90 -2.03
C ASP A 28 -2.71 -9.20 -2.50
N HIS A 29 -2.57 -9.49 -3.79
CA HIS A 29 -1.29 -9.87 -4.36
C HIS A 29 -0.34 -8.68 -4.43
N ALA A 30 -0.89 -7.48 -4.37
CA ALA A 30 -0.10 -6.26 -4.37
C ALA A 30 0.78 -6.21 -3.13
N LEU A 31 0.18 -6.47 -1.98
CA LEU A 31 0.95 -6.50 -0.74
C LEU A 31 1.54 -7.88 -0.49
N LYS A 32 0.89 -8.90 -1.04
CA LYS A 32 1.41 -10.26 -1.02
C LYS A 32 2.68 -10.34 -1.86
N ASP A 33 2.83 -9.35 -2.75
CA ASP A 33 3.99 -9.19 -3.62
C ASP A 33 5.30 -9.20 -2.84
N MET A 34 5.26 -8.57 -1.68
CA MET A 34 6.47 -8.22 -0.98
C MET A 34 6.63 -9.03 0.30
N THR A 35 5.74 -8.79 1.27
CA THR A 35 5.90 -9.34 2.61
C THR A 35 7.05 -8.65 3.37
N SER A 36 8.10 -8.34 2.63
CA SER A 36 9.29 -7.72 3.21
C SER A 36 9.19 -6.19 3.17
N ILE A 37 8.46 -5.64 4.12
CA ILE A 37 8.39 -4.20 4.35
C ILE A 37 7.82 -3.98 5.75
N GLY B 1 -9.07 0.16 3.33
CA GLY B 1 -7.78 0.85 3.10
C GLY B 1 -6.69 -0.13 2.75
N MET B 2 -5.46 0.17 3.13
CA MET B 2 -4.36 -0.74 2.93
C MET B 2 -3.45 -0.71 4.14
N ASP B 3 -4.07 -0.84 5.31
CA ASP B 3 -3.37 -0.77 6.59
C ASP B 3 -2.26 -1.82 6.65
N ALA B 4 -2.34 -2.83 5.79
CA ALA B 4 -1.29 -3.81 5.64
C ALA B 4 0.07 -3.14 5.51
N ILE B 5 0.29 -2.48 4.37
CA ILE B 5 1.54 -1.76 4.15
C ILE B 5 1.61 -0.52 5.02
N LYS B 6 0.46 0.11 5.28
CA LYS B 6 0.44 1.35 6.06
C LYS B 6 1.01 1.14 7.47
N LYS B 7 0.61 0.06 8.13
CA LYS B 7 1.08 -0.20 9.49
C LYS B 7 2.47 -0.81 9.47
N LYS B 8 2.77 -1.59 8.43
CA LYS B 8 4.12 -2.12 8.27
C LYS B 8 5.10 -0.98 8.02
N MET B 9 4.66 -0.01 7.22
CA MET B 9 5.41 1.22 6.98
C MET B 9 5.67 1.96 8.28
N GLN B 10 4.66 1.95 9.16
CA GLN B 10 4.79 2.56 10.48
C GLN B 10 5.99 1.97 11.21
N MET B 11 6.02 0.65 11.33
CA MET B 11 7.11 -0.04 12.00
C MET B 11 8.42 0.14 11.23
N LEU B 12 8.31 0.16 9.90
CA LEU B 12 9.45 0.40 9.03
C LEU B 12 10.10 1.75 9.35
N LYS B 13 9.28 2.78 9.43
CA LYS B 13 9.77 4.12 9.75
C LYS B 13 10.30 4.18 11.18
N LEU B 14 9.70 3.41 12.08
CA LEU B 14 10.17 3.34 13.47
C LEU B 14 11.61 2.84 13.51
N ASP B 15 11.90 1.86 12.68
CA ASP B 15 13.26 1.33 12.58
C ASP B 15 14.19 2.41 12.03
N ASN B 16 13.70 3.13 11.03
CA ASN B 16 14.46 4.24 10.45
C ASN B 16 14.69 5.35 11.47
N TYR B 17 13.71 5.56 12.35
CA TYR B 17 13.82 6.57 13.38
C TYR B 17 14.99 6.28 14.31
N HIS B 18 15.09 5.05 14.81
CA HIS B 18 16.17 4.72 15.75
C HIS B 18 17.51 4.69 15.01
N LEU B 19 17.47 4.44 13.71
CA LEU B 19 18.67 4.49 12.89
C LEU B 19 19.13 5.92 12.70
N GLU B 20 18.20 6.79 12.32
CA GLU B 20 18.50 8.21 12.12
C GLU B 20 18.95 8.85 13.42
N ASN B 21 18.22 8.57 14.49
CA ASN B 21 18.57 9.12 15.81
C ASN B 21 19.97 8.68 16.21
N GLU B 22 20.30 7.43 15.93
CA GLU B 22 21.60 6.88 16.29
C GLU B 22 22.71 7.51 15.44
N VAL B 23 22.50 7.60 14.13
CA VAL B 23 23.50 8.19 13.25
C VAL B 23 23.64 9.69 13.55
N ALA B 24 22.54 10.33 13.91
CA ALA B 24 22.58 11.74 14.32
C ALA B 24 23.40 11.91 15.58
N ARG B 25 23.23 10.98 16.52
CA ARG B 25 24.03 10.98 17.74
C ARG B 25 25.52 10.90 17.41
N LEU B 26 25.87 10.01 16.50
CA LEU B 26 27.26 9.79 16.15
C LEU B 26 27.80 10.96 15.33
N LYS B 27 26.98 11.49 14.41
CA LYS B 27 27.34 12.69 13.66
C LYS B 27 27.61 13.85 14.62
N LYS B 28 26.75 13.96 15.62
CA LYS B 28 26.87 14.99 16.65
C LYS B 28 28.16 14.78 17.43
N LEU B 29 28.43 13.53 17.79
CA LEU B 29 29.60 13.18 18.59
C LEU B 29 30.89 13.51 17.84
N VAL B 30 31.01 13.05 16.60
CA VAL B 30 32.22 13.25 15.82
C VAL B 30 32.37 14.73 15.41
N GLY B 31 31.26 15.45 15.38
CA GLY B 31 31.30 16.87 15.08
C GLY B 31 31.56 17.70 16.33
N GLU B 32 31.30 17.10 17.49
CA GLU B 32 31.44 17.77 18.78
C GLU B 32 32.90 17.97 19.15
N ARG B 33 33.71 16.97 18.86
CA ARG B 33 35.15 17.06 19.13
C ARG B 33 35.86 17.68 17.94
N GLY C 1 -34.74 3.67 -17.13
CA GLY C 1 -33.82 2.89 -17.99
C GLY C 1 -34.57 2.05 -19.01
N CYS C 2 -35.64 1.41 -18.58
CA CYS C 2 -36.44 0.58 -19.46
C CYS C 2 -37.85 0.40 -18.90
N GLY C 3 -37.95 0.20 -17.60
CA GLY C 3 -39.22 -0.05 -16.98
C GLY C 3 -39.39 -1.51 -16.60
N LYS C 4 -38.29 -2.14 -16.21
CA LYS C 4 -38.31 -3.54 -15.83
C LYS C 4 -37.11 -3.88 -14.94
N SER C 5 -36.03 -4.35 -15.56
CA SER C 5 -34.86 -4.79 -14.80
C SER C 5 -33.60 -4.03 -15.21
N ILE C 6 -33.63 -3.39 -16.37
CA ILE C 6 -32.52 -2.55 -16.81
C ILE C 6 -32.32 -1.39 -15.84
N ASP C 7 -33.42 -0.91 -15.30
CA ASP C 7 -33.41 0.16 -14.32
C ASP C 7 -32.72 -0.31 -13.04
N ASP C 8 -33.01 -1.56 -12.68
CA ASP C 8 -32.37 -2.21 -11.54
C ASP C 8 -30.88 -2.44 -11.83
N LEU C 9 -30.58 -2.71 -13.09
CA LEU C 9 -29.21 -2.93 -13.52
C LEU C 9 -28.37 -1.67 -13.27
N GLU C 10 -28.92 -0.52 -13.63
CA GLU C 10 -28.22 0.74 -13.42
C GLU C 10 -28.17 1.09 -11.92
N ASP C 11 -29.15 0.60 -11.17
CA ASP C 11 -29.16 0.78 -9.72
C ASP C 11 -27.88 0.23 -9.13
N GLU C 12 -27.58 -1.02 -9.42
CA GLU C 12 -26.39 -1.65 -8.89
C GLU C 12 -25.15 -1.19 -9.64
N LEU C 13 -25.31 -0.86 -10.91
CA LEU C 13 -24.20 -0.33 -11.69
C LEU C 13 -23.70 0.97 -11.08
N TYR C 14 -24.63 1.86 -10.76
CA TYR C 14 -24.28 3.11 -10.12
C TYR C 14 -23.69 2.84 -8.74
N ALA C 15 -24.21 1.81 -8.06
CA ALA C 15 -23.66 1.40 -6.78
C ALA C 15 -22.22 0.93 -6.94
N GLN C 16 -21.97 0.12 -7.97
CA GLN C 16 -20.62 -0.31 -8.30
C GLN C 16 -19.72 0.90 -8.59
N LYS C 17 -20.26 1.86 -9.34
CA LYS C 17 -19.55 3.10 -9.65
C LYS C 17 -19.17 3.85 -8.37
N LEU C 18 -20.13 3.97 -7.47
CA LEU C 18 -19.93 4.64 -6.20
C LEU C 18 -18.83 3.94 -5.40
N LYS C 19 -18.94 2.63 -5.30
CA LYS C 19 -17.95 1.83 -4.56
C LYS C 19 -16.58 1.94 -5.21
N TYR C 20 -16.55 1.90 -6.54
CA TYR C 20 -15.30 2.01 -7.28
C TYR C 20 -14.64 3.36 -7.04
N LYS C 21 -15.45 4.41 -6.98
CA LYS C 21 -14.96 5.75 -6.70
C LYS C 21 -14.43 5.82 -5.26
N ALA C 22 -15.14 5.15 -4.36
CA ALA C 22 -14.78 5.15 -2.95
C ALA C 22 -13.47 4.41 -2.71
N ILE C 23 -13.30 3.26 -3.35
CA ILE C 23 -12.11 2.43 -3.14
C ILE C 23 -10.88 3.06 -3.81
N SER C 24 -11.07 3.65 -4.99
CA SER C 24 -9.97 4.29 -5.68
C SER C 24 -9.50 5.52 -4.89
N GLU C 25 -10.46 6.27 -4.37
CA GLU C 25 -10.19 7.37 -3.46
C GLU C 25 -9.40 6.85 -2.25
N GLU C 26 -9.86 5.73 -1.72
CA GLU C 26 -9.27 5.14 -0.52
C GLU C 26 -7.81 4.74 -0.76
N LEU C 27 -7.54 4.07 -1.88
CA LEU C 27 -6.18 3.64 -2.21
C LEU C 27 -5.30 4.85 -2.49
N ASP C 28 -5.83 5.78 -3.27
CA ASP C 28 -5.12 7.01 -3.62
C ASP C 28 -4.74 7.77 -2.34
N HIS C 29 -5.73 7.94 -1.48
CA HIS C 29 -5.55 8.67 -0.24
C HIS C 29 -4.56 7.95 0.68
N ALA C 30 -4.61 6.62 0.66
CA ALA C 30 -3.78 5.81 1.55
C ALA C 30 -2.33 5.74 1.09
N LEU C 31 -2.11 5.72 -0.23
CA LEU C 31 -0.75 5.63 -0.76
C LEU C 31 -0.11 7.00 -0.90
N LYS C 32 -0.91 8.02 -1.15
CA LYS C 32 -0.41 9.39 -1.18
C LYS C 32 -0.26 9.94 0.23
N ASP C 33 -0.95 9.27 1.15
CA ASP C 33 -0.88 9.54 2.60
C ASP C 33 0.52 9.93 3.07
N MET C 34 1.44 8.97 3.02
CA MET C 34 2.73 9.14 3.66
C MET C 34 3.69 9.97 2.82
N THR C 35 3.71 9.71 1.50
CA THR C 35 4.71 10.26 0.56
C THR C 35 6.16 9.87 0.92
N SER C 36 6.41 9.65 2.19
CA SER C 36 7.71 9.19 2.65
C SER C 36 7.74 7.67 2.74
N ILE C 37 8.04 7.04 1.61
CA ILE C 37 8.23 5.61 1.53
C ILE C 37 8.79 5.31 0.15
N GLY D 1 0.44 -4.79 -9.01
CA GLY D 1 1.01 -4.79 -7.64
C GLY D 1 0.97 -3.41 -6.99
N MET D 2 0.14 -2.52 -7.54
CA MET D 2 0.03 -1.14 -7.07
C MET D 2 1.39 -0.43 -7.17
N ASP D 3 1.61 0.19 -8.32
CA ASP D 3 2.91 0.82 -8.64
C ASP D 3 3.31 1.86 -7.61
N ALA D 4 2.34 2.54 -7.02
CA ALA D 4 2.57 3.63 -6.07
C ALA D 4 3.63 3.27 -5.02
N ILE D 5 3.23 2.45 -4.06
CA ILE D 5 4.11 2.09 -2.95
C ILE D 5 5.25 1.22 -3.43
N LYS D 6 5.08 0.50 -4.52
CA LYS D 6 6.08 -0.45 -4.95
C LYS D 6 7.26 0.23 -5.64
N LYS D 7 6.97 1.24 -6.45
CA LYS D 7 8.02 2.02 -7.08
C LYS D 7 8.80 2.78 -6.02
N LYS D 8 8.06 3.37 -5.09
CA LYS D 8 8.67 4.09 -3.99
C LYS D 8 9.44 3.14 -3.08
N MET D 9 8.85 1.97 -2.80
CA MET D 9 9.50 0.92 -2.01
C MET D 9 10.90 0.63 -2.53
N GLN D 10 11.03 0.48 -3.84
CA GLN D 10 12.31 0.18 -4.45
C GLN D 10 13.28 1.32 -4.22
N MET D 11 12.80 2.54 -4.39
CA MET D 11 13.59 3.73 -4.13
C MET D 11 13.97 3.80 -2.66
N LEU D 12 13.04 3.40 -1.80
CA LEU D 12 13.24 3.37 -0.37
C LEU D 12 14.28 2.33 0.03
N LYS D 13 14.22 1.17 -0.61
CA LYS D 13 15.20 0.11 -0.36
C LYS D 13 16.60 0.60 -0.68
N LEU D 14 16.74 1.26 -1.82
CA LEU D 14 18.02 1.85 -2.22
C LEU D 14 18.40 2.97 -1.25
N ASP D 15 17.39 3.67 -0.75
CA ASP D 15 17.61 4.74 0.21
C ASP D 15 18.18 4.17 1.51
N ASN D 16 17.50 3.15 2.04
CA ASN D 16 17.94 2.49 3.27
C ASN D 16 19.34 1.90 3.11
N TYR D 17 19.66 1.43 1.91
CA TYR D 17 21.00 0.93 1.63
C TYR D 17 22.04 2.01 1.85
N HIS D 18 21.84 3.20 1.27
CA HIS D 18 22.83 4.26 1.41
C HIS D 18 22.80 4.85 2.82
N LEU D 19 21.66 4.73 3.48
CA LEU D 19 21.55 5.14 4.88
C LEU D 19 22.39 4.23 5.75
N GLU D 20 22.23 2.91 5.56
CA GLU D 20 23.02 1.93 6.30
C GLU D 20 24.51 2.12 6.02
N ASN D 21 24.85 2.32 4.74
CA ASN D 21 26.23 2.57 4.36
C ASN D 21 26.78 3.81 5.05
N GLU D 22 25.98 4.88 5.07
CA GLU D 22 26.34 6.11 5.74
C GLU D 22 26.66 5.84 7.21
N VAL D 23 25.72 5.20 7.91
CA VAL D 23 25.90 4.86 9.31
C VAL D 23 27.12 3.97 9.51
N ALA D 24 27.27 2.98 8.63
CA ALA D 24 28.36 2.02 8.72
C ALA D 24 29.73 2.72 8.57
N ARG D 25 29.83 3.58 7.56
CA ARG D 25 31.08 4.29 7.32
C ARG D 25 31.38 5.24 8.49
N LEU D 26 30.33 5.82 9.06
CA LEU D 26 30.45 6.72 10.18
C LEU D 26 30.90 5.97 11.44
N LYS D 27 30.33 4.79 11.66
CA LYS D 27 30.72 3.96 12.79
C LYS D 27 32.15 3.46 12.62
N LYS D 28 32.58 3.32 11.38
CA LYS D 28 33.97 3.01 11.10
C LYS D 28 34.83 4.23 11.40
N LEU D 29 34.36 5.38 10.93
CA LEU D 29 35.06 6.65 11.12
C LEU D 29 35.36 6.91 12.59
N VAL D 30 34.33 6.84 13.43
CA VAL D 30 34.47 7.11 14.85
C VAL D 30 35.06 5.91 15.58
N GLY D 31 34.73 4.72 15.12
CA GLY D 31 35.21 3.50 15.76
C GLY D 31 36.67 3.21 15.46
N GLU D 32 37.19 3.82 14.40
CA GLU D 32 38.58 3.65 13.99
C GLU D 32 39.53 4.17 15.05
N ARG D 33 39.02 5.07 15.89
CA ARG D 33 39.78 5.62 17.00
C ARG D 33 40.18 4.53 17.97
N GLY A 1 -35.45 -9.17 -11.83
CA GLY A 1 -35.59 -8.76 -10.42
C GLY A 1 -36.98 -9.05 -9.88
N CYS A 2 -37.45 -8.22 -8.97
CA CYS A 2 -38.79 -8.37 -8.40
C CYS A 2 -39.77 -7.44 -9.10
N GLY A 3 -39.29 -6.75 -10.12
CA GLY A 3 -40.10 -5.76 -10.80
C GLY A 3 -39.29 -4.55 -11.21
N LYS A 4 -39.47 -3.46 -10.48
CA LYS A 4 -38.78 -2.21 -10.81
C LYS A 4 -37.69 -1.94 -9.78
N SER A 5 -36.60 -1.29 -10.22
CA SER A 5 -35.48 -0.90 -9.36
C SER A 5 -34.65 -2.12 -8.93
N ILE A 6 -35.32 -3.09 -8.32
CA ILE A 6 -34.67 -4.30 -7.80
C ILE A 6 -33.87 -5.02 -8.88
N ASP A 7 -34.31 -4.95 -10.13
CA ASP A 7 -33.63 -5.64 -11.22
C ASP A 7 -32.27 -5.01 -11.49
N ASP A 8 -32.26 -3.69 -11.65
CA ASP A 8 -31.01 -2.95 -11.84
C ASP A 8 -30.09 -3.15 -10.64
N LEU A 9 -30.70 -3.19 -9.46
CA LEU A 9 -29.98 -3.44 -8.22
C LEU A 9 -29.34 -4.83 -8.24
N GLU A 10 -30.16 -5.85 -8.44
CA GLU A 10 -29.70 -7.24 -8.40
C GLU A 10 -28.52 -7.46 -9.35
N ASP A 11 -28.63 -6.91 -10.56
CA ASP A 11 -27.58 -7.06 -11.56
C ASP A 11 -26.28 -6.42 -11.09
N GLU A 12 -26.38 -5.19 -10.59
CA GLU A 12 -25.19 -4.48 -10.15
C GLU A 12 -24.68 -5.05 -8.83
N LEU A 13 -25.57 -5.63 -8.05
CA LEU A 13 -25.19 -6.30 -6.80
C LEU A 13 -24.15 -7.37 -7.07
N TYR A 14 -24.43 -8.19 -8.07
CA TYR A 14 -23.49 -9.21 -8.52
C TYR A 14 -22.20 -8.55 -9.00
N ALA A 15 -22.35 -7.52 -9.82
CA ALA A 15 -21.21 -6.80 -10.37
C ALA A 15 -20.34 -6.21 -9.26
N GLN A 16 -20.98 -5.53 -8.30
CA GLN A 16 -20.28 -4.87 -7.19
C GLN A 16 -19.38 -5.84 -6.44
N LYS A 17 -19.98 -6.90 -5.88
CA LYS A 17 -19.24 -7.81 -5.02
C LYS A 17 -18.14 -8.56 -5.77
N LEU A 18 -18.35 -8.79 -7.06
CA LEU A 18 -17.36 -9.45 -7.89
C LEU A 18 -16.14 -8.57 -8.14
N LYS A 19 -16.38 -7.28 -8.43
CA LYS A 19 -15.29 -6.36 -8.69
C LYS A 19 -14.67 -5.88 -7.39
N TYR A 20 -15.47 -5.87 -6.32
CA TYR A 20 -14.97 -5.56 -4.99
C TYR A 20 -14.01 -6.65 -4.53
N LYS A 21 -14.34 -7.89 -4.89
CA LYS A 21 -13.44 -9.00 -4.65
C LYS A 21 -12.21 -8.89 -5.54
N ALA A 22 -12.43 -8.45 -6.77
CA ALA A 22 -11.35 -8.30 -7.75
C ALA A 22 -10.29 -7.31 -7.26
N ILE A 23 -10.70 -6.13 -6.83
CA ILE A 23 -9.77 -5.14 -6.32
C ILE A 23 -9.05 -5.66 -5.08
N SER A 24 -9.81 -6.29 -4.18
CA SER A 24 -9.24 -6.84 -2.97
C SER A 24 -8.23 -7.94 -3.30
N GLU A 25 -8.55 -8.75 -4.31
CA GLU A 25 -7.65 -9.77 -4.82
C GLU A 25 -6.34 -9.14 -5.29
N GLU A 26 -6.48 -8.07 -6.05
CA GLU A 26 -5.35 -7.32 -6.57
C GLU A 26 -4.47 -6.82 -5.43
N LEU A 27 -5.10 -6.19 -4.45
CA LEU A 27 -4.39 -5.61 -3.32
C LEU A 27 -3.71 -6.69 -2.48
N ASP A 28 -4.43 -7.78 -2.23
CA ASP A 28 -3.90 -8.91 -1.47
C ASP A 28 -2.61 -9.41 -2.08
N HIS A 29 -2.63 -9.62 -3.40
CA HIS A 29 -1.47 -10.12 -4.11
C HIS A 29 -0.36 -9.10 -4.13
N ALA A 30 -0.71 -7.85 -4.40
CA ALA A 30 0.27 -6.77 -4.50
C ALA A 30 1.02 -6.57 -3.19
N LEU A 31 0.30 -6.64 -2.08
CA LEU A 31 0.90 -6.41 -0.78
C LEU A 31 1.54 -7.68 -0.20
N LYS A 32 1.13 -8.83 -0.72
CA LYS A 32 1.77 -10.09 -0.33
C LYS A 32 3.11 -10.21 -1.03
N ASP A 33 3.20 -9.57 -2.19
CA ASP A 33 4.36 -9.59 -3.07
C ASP A 33 5.69 -9.41 -2.33
N MET A 34 5.82 -8.32 -1.62
CA MET A 34 7.09 -7.96 -1.00
C MET A 34 7.30 -8.72 0.28
N THR A 35 6.26 -8.72 1.10
CA THR A 35 6.26 -9.37 2.39
C THR A 35 7.14 -8.66 3.41
N SER A 36 8.32 -8.27 3.00
CA SER A 36 9.27 -7.66 3.90
C SER A 36 9.64 -6.25 3.45
N ILE A 37 8.70 -5.32 3.60
CA ILE A 37 9.04 -3.92 3.43
C ILE A 37 9.22 -3.27 4.80
N GLY B 1 -8.98 0.40 3.17
CA GLY B 1 -8.59 -0.72 4.05
C GLY B 1 -7.25 -1.32 3.69
N MET B 2 -6.28 -0.47 3.33
CA MET B 2 -4.94 -0.97 3.03
C MET B 2 -4.09 -0.92 4.29
N ASP B 3 -4.34 -1.86 5.18
CA ASP B 3 -3.59 -1.94 6.42
C ASP B 3 -2.23 -2.58 6.20
N ALA B 4 -2.12 -3.33 5.11
CA ALA B 4 -0.90 -4.06 4.78
C ALA B 4 0.33 -3.15 4.78
N ILE B 5 0.48 -2.33 3.75
CA ILE B 5 1.65 -1.45 3.63
C ILE B 5 1.62 -0.35 4.67
N LYS B 6 0.43 0.17 4.98
CA LYS B 6 0.34 1.29 5.92
C LYS B 6 0.85 0.92 7.31
N LYS B 7 0.46 -0.24 7.82
CA LYS B 7 0.92 -0.69 9.12
C LYS B 7 2.39 -1.10 9.05
N LYS B 8 2.79 -1.68 7.92
CA LYS B 8 4.19 -2.00 7.68
C LYS B 8 5.03 -0.74 7.64
N MET B 9 4.53 0.30 6.98
CA MET B 9 5.22 1.59 6.90
C MET B 9 5.52 2.13 8.29
N GLN B 10 4.52 2.07 9.17
CA GLN B 10 4.70 2.55 10.54
C GLN B 10 5.83 1.77 11.21
N MET B 11 5.73 0.44 11.16
CA MET B 11 6.75 -0.42 11.74
C MET B 11 8.10 -0.16 11.09
N LEU B 12 8.06 0.03 9.78
CA LEU B 12 9.25 0.30 8.98
C LEU B 12 9.95 1.58 9.46
N LYS B 13 9.21 2.69 9.46
CA LYS B 13 9.81 3.98 9.82
C LYS B 13 10.21 4.00 11.28
N LEU B 14 9.42 3.37 12.13
CA LEU B 14 9.79 3.23 13.53
C LEU B 14 11.10 2.46 13.65
N ASP B 15 11.23 1.39 12.86
CA ASP B 15 12.44 0.60 12.83
C ASP B 15 13.58 1.43 12.27
N ASN B 16 13.29 2.18 11.22
CA ASN B 16 14.25 3.08 10.60
C ASN B 16 14.72 4.11 11.61
N TYR B 17 13.81 4.60 12.44
CA TYR B 17 14.19 5.53 13.50
C TYR B 17 15.17 4.91 14.49
N HIS B 18 14.99 3.62 14.84
CA HIS B 18 15.98 2.95 15.69
C HIS B 18 17.30 2.91 14.97
N LEU B 19 17.26 2.32 13.79
CA LEU B 19 18.44 2.16 12.94
C LEU B 19 19.16 3.51 12.73
N GLU B 20 18.39 4.54 12.37
CA GLU B 20 18.92 5.88 12.15
C GLU B 20 19.69 6.38 13.37
N ASN B 21 19.04 6.34 14.52
CA ASN B 21 19.65 6.78 15.76
C ASN B 21 20.83 5.91 16.14
N GLU B 22 20.74 4.63 15.82
CA GLU B 22 21.80 3.67 16.11
C GLU B 22 23.06 4.04 15.34
N VAL B 23 22.89 4.34 14.05
CA VAL B 23 24.01 4.77 13.21
C VAL B 23 24.64 6.04 13.76
N ALA B 24 23.79 6.98 14.16
CA ALA B 24 24.24 8.24 14.73
C ALA B 24 25.05 7.99 16.01
N ARG B 25 24.51 7.18 16.91
CA ARG B 25 25.19 6.83 18.14
C ARG B 25 26.54 6.19 17.86
N LEU B 26 26.53 5.23 16.95
CA LEU B 26 27.72 4.45 16.66
C LEU B 26 28.81 5.32 16.02
N LYS B 27 28.40 6.19 15.10
CA LYS B 27 29.34 7.13 14.47
C LYS B 27 30.01 8.02 15.52
N LYS B 28 29.23 8.48 16.49
CA LYS B 28 29.77 9.33 17.54
C LYS B 28 30.69 8.51 18.44
N LEU B 29 30.24 7.32 18.80
CA LEU B 29 31.00 6.43 19.68
C LEU B 29 32.33 6.06 19.05
N VAL B 30 32.31 5.63 17.79
CA VAL B 30 33.52 5.20 17.12
C VAL B 30 34.50 6.36 16.96
N GLY B 31 33.98 7.56 16.73
CA GLY B 31 34.83 8.72 16.57
C GLY B 31 35.36 9.25 17.89
N GLU B 32 34.71 8.88 18.98
CA GLU B 32 35.07 9.40 20.31
C GLU B 32 36.32 8.70 20.85
N ARG B 33 36.62 7.50 20.38
CA ARG B 33 37.83 6.79 20.83
C ARG B 33 38.98 7.10 19.90
N GLY C 1 -39.32 -12.58 -5.49
CA GLY C 1 -38.32 -12.37 -6.57
C GLY C 1 -36.90 -12.34 -6.04
N CYS C 2 -35.96 -12.78 -6.87
CA CYS C 2 -34.53 -12.77 -6.54
C CYS C 2 -34.22 -13.72 -5.38
N GLY C 3 -35.20 -14.52 -5.00
CA GLY C 3 -35.01 -15.51 -3.96
C GLY C 3 -35.62 -15.09 -2.65
N LYS C 4 -34.85 -14.33 -1.87
CA LYS C 4 -35.29 -13.89 -0.56
C LYS C 4 -34.26 -12.94 0.02
N SER C 5 -34.60 -12.31 1.15
CA SER C 5 -33.70 -11.40 1.83
C SER C 5 -33.30 -10.24 0.91
N ILE C 6 -34.20 -9.89 0.01
CA ILE C 6 -33.92 -8.85 -0.98
C ILE C 6 -33.74 -7.50 -0.30
N ASP C 7 -34.36 -7.32 0.87
CA ASP C 7 -34.20 -6.10 1.65
C ASP C 7 -32.78 -6.01 2.18
N ASP C 8 -32.25 -7.14 2.63
CA ASP C 8 -30.86 -7.21 3.08
C ASP C 8 -29.92 -7.06 1.90
N LEU C 9 -30.34 -7.60 0.77
CA LEU C 9 -29.59 -7.48 -0.48
C LEU C 9 -29.44 -6.01 -0.87
N GLU C 10 -30.52 -5.25 -0.74
CA GLU C 10 -30.46 -3.81 -0.99
C GLU C 10 -29.47 -3.14 -0.05
N ASP C 11 -29.55 -3.51 1.23
CA ASP C 11 -28.70 -2.95 2.27
C ASP C 11 -27.22 -3.16 1.93
N GLU C 12 -26.85 -4.41 1.72
CA GLU C 12 -25.47 -4.74 1.44
C GLU C 12 -25.06 -4.19 0.08
N LEU C 13 -26.01 -4.10 -0.84
CA LEU C 13 -25.74 -3.59 -2.18
C LEU C 13 -25.14 -2.19 -2.10
N TYR C 14 -25.86 -1.30 -1.41
CA TYR C 14 -25.37 0.05 -1.21
C TYR C 14 -24.00 0.00 -0.55
N ALA C 15 -23.88 -0.83 0.49
CA ALA C 15 -22.62 -1.01 1.20
C ALA C 15 -21.51 -1.46 0.26
N GLN C 16 -21.83 -2.40 -0.64
CA GLN C 16 -20.87 -2.91 -1.61
C GLN C 16 -20.15 -1.77 -2.33
N LYS C 17 -20.90 -0.95 -3.06
CA LYS C 17 -20.26 0.10 -3.87
C LYS C 17 -19.81 1.27 -3.01
N LEU C 18 -20.39 1.43 -1.83
CA LEU C 18 -19.93 2.45 -0.90
C LEU C 18 -18.52 2.11 -0.41
N LYS C 19 -18.32 0.85 -0.04
CA LYS C 19 -17.00 0.40 0.41
C LYS C 19 -16.04 0.38 -0.75
N TYR C 20 -16.54 0.02 -1.93
CA TYR C 20 -15.73 0.01 -3.15
C TYR C 20 -15.21 1.41 -3.45
N LYS C 21 -16.09 2.39 -3.36
CA LYS C 21 -15.71 3.79 -3.52
C LYS C 21 -14.72 4.19 -2.44
N ALA C 22 -15.02 3.81 -1.21
CA ALA C 22 -14.21 4.17 -0.06
C ALA C 22 -12.80 3.59 -0.14
N ILE C 23 -12.70 2.33 -0.53
CA ILE C 23 -11.40 1.67 -0.58
C ILE C 23 -10.54 2.24 -1.70
N SER C 24 -11.14 2.55 -2.84
CA SER C 24 -10.41 3.18 -3.93
C SER C 24 -9.97 4.58 -3.51
N GLU C 25 -10.84 5.25 -2.76
CA GLU C 25 -10.55 6.56 -2.22
C GLU C 25 -9.36 6.48 -1.28
N GLU C 26 -9.33 5.44 -0.46
CA GLU C 26 -8.25 5.26 0.50
C GLU C 26 -6.94 4.94 -0.22
N LEU C 27 -7.01 4.16 -1.30
CA LEU C 27 -5.81 3.83 -2.06
C LEU C 27 -5.09 5.11 -2.48
N ASP C 28 -5.83 6.04 -3.07
CA ASP C 28 -5.23 7.30 -3.48
C ASP C 28 -4.87 8.14 -2.26
N HIS C 29 -5.82 8.30 -1.36
CA HIS C 29 -5.64 9.12 -0.17
C HIS C 29 -4.42 8.68 0.63
N ALA C 30 -4.36 7.40 0.95
CA ALA C 30 -3.33 6.85 1.81
C ALA C 30 -1.96 6.84 1.16
N LEU C 31 -1.89 6.39 -0.08
CA LEU C 31 -0.60 6.32 -0.78
C LEU C 31 -0.07 7.73 -1.06
N LYS C 32 -0.96 8.70 -1.09
CA LYS C 32 -0.58 10.10 -1.23
C LYS C 32 -0.25 10.71 0.13
N ASP C 33 -0.82 10.14 1.20
CA ASP C 33 -0.44 10.52 2.56
C ASP C 33 1.01 10.16 2.81
N MET C 34 1.32 8.92 2.49
CA MET C 34 2.61 8.35 2.80
C MET C 34 3.64 8.64 1.71
N THR C 35 3.71 9.89 1.30
CA THR C 35 4.71 10.34 0.34
C THR C 35 6.10 10.39 0.97
N SER C 36 6.34 9.49 1.92
CA SER C 36 7.61 9.39 2.60
C SER C 36 8.11 7.94 2.61
N ILE C 37 7.45 7.09 1.84
CA ILE C 37 7.94 5.73 1.61
C ILE C 37 8.96 5.77 0.47
N GLY D 1 -1.59 -4.06 -10.15
CA GLY D 1 -1.34 -3.91 -8.71
C GLY D 1 -1.32 -2.45 -8.30
N MET D 2 -0.44 -2.11 -7.36
CA MET D 2 -0.29 -0.73 -6.92
C MET D 2 1.15 -0.29 -7.08
N ASP D 3 1.47 0.29 -8.23
CA ASP D 3 2.84 0.67 -8.59
C ASP D 3 3.40 1.71 -7.64
N ALA D 4 2.51 2.57 -7.12
CA ALA D 4 2.88 3.62 -6.17
C ALA D 4 3.80 3.08 -5.09
N ILE D 5 3.25 2.24 -4.23
CA ILE D 5 3.99 1.66 -3.12
C ILE D 5 5.22 0.89 -3.59
N LYS D 6 5.12 0.25 -4.75
CA LYS D 6 6.17 -0.66 -5.18
C LYS D 6 7.46 0.04 -5.57
N LYS D 7 7.38 1.04 -6.44
CA LYS D 7 8.59 1.70 -6.88
C LYS D 7 9.12 2.60 -5.77
N LYS D 8 8.21 3.13 -4.96
CA LYS D 8 8.62 3.90 -3.80
C LYS D 8 9.29 2.98 -2.77
N MET D 9 8.75 1.76 -2.64
CA MET D 9 9.37 0.72 -1.83
C MET D 9 10.78 0.46 -2.29
N GLN D 10 10.95 0.35 -3.61
CA GLN D 10 12.25 0.04 -4.20
C GLN D 10 13.30 1.04 -3.75
N MET D 11 12.97 2.32 -3.89
CA MET D 11 13.89 3.37 -3.49
C MET D 11 14.05 3.42 -1.97
N LEU D 12 12.96 3.14 -1.26
CA LEU D 12 12.97 3.08 0.19
C LEU D 12 13.90 1.98 0.68
N LYS D 13 13.75 0.77 0.15
CA LYS D 13 14.55 -0.35 0.57
C LYS D 13 16.02 -0.15 0.20
N LEU D 14 16.26 0.45 -0.97
CA LEU D 14 17.62 0.81 -1.36
C LEU D 14 18.21 1.78 -0.35
N ASP D 15 17.39 2.72 0.12
CA ASP D 15 17.82 3.66 1.15
C ASP D 15 18.10 2.93 2.45
N ASN D 16 17.19 2.04 2.83
CA ASN D 16 17.33 1.25 4.04
C ASN D 16 18.59 0.38 3.97
N TYR D 17 18.82 -0.25 2.83
CA TYR D 17 19.96 -1.15 2.67
C TYR D 17 21.29 -0.40 2.64
N HIS D 18 21.35 0.80 2.05
CA HIS D 18 22.60 1.54 2.06
C HIS D 18 22.92 2.03 3.46
N LEU D 19 21.86 2.29 4.25
CA LEU D 19 22.03 2.67 5.64
C LEU D 19 22.46 1.47 6.47
N GLU D 20 21.86 0.32 6.17
CA GLU D 20 22.23 -0.93 6.83
C GLU D 20 23.68 -1.27 6.53
N ASN D 21 24.09 -1.09 5.27
CA ASN D 21 25.46 -1.34 4.85
C ASN D 21 26.41 -0.42 5.61
N GLU D 22 26.01 0.84 5.77
CA GLU D 22 26.76 1.83 6.53
C GLU D 22 27.03 1.34 7.95
N VAL D 23 25.97 0.98 8.67
CA VAL D 23 26.10 0.57 10.06
C VAL D 23 26.77 -0.80 10.17
N ALA D 24 26.59 -1.64 9.15
CA ALA D 24 27.22 -2.96 9.13
C ALA D 24 28.74 -2.85 9.05
N ARG D 25 29.22 -2.01 8.14
CA ARG D 25 30.66 -1.79 8.01
C ARG D 25 31.19 -1.09 9.26
N LEU D 26 30.40 -0.18 9.80
CA LEU D 26 30.79 0.56 10.99
C LEU D 26 30.88 -0.37 12.20
N LYS D 27 29.90 -1.25 12.34
CA LYS D 27 29.89 -2.24 13.42
C LYS D 27 31.06 -3.20 13.28
N LYS D 28 31.51 -3.43 12.06
CA LYS D 28 32.67 -4.26 11.82
C LYS D 28 33.93 -3.56 12.32
N LEU D 29 34.05 -2.28 11.96
CA LEU D 29 35.19 -1.48 12.34
C LEU D 29 35.24 -1.27 13.86
N VAL D 30 34.14 -0.79 14.43
CA VAL D 30 34.07 -0.53 15.85
C VAL D 30 33.99 -1.82 16.64
N GLY D 31 33.51 -2.88 16.00
CA GLY D 31 33.39 -4.17 16.65
C GLY D 31 34.73 -4.85 16.79
N GLU D 32 35.67 -4.49 15.93
CA GLU D 32 37.03 -4.99 16.04
C GLU D 32 37.71 -4.41 17.27
N ARG D 33 37.40 -3.13 17.55
CA ARG D 33 37.95 -2.45 18.71
C ARG D 33 36.91 -2.38 19.82
N GLY A 1 -36.54 -5.39 -2.88
CA GLY A 1 -37.85 -5.37 -3.56
C GLY A 1 -37.89 -6.31 -4.75
N CYS A 2 -38.72 -5.98 -5.73
CA CYS A 2 -38.86 -6.81 -6.93
C CYS A 2 -39.35 -5.98 -8.10
N GLY A 3 -38.97 -6.39 -9.30
CA GLY A 3 -39.40 -5.70 -10.49
C GLY A 3 -38.50 -5.98 -11.66
N LYS A 4 -38.15 -4.94 -12.40
CA LYS A 4 -37.34 -5.06 -13.59
C LYS A 4 -35.93 -4.60 -13.29
N SER A 5 -35.80 -3.75 -12.28
CA SER A 5 -34.50 -3.33 -11.80
C SER A 5 -33.81 -4.50 -11.10
N ILE A 6 -34.59 -5.53 -10.83
CA ILE A 6 -34.09 -6.76 -10.25
C ILE A 6 -33.29 -7.55 -11.28
N ASP A 7 -33.67 -7.41 -12.56
CA ASP A 7 -32.88 -7.96 -13.65
C ASP A 7 -31.48 -7.34 -13.63
N ASP A 8 -31.46 -6.01 -13.52
CA ASP A 8 -30.22 -5.26 -13.42
C ASP A 8 -29.46 -5.68 -12.17
N LEU A 9 -30.20 -5.92 -11.09
CA LEU A 9 -29.64 -6.37 -9.82
C LEU A 9 -28.71 -7.56 -10.02
N GLU A 10 -29.21 -8.62 -10.62
CA GLU A 10 -28.41 -9.83 -10.81
C GLU A 10 -27.22 -9.56 -11.72
N ASP A 11 -27.48 -8.94 -12.87
CA ASP A 11 -26.43 -8.65 -13.85
C ASP A 11 -25.30 -7.83 -13.21
N GLU A 12 -25.70 -6.74 -12.60
CA GLU A 12 -24.78 -5.80 -11.98
C GLU A 12 -24.07 -6.44 -10.78
N LEU A 13 -24.80 -7.23 -10.00
CA LEU A 13 -24.23 -7.87 -8.82
C LEU A 13 -23.05 -8.74 -9.20
N TYR A 14 -23.24 -9.59 -10.21
CA TYR A 14 -22.17 -10.47 -10.67
C TYR A 14 -21.00 -9.65 -11.20
N ALA A 15 -21.31 -8.64 -12.00
CA ALA A 15 -20.28 -7.80 -12.61
C ALA A 15 -19.47 -7.06 -11.55
N GLN A 16 -20.14 -6.39 -10.63
CA GLN A 16 -19.46 -5.63 -9.59
C GLN A 16 -18.75 -6.53 -8.59
N LYS A 17 -19.36 -7.66 -8.25
CA LYS A 17 -18.76 -8.59 -7.28
C LYS A 17 -17.48 -9.19 -7.84
N LEU A 18 -17.47 -9.45 -9.15
CA LEU A 18 -16.26 -9.92 -9.83
C LEU A 18 -15.19 -8.84 -9.79
N LYS A 19 -15.58 -7.60 -10.05
CA LYS A 19 -14.66 -6.47 -10.00
C LYS A 19 -14.12 -6.28 -8.59
N TYR A 20 -15.01 -6.45 -7.60
CA TYR A 20 -14.64 -6.34 -6.19
C TYR A 20 -13.54 -7.33 -5.85
N LYS A 21 -13.69 -8.57 -6.30
CA LYS A 21 -12.69 -9.59 -6.06
C LYS A 21 -11.43 -9.32 -6.88
N ALA A 22 -11.63 -8.85 -8.11
CA ALA A 22 -10.52 -8.54 -9.01
C ALA A 22 -9.56 -7.53 -8.39
N ILE A 23 -10.10 -6.41 -7.92
CA ILE A 23 -9.28 -5.37 -7.30
C ILE A 23 -8.66 -5.86 -6.00
N SER A 24 -9.46 -6.53 -5.18
CA SER A 24 -9.00 -7.03 -3.90
C SER A 24 -7.86 -8.02 -4.08
N GLU A 25 -8.03 -8.94 -5.03
CA GLU A 25 -6.98 -9.89 -5.39
C GLU A 25 -5.69 -9.17 -5.76
N GLU A 26 -5.82 -8.13 -6.56
CA GLU A 26 -4.67 -7.37 -7.03
C GLU A 26 -4.00 -6.64 -5.87
N LEU A 27 -4.82 -6.14 -4.94
CA LEU A 27 -4.28 -5.50 -3.73
C LEU A 27 -3.55 -6.52 -2.88
N ASP A 28 -4.18 -7.66 -2.64
CA ASP A 28 -3.55 -8.76 -1.90
C ASP A 28 -2.21 -9.09 -2.53
N HIS A 29 -2.24 -9.30 -3.83
CA HIS A 29 -1.04 -9.57 -4.62
C HIS A 29 0.02 -8.49 -4.38
N ALA A 30 -0.34 -7.24 -4.65
CA ALA A 30 0.60 -6.13 -4.58
C ALA A 30 1.24 -6.00 -3.21
N LEU A 31 0.45 -6.23 -2.16
CA LEU A 31 0.93 -6.08 -0.81
C LEU A 31 1.72 -7.29 -0.33
N LYS A 32 1.49 -8.44 -0.96
CA LYS A 32 2.25 -9.64 -0.62
C LYS A 32 3.57 -9.68 -1.39
N ASP A 33 3.64 -8.91 -2.48
CA ASP A 33 4.85 -8.86 -3.30
C ASP A 33 6.04 -8.33 -2.52
N MET A 34 5.77 -7.45 -1.54
CA MET A 34 6.84 -6.79 -0.81
C MET A 34 7.64 -7.75 0.05
N THR A 35 7.06 -8.12 1.20
CA THR A 35 7.68 -8.99 2.22
C THR A 35 8.95 -8.38 2.84
N SER A 36 9.62 -7.51 2.09
CA SER A 36 10.72 -6.72 2.62
C SER A 36 10.15 -5.57 3.45
N ILE A 37 8.84 -5.44 3.36
CA ILE A 37 8.05 -4.56 4.19
C ILE A 37 6.74 -5.28 4.49
N GLY B 1 -7.59 3.39 5.86
CA GLY B 1 -6.38 3.15 5.03
C GLY B 1 -6.20 1.70 4.69
N MET B 2 -5.35 1.41 3.70
CA MET B 2 -4.96 0.03 3.41
C MET B 2 -4.05 -0.46 4.53
N ASP B 3 -4.68 -1.02 5.56
CA ASP B 3 -3.99 -1.37 6.81
C ASP B 3 -2.77 -2.23 6.58
N ALA B 4 -2.87 -3.18 5.64
CA ALA B 4 -1.78 -4.09 5.34
C ALA B 4 -0.43 -3.37 5.25
N ILE B 5 -0.33 -2.46 4.29
CA ILE B 5 0.91 -1.73 4.05
C ILE B 5 1.20 -0.72 5.16
N LYS B 6 0.18 -0.11 5.72
CA LYS B 6 0.40 0.97 6.69
C LYS B 6 0.81 0.41 8.05
N LYS B 7 0.30 -0.77 8.38
CA LYS B 7 0.69 -1.47 9.59
C LYS B 7 2.15 -1.90 9.47
N LYS B 8 2.48 -2.43 8.28
CA LYS B 8 3.86 -2.75 7.95
C LYS B 8 4.73 -1.49 8.00
N MET B 9 4.28 -0.44 7.32
CA MET B 9 4.98 0.83 7.26
C MET B 9 5.27 1.38 8.65
N GLN B 10 4.31 1.23 9.57
CA GLN B 10 4.46 1.70 10.93
C GLN B 10 5.67 1.05 11.58
N MET B 11 5.66 -0.28 11.62
CA MET B 11 6.78 -1.02 12.21
C MET B 11 8.06 -0.78 11.41
N LEU B 12 7.90 -0.61 10.10
CA LEU B 12 9.02 -0.32 9.21
C LEU B 12 9.73 0.96 9.62
N LYS B 13 8.97 2.05 9.72
CA LYS B 13 9.54 3.34 10.08
C LYS B 13 10.11 3.31 11.49
N LEU B 14 9.46 2.57 12.38
CA LEU B 14 9.98 2.41 13.74
C LEU B 14 11.32 1.70 13.72
N ASP B 15 11.42 0.66 12.89
CA ASP B 15 12.67 -0.09 12.76
C ASP B 15 13.74 0.77 12.12
N ASN B 16 13.37 1.47 11.05
CA ASN B 16 14.30 2.35 10.36
C ASN B 16 14.80 3.45 11.30
N TYR B 17 13.89 3.98 12.10
CA TYR B 17 14.22 5.10 12.96
C TYR B 17 15.21 4.69 14.06
N HIS B 18 14.99 3.54 14.69
CA HIS B 18 15.90 3.11 15.76
C HIS B 18 17.26 2.74 15.16
N LEU B 19 17.25 2.23 13.93
CA LEU B 19 18.50 1.86 13.26
C LEU B 19 19.28 3.11 12.88
N GLU B 20 18.58 4.11 12.38
CA GLU B 20 19.20 5.37 12.01
C GLU B 20 19.73 6.10 13.24
N ASN B 21 19.02 5.92 14.35
CA ASN B 21 19.40 6.55 15.61
C ASN B 21 20.63 5.84 16.15
N GLU B 22 20.62 4.53 16.02
CA GLU B 22 21.74 3.70 16.42
C GLU B 22 23.01 4.03 15.65
N VAL B 23 22.91 4.08 14.32
CA VAL B 23 24.09 4.31 13.50
C VAL B 23 24.69 5.70 13.74
N ALA B 24 23.84 6.72 13.88
CA ALA B 24 24.32 8.06 14.15
C ALA B 24 24.93 8.13 15.55
N ARG B 25 24.33 7.40 16.47
CA ARG B 25 24.79 7.34 17.85
C ARG B 25 26.15 6.67 17.92
N LEU B 26 26.30 5.57 17.19
CA LEU B 26 27.52 4.78 17.21
C LEU B 26 28.69 5.52 16.58
N LYS B 27 28.46 6.22 15.46
CA LYS B 27 29.53 6.97 14.81
C LYS B 27 29.90 8.20 15.62
N LYS B 28 28.96 8.68 16.42
CA LYS B 28 29.25 9.73 17.38
C LYS B 28 30.15 9.17 18.48
N LEU B 29 29.82 7.97 18.94
CA LEU B 29 30.58 7.27 19.95
C LEU B 29 32.02 7.03 19.50
N VAL B 30 32.19 6.51 18.29
CA VAL B 30 33.54 6.25 17.76
C VAL B 30 34.24 7.57 17.41
N GLY B 31 33.46 8.63 17.24
CA GLY B 31 34.03 9.94 17.02
C GLY B 31 34.52 10.56 18.33
N GLU B 32 34.01 10.05 19.44
CA GLU B 32 34.41 10.52 20.77
C GLU B 32 35.82 10.09 21.14
N ARG B 33 36.34 9.07 20.47
CA ARG B 33 37.67 8.58 20.76
C ARG B 33 38.67 9.05 19.71
N GLY C 1 -39.23 -9.35 -0.88
CA GLY C 1 -38.72 -8.94 -2.20
C GLY C 1 -39.25 -9.81 -3.32
N CYS C 2 -38.33 -10.42 -4.06
CA CYS C 2 -38.73 -11.31 -5.16
C CYS C 2 -38.39 -12.75 -4.79
N GLY C 3 -39.34 -13.44 -4.17
CA GLY C 3 -39.11 -14.80 -3.77
C GLY C 3 -38.31 -14.88 -2.49
N LYS C 4 -36.99 -14.87 -2.63
CA LYS C 4 -36.08 -14.91 -1.50
C LYS C 4 -34.65 -14.64 -1.98
N SER C 5 -33.80 -14.17 -1.05
CA SER C 5 -32.39 -13.89 -1.32
C SER C 5 -32.21 -12.57 -2.09
N ILE C 6 -33.20 -12.21 -2.90
CA ILE C 6 -33.13 -11.00 -3.72
C ILE C 6 -32.87 -9.74 -2.88
N ASP C 7 -33.53 -9.64 -1.73
CA ASP C 7 -33.36 -8.44 -0.89
C ASP C 7 -31.97 -8.40 -0.28
N ASP C 8 -31.40 -9.57 -0.01
CA ASP C 8 -30.03 -9.66 0.48
C ASP C 8 -29.07 -9.19 -0.62
N LEU C 9 -29.30 -9.74 -1.82
CA LEU C 9 -28.53 -9.37 -3.00
C LEU C 9 -28.67 -7.88 -3.32
N GLU C 10 -29.89 -7.37 -3.18
CA GLU C 10 -30.18 -5.97 -3.42
C GLU C 10 -29.40 -5.09 -2.45
N ASP C 11 -29.51 -5.43 -1.17
CA ASP C 11 -28.80 -4.70 -0.12
C ASP C 11 -27.31 -4.67 -0.37
N GLU C 12 -26.76 -5.82 -0.71
CA GLU C 12 -25.32 -5.93 -0.89
C GLU C 12 -24.87 -5.30 -2.19
N LEU C 13 -25.76 -5.22 -3.18
CA LEU C 13 -25.43 -4.56 -4.43
C LEU C 13 -25.11 -3.10 -4.18
N TYR C 14 -26.00 -2.43 -3.44
CA TYR C 14 -25.76 -1.05 -3.08
C TYR C 14 -24.53 -0.93 -2.19
N ALA C 15 -24.31 -1.94 -1.36
CA ALA C 15 -23.14 -1.99 -0.50
C ALA C 15 -21.86 -2.16 -1.33
N GLN C 16 -21.92 -3.01 -2.36
CA GLN C 16 -20.81 -3.19 -3.28
C GLN C 16 -20.34 -1.84 -3.83
N LYS C 17 -21.26 -1.05 -4.35
CA LYS C 17 -20.93 0.28 -4.90
C LYS C 17 -20.29 1.16 -3.83
N LEU C 18 -20.89 1.18 -2.64
CA LEU C 18 -20.39 2.00 -1.54
C LEU C 18 -18.96 1.62 -1.18
N LYS C 19 -18.71 0.33 -1.05
CA LYS C 19 -17.40 -0.17 -0.67
C LYS C 19 -16.40 -0.03 -1.81
N TYR C 20 -16.86 -0.26 -3.03
CA TYR C 20 -16.01 -0.13 -4.21
C TYR C 20 -15.49 1.30 -4.32
N LYS C 21 -16.37 2.28 -4.13
CA LYS C 21 -15.96 3.68 -4.14
C LYS C 21 -15.06 3.96 -2.94
N ALA C 22 -15.45 3.46 -1.78
CA ALA C 22 -14.71 3.68 -0.54
C ALA C 22 -13.28 3.20 -0.66
N ILE C 23 -13.11 1.96 -1.13
CA ILE C 23 -11.78 1.37 -1.23
C ILE C 23 -10.95 2.08 -2.31
N SER C 24 -11.60 2.48 -3.40
CA SER C 24 -10.91 3.20 -4.46
C SER C 24 -10.42 4.56 -3.97
N GLU C 25 -11.28 5.26 -3.25
CA GLU C 25 -10.92 6.53 -2.63
C GLU C 25 -9.84 6.30 -1.58
N GLU C 26 -9.96 5.17 -0.88
CA GLU C 26 -9.05 4.80 0.17
C GLU C 26 -7.63 4.60 -0.38
N LEU C 27 -7.49 3.72 -1.37
CA LEU C 27 -6.17 3.42 -1.92
C LEU C 27 -5.54 4.66 -2.56
N ASP C 28 -6.38 5.52 -3.12
CA ASP C 28 -5.90 6.79 -3.66
C ASP C 28 -5.26 7.63 -2.56
N HIS C 29 -6.03 7.86 -1.49
CA HIS C 29 -5.56 8.69 -0.40
C HIS C 29 -4.42 8.00 0.35
N ALA C 30 -4.52 6.69 0.54
CA ALA C 30 -3.56 5.95 1.32
C ALA C 30 -2.17 5.96 0.67
N LEU C 31 -2.12 5.68 -0.62
CA LEU C 31 -0.84 5.56 -1.31
C LEU C 31 -0.28 6.93 -1.67
N LYS C 32 -1.16 7.92 -1.81
CA LYS C 32 -0.75 9.28 -2.12
C LYS C 32 -0.39 10.03 -0.83
N ASP C 33 -0.87 9.51 0.29
CA ASP C 33 -0.52 10.03 1.61
C ASP C 33 0.96 9.89 1.86
N MET C 34 1.49 8.77 1.39
CA MET C 34 2.79 8.31 1.80
C MET C 34 3.86 8.61 0.76
N THR C 35 3.83 9.82 0.24
CA THR C 35 4.86 10.31 -0.66
C THR C 35 6.20 10.53 0.07
N SER C 36 6.45 9.73 1.11
CA SER C 36 7.66 9.83 1.90
C SER C 36 8.12 8.45 2.37
N ILE C 37 7.62 7.41 1.72
CA ILE C 37 8.05 6.05 2.01
C ILE C 37 9.07 5.62 0.98
N GLY D 1 -0.17 -4.29 -9.61
CA GLY D 1 -1.09 -3.75 -8.60
C GLY D 1 -0.95 -2.26 -8.41
N MET D 2 -0.84 -1.82 -7.17
CA MET D 2 -0.64 -0.41 -6.89
C MET D 2 0.84 -0.09 -6.86
N ASP D 3 1.33 0.39 -8.00
CA ASP D 3 2.76 0.65 -8.19
C ASP D 3 3.26 1.75 -7.27
N ALA D 4 2.34 2.55 -6.74
CA ALA D 4 2.68 3.65 -5.85
C ALA D 4 3.66 3.23 -4.76
N ILE D 5 3.25 2.29 -3.90
CA ILE D 5 4.14 1.82 -2.85
C ILE D 5 5.20 0.90 -3.44
N LYS D 6 4.88 0.22 -4.53
CA LYS D 6 5.83 -0.69 -5.17
C LYS D 6 7.11 0.07 -5.58
N LYS D 7 6.93 1.21 -6.25
CA LYS D 7 8.04 2.05 -6.67
C LYS D 7 8.78 2.63 -5.48
N LYS D 8 8.02 3.21 -4.55
CA LYS D 8 8.63 3.83 -3.38
C LYS D 8 9.31 2.78 -2.50
N MET D 9 8.71 1.60 -2.40
CA MET D 9 9.31 0.48 -1.68
C MET D 9 10.68 0.15 -2.24
N GLN D 10 10.79 0.17 -3.56
CA GLN D 10 12.03 -0.14 -4.23
C GLN D 10 13.12 0.83 -3.79
N MET D 11 12.80 2.12 -3.84
CA MET D 11 13.74 3.15 -3.39
C MET D 11 14.01 3.00 -1.90
N LEU D 12 12.94 2.77 -1.15
CA LEU D 12 13.00 2.55 0.30
C LEU D 12 13.98 1.44 0.66
N LYS D 13 13.74 0.25 0.12
CA LYS D 13 14.54 -0.92 0.47
C LYS D 13 15.98 -0.77 -0.01
N LEU D 14 16.17 -0.06 -1.13
CA LEU D 14 17.51 0.20 -1.61
C LEU D 14 18.24 1.18 -0.69
N ASP D 15 17.49 2.14 -0.15
CA ASP D 15 18.05 3.07 0.82
C ASP D 15 18.38 2.31 2.10
N ASN D 16 17.47 1.45 2.51
CA ASN D 16 17.67 0.61 3.69
C ASN D 16 18.85 -0.32 3.49
N TYR D 17 19.02 -0.80 2.27
CA TYR D 17 20.10 -1.73 1.96
C TYR D 17 21.45 -1.07 2.16
N HIS D 18 21.63 0.13 1.63
CA HIS D 18 22.92 0.82 1.78
C HIS D 18 23.05 1.38 3.19
N LEU D 19 21.92 1.55 3.87
CA LEU D 19 21.92 2.01 5.25
C LEU D 19 22.33 0.86 6.16
N GLU D 20 21.89 -0.34 5.82
CA GLU D 20 22.32 -1.56 6.49
C GLU D 20 23.84 -1.67 6.42
N ASN D 21 24.38 -1.44 5.22
CA ASN D 21 25.82 -1.47 4.99
C ASN D 21 26.51 -0.35 5.80
N GLU D 22 25.88 0.82 5.84
CA GLU D 22 26.35 1.94 6.65
C GLU D 22 26.56 1.50 8.10
N VAL D 23 25.52 0.90 8.68
CA VAL D 23 25.58 0.43 10.07
C VAL D 23 26.60 -0.70 10.20
N ALA D 24 26.55 -1.64 9.25
CA ALA D 24 27.44 -2.80 9.27
C ALA D 24 28.91 -2.38 9.28
N ARG D 25 29.27 -1.48 8.37
CA ARG D 25 30.65 -0.99 8.26
C ARG D 25 31.07 -0.30 9.54
N LEU D 26 30.18 0.52 10.07
CA LEU D 26 30.47 1.29 11.26
C LEU D 26 30.72 0.39 12.47
N LYS D 27 29.78 -0.51 12.73
CA LYS D 27 29.89 -1.39 13.90
C LYS D 27 31.02 -2.39 13.70
N LYS D 28 31.34 -2.64 12.44
CA LYS D 28 32.48 -3.48 12.08
C LYS D 28 33.77 -2.82 12.51
N LEU D 29 33.89 -1.53 12.22
CA LEU D 29 35.06 -0.75 12.57
C LEU D 29 35.19 -0.66 14.09
N VAL D 30 34.07 -0.38 14.75
CA VAL D 30 34.06 -0.22 16.20
C VAL D 30 34.32 -1.55 16.91
N GLY D 31 33.72 -2.62 16.41
CA GLY D 31 33.89 -3.93 17.02
C GLY D 31 35.27 -4.51 16.78
N GLU D 32 35.91 -4.08 15.71
CA GLU D 32 37.24 -4.58 15.35
C GLU D 32 38.30 -4.07 16.32
N ARG D 33 37.96 -2.99 17.03
CA ARG D 33 38.87 -2.38 18.00
C ARG D 33 39.24 -3.38 19.10
N GLY A 1 -43.44 -6.88 -8.05
CA GLY A 1 -42.11 -6.37 -7.62
C GLY A 1 -41.13 -6.33 -8.77
N CYS A 2 -39.94 -5.80 -8.50
CA CYS A 2 -38.88 -5.69 -9.51
C CYS A 2 -39.30 -4.73 -10.62
N GLY A 3 -38.55 -4.71 -11.70
CA GLY A 3 -38.87 -3.86 -12.83
C GLY A 3 -38.23 -2.50 -12.72
N LYS A 4 -38.29 -1.91 -11.54
CA LYS A 4 -37.72 -0.58 -11.30
C LYS A 4 -36.19 -0.62 -11.24
N SER A 5 -35.58 -0.68 -12.43
CA SER A 5 -34.13 -0.66 -12.57
C SER A 5 -33.47 -1.85 -11.87
N ILE A 6 -34.24 -2.89 -11.61
CA ILE A 6 -33.70 -4.11 -11.02
C ILE A 6 -32.78 -4.80 -12.02
N ASP A 7 -33.19 -4.79 -13.29
CA ASP A 7 -32.37 -5.34 -14.37
C ASP A 7 -31.03 -4.63 -14.39
N ASP A 8 -31.08 -3.30 -14.36
CA ASP A 8 -29.89 -2.46 -14.26
C ASP A 8 -29.02 -2.91 -13.10
N LEU A 9 -29.64 -2.98 -11.93
CA LEU A 9 -28.94 -3.36 -10.70
C LEU A 9 -28.28 -4.71 -10.82
N GLU A 10 -29.05 -5.74 -11.14
CA GLU A 10 -28.53 -7.10 -11.15
C GLU A 10 -27.45 -7.27 -12.22
N ASP A 11 -27.62 -6.61 -13.36
CA ASP A 11 -26.62 -6.61 -14.42
C ASP A 11 -25.32 -6.05 -13.87
N GLU A 12 -25.43 -4.85 -13.32
CA GLU A 12 -24.31 -4.15 -12.73
C GLU A 12 -23.71 -4.98 -11.60
N LEU A 13 -24.56 -5.65 -10.84
CA LEU A 13 -24.11 -6.48 -9.72
C LEU A 13 -23.06 -7.50 -10.17
N TYR A 14 -23.35 -8.22 -11.26
CA TYR A 14 -22.41 -9.19 -11.79
C TYR A 14 -21.11 -8.49 -12.22
N ALA A 15 -21.25 -7.37 -12.90
CA ALA A 15 -20.10 -6.61 -13.37
C ALA A 15 -19.29 -6.07 -12.20
N GLN A 16 -19.97 -5.44 -11.25
CA GLN A 16 -19.30 -4.81 -10.13
C GLN A 16 -18.66 -5.83 -9.19
N LYS A 17 -19.31 -6.98 -9.00
CA LYS A 17 -18.73 -8.00 -8.12
C LYS A 17 -17.46 -8.56 -8.73
N LEU A 18 -17.44 -8.67 -10.05
CA LEU A 18 -16.27 -9.20 -10.74
C LEU A 18 -15.10 -8.23 -10.60
N LYS A 19 -15.36 -6.95 -10.82
CA LYS A 19 -14.30 -5.95 -10.73
C LYS A 19 -13.91 -5.67 -9.27
N TYR A 20 -14.88 -5.80 -8.36
CA TYR A 20 -14.62 -5.60 -6.94
C TYR A 20 -13.71 -6.71 -6.42
N LYS A 21 -13.91 -7.92 -6.92
CA LYS A 21 -13.01 -9.03 -6.62
C LYS A 21 -11.64 -8.78 -7.24
N ALA A 22 -11.65 -8.33 -8.50
CA ALA A 22 -10.42 -8.08 -9.23
C ALA A 22 -9.55 -7.02 -8.52
N ILE A 23 -10.18 -5.95 -8.04
CA ILE A 23 -9.45 -4.89 -7.37
C ILE A 23 -9.01 -5.29 -5.95
N SER A 24 -9.83 -6.08 -5.27
CA SER A 24 -9.51 -6.50 -3.91
C SER A 24 -8.36 -7.51 -3.92
N GLU A 25 -8.37 -8.42 -4.90
CA GLU A 25 -7.28 -9.37 -5.04
C GLU A 25 -6.06 -8.67 -5.62
N GLU A 26 -6.29 -7.60 -6.38
CA GLU A 26 -5.21 -6.75 -6.85
C GLU A 26 -4.42 -6.21 -5.66
N LEU A 27 -5.15 -5.66 -4.70
CA LEU A 27 -4.54 -5.16 -3.47
C LEU A 27 -3.83 -6.28 -2.73
N ASP A 28 -4.49 -7.43 -2.61
CA ASP A 28 -3.95 -8.58 -1.90
C ASP A 28 -2.62 -9.01 -2.50
N HIS A 29 -2.63 -9.29 -3.80
CA HIS A 29 -1.42 -9.75 -4.48
C HIS A 29 -0.35 -8.66 -4.49
N ALA A 30 -0.78 -7.41 -4.47
CA ALA A 30 0.14 -6.28 -4.47
C ALA A 30 0.98 -6.24 -3.19
N LEU A 31 0.33 -6.45 -2.07
CA LEU A 31 1.00 -6.39 -0.77
C LEU A 31 1.63 -7.73 -0.42
N LYS A 32 1.07 -8.83 -0.94
CA LYS A 32 1.64 -10.15 -0.74
C LYS A 32 2.87 -10.35 -1.61
N ASP A 33 2.97 -9.54 -2.67
CA ASP A 33 4.07 -9.60 -3.62
C ASP A 33 5.42 -9.66 -2.91
N MET A 34 5.66 -8.65 -2.08
CA MET A 34 6.93 -8.49 -1.41
C MET A 34 6.82 -8.92 0.04
N THR A 35 5.84 -8.34 0.75
CA THR A 35 5.63 -8.55 2.19
C THR A 35 6.94 -8.45 2.98
N SER A 36 7.91 -7.74 2.41
CA SER A 36 9.20 -7.56 3.04
C SER A 36 9.46 -6.07 3.21
N ILE A 37 8.62 -5.44 4.01
CA ILE A 37 8.65 -4.01 4.23
C ILE A 37 8.58 -3.73 5.72
N GLY B 1 -6.25 3.48 4.06
CA GLY B 1 -6.30 2.34 3.11
C GLY B 1 -5.08 1.44 3.21
N MET B 2 -5.28 0.15 2.94
CA MET B 2 -4.24 -0.87 3.02
C MET B 2 -3.54 -0.89 4.37
N ASP B 3 -4.10 -1.65 5.31
CA ASP B 3 -3.52 -1.78 6.63
C ASP B 3 -2.19 -2.54 6.55
N ALA B 4 -2.04 -3.34 5.50
CA ALA B 4 -0.83 -4.12 5.27
C ALA B 4 0.41 -3.23 5.25
N ILE B 5 0.46 -2.34 4.26
CA ILE B 5 1.60 -1.47 4.10
C ILE B 5 1.69 -0.45 5.22
N LYS B 6 0.57 0.12 5.64
CA LYS B 6 0.60 1.20 6.63
C LYS B 6 1.06 0.71 7.99
N LYS B 7 0.62 -0.48 8.40
CA LYS B 7 1.07 -1.07 9.67
C LYS B 7 2.57 -1.30 9.63
N LYS B 8 3.03 -1.97 8.57
CA LYS B 8 4.44 -2.30 8.46
C LYS B 8 5.26 -1.07 8.07
N MET B 9 4.61 -0.07 7.46
CA MET B 9 5.25 1.21 7.18
C MET B 9 5.71 1.88 8.47
N GLN B 10 4.81 1.94 9.45
CA GLN B 10 5.13 2.55 10.72
C GLN B 10 6.26 1.78 11.38
N MET B 11 6.17 0.46 11.33
CA MET B 11 7.25 -0.41 11.81
C MET B 11 8.56 -0.08 11.07
N LEU B 12 8.46 -0.03 9.75
CA LEU B 12 9.58 0.26 8.87
C LEU B 12 10.22 1.60 9.22
N LYS B 13 9.42 2.66 9.23
CA LYS B 13 9.96 4.00 9.45
C LYS B 13 10.57 4.12 10.83
N LEU B 14 9.98 3.46 11.82
CA LEU B 14 10.55 3.44 13.15
C LEU B 14 11.92 2.77 13.14
N ASP B 15 12.05 1.72 12.33
CA ASP B 15 13.33 1.06 12.15
C ASP B 15 14.30 2.00 11.45
N ASN B 16 13.80 2.73 10.47
CA ASN B 16 14.62 3.71 9.74
C ASN B 16 15.07 4.82 10.68
N TYR B 17 14.13 5.33 11.47
CA TYR B 17 14.44 6.38 12.45
C TYR B 17 15.51 5.94 13.43
N HIS B 18 15.37 4.75 14.02
CA HIS B 18 16.37 4.29 14.98
C HIS B 18 17.68 3.97 14.27
N LEU B 19 17.62 3.75 12.96
CA LEU B 19 18.82 3.53 12.17
C LEU B 19 19.52 4.86 11.89
N GLU B 20 18.72 5.85 11.52
CA GLU B 20 19.20 7.21 11.27
C GLU B 20 19.86 7.77 12.53
N ASN B 21 19.17 7.65 13.65
CA ASN B 21 19.71 8.12 14.92
C ASN B 21 20.92 7.30 15.34
N GLU B 22 20.87 6.00 15.08
CA GLU B 22 21.93 5.09 15.49
C GLU B 22 23.23 5.44 14.77
N VAL B 23 23.16 5.62 13.45
CA VAL B 23 24.34 5.97 12.67
C VAL B 23 24.86 7.35 13.05
N ALA B 24 23.94 8.25 13.40
CA ALA B 24 24.31 9.59 13.83
C ALA B 24 25.06 9.54 15.16
N ARG B 25 24.52 8.77 16.10
CA ARG B 25 25.15 8.61 17.41
C ARG B 25 26.42 7.77 17.29
N LEU B 26 26.46 6.87 16.32
CA LEU B 26 27.62 6.03 16.09
C LEU B 26 28.81 6.86 15.62
N LYS B 27 28.57 7.76 14.67
CA LYS B 27 29.62 8.62 14.16
C LYS B 27 29.96 9.70 15.20
N LYS B 28 29.04 9.97 16.12
CA LYS B 28 29.32 10.84 17.24
C LYS B 28 30.21 10.12 18.26
N LEU B 29 29.95 8.83 18.44
CA LEU B 29 30.72 8.03 19.38
C LEU B 29 32.18 7.94 18.95
N VAL B 30 32.41 7.66 17.68
CA VAL B 30 33.77 7.55 17.15
C VAL B 30 34.40 8.94 17.03
N GLY B 31 33.59 9.93 16.67
CA GLY B 31 34.08 11.29 16.53
C GLY B 31 34.33 11.94 17.88
N GLU B 32 33.72 11.39 18.92
CA GLU B 32 33.87 11.88 20.28
C GLU B 32 35.27 11.59 20.80
N ARG B 33 35.94 10.65 20.14
CA ARG B 33 37.27 10.23 20.54
C ARG B 33 38.31 11.24 20.05
N GLY C 1 -37.80 -3.59 -3.45
CA GLY C 1 -37.55 -4.49 -4.59
C GLY C 1 -38.75 -5.32 -4.96
N CYS C 2 -39.04 -6.35 -4.16
CA CYS C 2 -40.14 -7.25 -4.44
C CYS C 2 -40.66 -7.88 -3.14
N GLY C 3 -39.76 -8.06 -2.20
CA GLY C 3 -40.09 -8.70 -0.95
C GLY C 3 -38.85 -9.15 -0.22
N LYS C 4 -38.07 -9.99 -0.87
CA LYS C 4 -36.82 -10.48 -0.29
C LYS C 4 -35.86 -10.86 -1.40
N SER C 5 -34.57 -10.98 -1.05
CA SER C 5 -33.50 -11.32 -1.99
C SER C 5 -33.16 -10.09 -2.84
N ILE C 6 -34.07 -9.67 -3.69
CA ILE C 6 -33.86 -8.50 -4.52
C ILE C 6 -33.75 -7.24 -3.66
N ASP C 7 -34.61 -7.15 -2.65
CA ASP C 7 -34.57 -6.03 -1.71
C ASP C 7 -33.26 -6.02 -0.94
N ASP C 8 -32.85 -7.21 -0.49
CA ASP C 8 -31.56 -7.40 0.15
C ASP C 8 -30.46 -6.89 -0.75
N LEU C 9 -30.58 -7.24 -2.04
CA LEU C 9 -29.60 -6.85 -3.02
C LEU C 9 -29.60 -5.35 -3.27
N GLU C 10 -30.77 -4.72 -3.32
CA GLU C 10 -30.85 -3.27 -3.55
C GLU C 10 -30.02 -2.51 -2.53
N ASP C 11 -30.25 -2.82 -1.26
CA ASP C 11 -29.57 -2.17 -0.16
C ASP C 11 -28.07 -2.38 -0.26
N GLU C 12 -27.70 -3.63 -0.44
CA GLU C 12 -26.30 -4.04 -0.44
C GLU C 12 -25.59 -3.66 -1.73
N LEU C 13 -26.33 -3.65 -2.84
CA LEU C 13 -25.75 -3.28 -4.13
C LEU C 13 -25.33 -1.83 -4.10
N TYR C 14 -26.18 -0.99 -3.51
CA TYR C 14 -25.84 0.42 -3.31
C TYR C 14 -24.64 0.53 -2.37
N ALA C 15 -24.62 -0.32 -1.35
CA ALA C 15 -23.49 -0.37 -0.42
C ALA C 15 -22.21 -0.80 -1.14
N GLN C 16 -22.31 -1.88 -1.92
CA GLN C 16 -21.17 -2.34 -2.72
C GLN C 16 -20.66 -1.23 -3.64
N LYS C 17 -21.58 -0.57 -4.32
CA LYS C 17 -21.25 0.52 -5.23
C LYS C 17 -20.61 1.68 -4.47
N LEU C 18 -21.15 1.95 -3.29
CA LEU C 18 -20.64 3.01 -2.43
C LEU C 18 -19.25 2.64 -1.91
N LYS C 19 -19.05 1.36 -1.66
CA LYS C 19 -17.75 0.85 -1.23
C LYS C 19 -16.77 0.83 -2.39
N TYR C 20 -17.27 0.64 -3.60
CA TYR C 20 -16.43 0.70 -4.79
C TYR C 20 -15.90 2.11 -5.00
N LYS C 21 -16.77 3.10 -4.77
CA LYS C 21 -16.34 4.49 -4.78
C LYS C 21 -15.34 4.72 -3.64
N ALA C 22 -15.69 4.22 -2.47
CA ALA C 22 -14.86 4.40 -1.28
C ALA C 22 -13.49 3.77 -1.46
N ILE C 23 -13.43 2.57 -2.02
CA ILE C 23 -12.17 1.87 -2.18
C ILE C 23 -11.27 2.55 -3.21
N SER C 24 -11.85 3.03 -4.30
CA SER C 24 -11.08 3.72 -5.32
C SER C 24 -10.46 4.99 -4.73
N GLU C 25 -11.30 5.77 -4.04
CA GLU C 25 -10.86 6.94 -3.30
C GLU C 25 -9.78 6.54 -2.30
N GLU C 26 -10.04 5.43 -1.62
CA GLU C 26 -9.17 4.94 -0.57
C GLU C 26 -7.79 4.60 -1.11
N LEU C 27 -7.72 3.77 -2.15
CA LEU C 27 -6.45 3.34 -2.70
C LEU C 27 -5.59 4.54 -3.09
N ASP C 28 -6.18 5.43 -3.88
CA ASP C 28 -5.45 6.58 -4.39
C ASP C 28 -4.99 7.47 -3.24
N HIS C 29 -5.93 7.83 -2.38
CA HIS C 29 -5.64 8.77 -1.31
C HIS C 29 -4.76 8.13 -0.23
N ALA C 30 -4.95 6.85 0.03
CA ALA C 30 -4.17 6.15 1.05
C ALA C 30 -2.69 6.19 0.73
N LEU C 31 -2.34 5.87 -0.50
CA LEU C 31 -0.96 5.91 -0.93
C LEU C 31 -0.51 7.35 -1.15
N LYS C 32 -1.49 8.24 -1.32
CA LYS C 32 -1.21 9.66 -1.48
C LYS C 32 -0.92 10.31 -0.12
N ASP C 33 -1.57 9.78 0.93
CA ASP C 33 -1.38 10.26 2.31
C ASP C 33 0.10 10.30 2.66
N MET C 34 0.70 9.15 2.55
CA MET C 34 2.06 8.93 3.02
C MET C 34 3.11 9.66 2.17
N THR C 35 3.39 9.14 0.98
CA THR C 35 4.50 9.62 0.13
C THR C 35 5.80 9.78 0.93
N SER C 36 5.90 9.06 2.03
CA SER C 36 7.09 9.09 2.88
C SER C 36 7.53 7.68 3.20
N ILE C 37 8.08 7.02 2.20
CA ILE C 37 8.56 5.67 2.32
C ILE C 37 9.78 5.47 1.43
N GLY D 1 -0.32 -4.89 -9.11
CA GLY D 1 0.22 -4.28 -7.88
C GLY D 1 -0.31 -2.88 -7.65
N MET D 2 0.31 -2.17 -6.70
CA MET D 2 -0.06 -0.79 -6.42
C MET D 2 1.15 0.12 -6.67
N ASP D 3 1.08 0.91 -7.73
CA ASP D 3 2.18 1.74 -8.24
C ASP D 3 2.97 2.44 -7.13
N ALA D 4 2.25 3.18 -6.29
CA ALA D 4 2.85 4.02 -5.25
C ALA D 4 3.84 3.26 -4.38
N ILE D 5 3.37 2.25 -3.67
CA ILE D 5 4.22 1.52 -2.74
C ILE D 5 5.28 0.71 -3.47
N LYS D 6 4.92 0.13 -4.61
CA LYS D 6 5.85 -0.69 -5.38
C LYS D 6 7.12 0.08 -5.73
N LYS D 7 6.94 1.20 -6.41
CA LYS D 7 8.06 2.01 -6.87
C LYS D 7 8.84 2.60 -5.71
N LYS D 8 8.13 3.14 -4.73
CA LYS D 8 8.78 3.77 -3.59
C LYS D 8 9.47 2.75 -2.69
N MET D 9 8.90 1.55 -2.57
CA MET D 9 9.53 0.51 -1.77
C MET D 9 10.90 0.17 -2.33
N GLN D 10 11.00 0.05 -3.64
CA GLN D 10 12.27 -0.25 -4.27
C GLN D 10 13.26 0.89 -4.04
N MET D 11 12.77 2.13 -4.16
CA MET D 11 13.60 3.30 -3.89
C MET D 11 14.03 3.30 -2.44
N LEU D 12 13.07 3.04 -1.55
CA LEU D 12 13.30 2.91 -0.12
C LEU D 12 14.43 1.93 0.18
N LYS D 13 14.26 0.69 -0.26
CA LYS D 13 15.18 -0.38 0.08
C LYS D 13 16.58 -0.08 -0.46
N LEU D 14 16.65 0.44 -1.67
CA LEU D 14 17.93 0.79 -2.28
C LEU D 14 18.55 1.99 -1.57
N ASP D 15 17.72 2.96 -1.21
CA ASP D 15 18.20 4.15 -0.52
C ASP D 15 18.70 3.79 0.86
N ASN D 16 17.92 2.97 1.56
CA ASN D 16 18.31 2.47 2.87
C ASN D 16 19.56 1.60 2.77
N TYR D 17 19.77 1.04 1.59
CA TYR D 17 20.94 0.23 1.32
C TYR D 17 22.20 1.10 1.38
N HIS D 18 22.12 2.30 0.79
CA HIS D 18 23.24 3.25 0.90
C HIS D 18 23.43 3.62 2.35
N LEU D 19 22.31 3.96 2.98
CA LEU D 19 22.28 4.32 4.41
C LEU D 19 23.01 3.27 5.27
N GLU D 20 22.55 2.03 5.23
CA GLU D 20 23.14 0.98 6.05
C GLU D 20 24.56 0.64 5.58
N ASN D 21 24.83 0.87 4.30
CA ASN D 21 26.18 0.67 3.77
C ASN D 21 27.18 1.50 4.57
N GLU D 22 26.81 2.74 4.86
CA GLU D 22 27.64 3.60 5.69
C GLU D 22 27.64 3.09 7.13
N VAL D 23 26.46 2.73 7.64
CA VAL D 23 26.34 2.23 9.01
C VAL D 23 27.25 1.03 9.24
N ALA D 24 27.23 0.10 8.30
CA ALA D 24 28.04 -1.12 8.40
C ALA D 24 29.53 -0.79 8.38
N ARG D 25 29.93 0.08 7.47
CA ARG D 25 31.33 0.46 7.35
C ARG D 25 31.76 1.34 8.53
N LEU D 26 30.81 2.09 9.07
CA LEU D 26 31.08 2.96 10.21
C LEU D 26 31.24 2.13 11.48
N LYS D 27 30.31 1.22 11.73
CA LYS D 27 30.38 0.37 12.92
C LYS D 27 31.66 -0.47 12.88
N LYS D 28 32.08 -0.83 11.68
CA LYS D 28 33.32 -1.55 11.50
C LYS D 28 34.51 -0.65 11.81
N LEU D 29 34.44 0.59 11.34
CA LEU D 29 35.50 1.56 11.55
C LEU D 29 35.68 1.87 13.03
N VAL D 30 34.56 2.00 13.75
CA VAL D 30 34.59 2.27 15.18
C VAL D 30 35.20 1.09 15.93
N GLY D 31 34.75 -0.11 15.60
CA GLY D 31 35.23 -1.30 16.27
C GLY D 31 36.65 -1.67 15.87
N GLU D 32 37.07 -1.16 14.73
CA GLU D 32 38.42 -1.40 14.21
C GLU D 32 39.46 -0.83 15.18
N ARG D 33 39.21 0.36 15.67
CA ARG D 33 40.16 1.06 16.52
C ARG D 33 39.70 1.05 17.97
N GLY A 1 -37.44 2.91 -17.34
CA GLY A 1 -36.75 2.34 -18.52
C GLY A 1 -35.29 2.07 -18.26
N CYS A 2 -34.44 2.93 -18.79
CA CYS A 2 -33.01 2.81 -18.57
C CYS A 2 -32.33 4.11 -18.99
N GLY A 3 -31.01 4.14 -18.91
CA GLY A 3 -30.26 5.31 -19.36
C GLY A 3 -29.97 5.27 -20.84
N LYS A 4 -30.92 4.70 -21.60
CA LYS A 4 -30.81 4.56 -23.06
C LYS A 4 -29.80 3.47 -23.41
N SER A 5 -28.53 3.73 -23.13
CA SER A 5 -27.48 2.77 -23.37
C SER A 5 -27.51 1.68 -22.30
N ILE A 6 -28.42 0.74 -22.47
CA ILE A 6 -28.60 -0.33 -21.52
C ILE A 6 -27.62 -1.47 -21.80
N ASP A 7 -27.23 -1.60 -23.07
CA ASP A 7 -26.23 -2.58 -23.47
C ASP A 7 -24.88 -2.20 -22.90
N ASP A 8 -24.59 -0.90 -22.90
CA ASP A 8 -23.35 -0.41 -22.33
C ASP A 8 -23.43 -0.45 -20.81
N LEU A 9 -24.65 -0.51 -20.29
CA LEU A 9 -24.85 -0.56 -18.86
C LEU A 9 -24.52 -1.94 -18.32
N GLU A 10 -24.95 -2.98 -19.04
CA GLU A 10 -24.58 -4.35 -18.68
C GLU A 10 -23.10 -4.59 -18.89
N ASP A 11 -22.53 -3.90 -19.90
CA ASP A 11 -21.09 -3.90 -20.09
C ASP A 11 -20.39 -3.40 -18.84
N GLU A 12 -20.81 -2.21 -18.39
CA GLU A 12 -20.27 -1.58 -17.19
C GLU A 12 -20.41 -2.50 -15.98
N LEU A 13 -21.57 -3.15 -15.85
CA LEU A 13 -21.84 -4.03 -14.73
C LEU A 13 -20.77 -5.12 -14.62
N TYR A 14 -20.58 -5.87 -15.70
CA TYR A 14 -19.61 -6.94 -15.71
C TYR A 14 -18.18 -6.39 -15.68
N ALA A 15 -17.97 -5.25 -16.34
CA ALA A 15 -16.67 -4.61 -16.35
C ALA A 15 -16.25 -4.23 -14.93
N GLN A 16 -17.10 -3.50 -14.24
CA GLN A 16 -16.78 -3.06 -12.88
C GLN A 16 -16.70 -4.24 -11.91
N LYS A 17 -17.38 -5.34 -12.23
CA LYS A 17 -17.27 -6.53 -11.42
C LYS A 17 -15.90 -7.19 -11.58
N LEU A 18 -15.45 -7.33 -12.83
CA LEU A 18 -14.15 -7.94 -13.07
C LEU A 18 -13.03 -6.99 -12.67
N LYS A 19 -13.29 -5.69 -12.81
CA LYS A 19 -12.34 -4.67 -12.39
C LYS A 19 -12.21 -4.64 -10.87
N TYR A 20 -13.34 -4.78 -10.18
CA TYR A 20 -13.34 -4.81 -8.73
C TYR A 20 -12.58 -6.02 -8.22
N LYS A 21 -12.84 -7.17 -8.84
CA LYS A 21 -12.10 -8.39 -8.53
C LYS A 21 -10.61 -8.20 -8.81
N ALA A 22 -10.30 -7.71 -10.01
CA ALA A 22 -8.92 -7.52 -10.42
C ALA A 22 -8.20 -6.54 -9.50
N ILE A 23 -8.88 -5.46 -9.13
CA ILE A 23 -8.27 -4.43 -8.29
C ILE A 23 -8.12 -4.94 -6.85
N SER A 24 -9.07 -5.77 -6.40
CA SER A 24 -8.99 -6.35 -5.06
C SER A 24 -7.84 -7.35 -4.98
N GLU A 25 -7.77 -8.23 -5.96
CA GLU A 25 -6.72 -9.23 -5.97
C GLU A 25 -5.38 -8.59 -6.34
N GLU A 26 -5.46 -7.42 -6.94
CA GLU A 26 -4.27 -6.61 -7.23
C GLU A 26 -3.62 -6.17 -5.93
N LEU A 27 -4.37 -5.46 -5.09
CA LEU A 27 -3.85 -4.95 -3.82
C LEU A 27 -3.39 -6.10 -2.93
N ASP A 28 -4.06 -7.24 -3.09
CA ASP A 28 -3.69 -8.46 -2.37
C ASP A 28 -2.26 -8.84 -2.69
N HIS A 29 -1.99 -9.12 -3.95
CA HIS A 29 -0.66 -9.57 -4.37
C HIS A 29 0.36 -8.45 -4.23
N ALA A 30 -0.08 -7.22 -4.43
CA ALA A 30 0.82 -6.07 -4.34
C ALA A 30 1.39 -5.89 -2.95
N LEU A 31 0.53 -5.97 -1.94
CA LEU A 31 0.96 -5.73 -0.56
C LEU A 31 1.50 -7.02 0.07
N LYS A 32 1.06 -8.17 -0.42
CA LYS A 32 1.57 -9.45 0.06
C LYS A 32 2.92 -9.76 -0.57
N ASP A 33 3.21 -9.10 -1.68
CA ASP A 33 4.54 -9.13 -2.29
C ASP A 33 5.56 -8.65 -1.28
N MET A 34 5.17 -7.63 -0.53
CA MET A 34 6.03 -7.04 0.47
C MET A 34 5.73 -7.59 1.85
N THR A 35 5.96 -8.86 2.02
CA THR A 35 5.87 -9.47 3.32
C THR A 35 7.19 -9.25 4.08
N SER A 36 8.07 -8.46 3.47
CA SER A 36 9.36 -8.14 4.05
C SER A 36 9.57 -6.63 4.12
N ILE A 37 8.51 -5.86 3.92
CA ILE A 37 8.61 -4.41 3.97
C ILE A 37 8.50 -3.96 5.44
N GLY B 1 -7.90 1.50 4.54
CA GLY B 1 -8.14 0.44 3.53
C GLY B 1 -6.94 -0.46 3.36
N MET B 2 -5.86 0.06 2.80
CA MET B 2 -4.63 -0.73 2.64
C MET B 2 -3.92 -0.88 3.96
N ASP B 3 -4.35 -1.85 4.75
CA ASP B 3 -3.82 -2.06 6.09
C ASP B 3 -2.40 -2.60 6.05
N ALA B 4 -2.09 -3.39 5.03
CA ALA B 4 -0.79 -4.05 4.91
C ALA B 4 0.35 -3.05 4.90
N ILE B 5 0.36 -2.18 3.89
CA ILE B 5 1.44 -1.22 3.72
C ILE B 5 1.47 -0.19 4.86
N LYS B 6 0.31 0.24 5.29
CA LYS B 6 0.22 1.28 6.32
C LYS B 6 0.90 0.82 7.62
N LYS B 7 0.54 -0.36 8.10
CA LYS B 7 1.09 -0.89 9.35
C LYS B 7 2.57 -1.23 9.19
N LYS B 8 2.93 -1.89 8.09
CA LYS B 8 4.31 -2.26 7.86
C LYS B 8 5.18 -1.02 7.62
N MET B 9 4.60 0.02 7.02
CA MET B 9 5.28 1.30 6.90
C MET B 9 5.73 1.79 8.26
N GLN B 10 4.80 1.76 9.22
CA GLN B 10 5.09 2.16 10.58
C GLN B 10 6.23 1.33 11.16
N MET B 11 6.09 0.01 11.10
CA MET B 11 7.08 -0.90 11.64
C MET B 11 8.43 -0.71 10.97
N LEU B 12 8.43 -0.65 9.64
CA LEU B 12 9.66 -0.46 8.88
C LEU B 12 10.34 0.86 9.25
N LYS B 13 9.57 1.94 9.24
CA LYS B 13 10.13 3.27 9.47
C LYS B 13 10.72 3.37 10.88
N LEU B 14 10.04 2.78 11.86
CA LEU B 14 10.53 2.78 13.23
C LEU B 14 11.71 1.83 13.39
N ASP B 15 11.66 0.71 12.69
CA ASP B 15 12.75 -0.26 12.72
C ASP B 15 14.00 0.35 12.11
N ASN B 16 13.85 0.93 10.93
CA ASN B 16 14.96 1.59 10.26
C ASN B 16 15.39 2.82 11.04
N TYR B 17 14.46 3.38 11.80
CA TYR B 17 14.78 4.52 12.65
C TYR B 17 15.83 4.13 13.69
N HIS B 18 15.66 2.98 14.34
CA HIS B 18 16.64 2.55 15.33
C HIS B 18 17.89 2.03 14.64
N LEU B 19 17.76 1.67 13.37
CA LEU B 19 18.93 1.31 12.55
C LEU B 19 19.78 2.54 12.28
N GLU B 20 19.16 3.58 11.71
CA GLU B 20 19.87 4.80 11.36
C GLU B 20 20.28 5.57 12.59
N ASN B 21 19.55 5.40 13.68
CA ASN B 21 19.90 6.03 14.94
C ASN B 21 21.11 5.33 15.55
N GLU B 22 21.14 4.00 15.47
CA GLU B 22 22.26 3.22 15.98
C GLU B 22 23.54 3.58 15.27
N VAL B 23 23.46 3.71 13.94
CA VAL B 23 24.63 4.08 13.16
C VAL B 23 24.96 5.56 13.37
N ALA B 24 23.96 6.37 13.72
CA ALA B 24 24.18 7.77 14.03
C ALA B 24 24.98 7.90 15.32
N ARG B 25 24.65 7.07 16.29
CA ARG B 25 25.39 7.02 17.55
C ARG B 25 26.82 6.57 17.28
N LEU B 26 26.95 5.60 16.38
CA LEU B 26 28.25 5.02 16.05
C LEU B 26 29.09 5.99 15.22
N LYS B 27 28.47 6.65 14.24
CA LYS B 27 29.20 7.56 13.36
C LYS B 27 29.72 8.77 14.12
N LYS B 28 29.00 9.16 15.17
CA LYS B 28 29.49 10.23 16.04
C LYS B 28 30.59 9.70 16.94
N LEU B 29 30.40 8.48 17.44
CA LEU B 29 31.37 7.83 18.30
C LEU B 29 32.71 7.68 17.58
N VAL B 30 32.68 7.10 16.39
CA VAL B 30 33.90 6.86 15.62
C VAL B 30 34.42 8.16 15.00
N GLY B 31 33.51 9.09 14.73
CA GLY B 31 33.91 10.37 14.18
C GLY B 31 34.59 11.24 15.21
N GLU B 32 34.14 11.15 16.45
CA GLU B 32 34.71 11.92 17.55
C GLU B 32 35.93 11.20 18.12
N ARG B 33 35.69 9.97 18.57
CA ARG B 33 36.72 9.17 19.24
C ARG B 33 37.33 9.93 20.40
N GLY C 1 -34.75 1.63 -13.48
CA GLY C 1 -35.25 0.25 -13.68
C GLY C 1 -36.31 0.19 -14.77
N CYS C 2 -36.78 -1.02 -15.06
CA CYS C 2 -37.70 -1.23 -16.17
C CYS C 2 -38.83 -2.18 -15.77
N GLY C 3 -38.55 -3.05 -14.80
CA GLY C 3 -39.53 -4.03 -14.38
C GLY C 3 -38.88 -5.22 -13.72
N LYS C 4 -37.91 -5.82 -14.40
CA LYS C 4 -37.15 -6.94 -13.85
C LYS C 4 -35.82 -7.05 -14.58
N SER C 5 -34.87 -7.73 -13.93
CA SER C 5 -33.54 -8.00 -14.51
C SER C 5 -32.70 -6.72 -14.59
N ILE C 6 -33.15 -5.76 -15.39
CA ILE C 6 -32.44 -4.49 -15.53
C ILE C 6 -32.42 -3.73 -14.20
N ASP C 7 -33.48 -3.88 -13.43
CA ASP C 7 -33.56 -3.26 -12.12
C ASP C 7 -32.48 -3.82 -11.21
N ASP C 8 -32.30 -5.13 -11.28
CA ASP C 8 -31.26 -5.82 -10.52
C ASP C 8 -29.88 -5.39 -11.02
N LEU C 9 -29.73 -5.32 -12.34
CA LEU C 9 -28.51 -4.84 -12.97
C LEU C 9 -28.18 -3.43 -12.50
N GLU C 10 -29.15 -2.54 -12.62
CA GLU C 10 -28.99 -1.13 -12.25
C GLU C 10 -28.63 -1.00 -10.77
N ASP C 11 -29.24 -1.83 -9.94
CA ASP C 11 -29.00 -1.82 -8.50
C ASP C 11 -27.55 -2.19 -8.20
N GLU C 12 -27.17 -3.36 -8.68
CA GLU C 12 -25.83 -3.88 -8.51
C GLU C 12 -24.82 -2.98 -9.24
N LEU C 13 -25.28 -2.30 -10.27
CA LEU C 13 -24.45 -1.38 -11.04
C LEU C 13 -23.89 -0.28 -10.17
N TYR C 14 -24.76 0.49 -9.52
CA TYR C 14 -24.30 1.58 -8.67
C TYR C 14 -23.60 1.01 -7.45
N ALA C 15 -23.98 -0.19 -7.06
CA ALA C 15 -23.32 -0.90 -5.97
C ALA C 15 -21.85 -1.12 -6.30
N GLN C 16 -21.60 -1.82 -7.41
CA GLN C 16 -20.24 -2.06 -7.88
C GLN C 16 -19.49 -0.76 -8.08
N LYS C 17 -20.14 0.21 -8.71
CA LYS C 17 -19.52 1.49 -9.04
C LYS C 17 -19.14 2.26 -7.77
N LEU C 18 -20.00 2.21 -6.76
CA LEU C 18 -19.71 2.89 -5.50
C LEU C 18 -18.64 2.15 -4.70
N LYS C 19 -18.67 0.82 -4.75
CA LYS C 19 -17.61 0.03 -4.10
C LYS C 19 -16.28 0.32 -4.78
N TYR C 20 -16.32 0.41 -6.10
CA TYR C 20 -15.15 0.74 -6.90
C TYR C 20 -14.65 2.13 -6.56
N LYS C 21 -15.59 3.06 -6.35
CA LYS C 21 -15.26 4.42 -5.95
C LYS C 21 -14.54 4.41 -4.61
N ALA C 22 -15.12 3.70 -3.64
CA ALA C 22 -14.59 3.65 -2.29
C ALA C 22 -13.17 3.10 -2.28
N ILE C 23 -12.95 1.99 -2.97
CA ILE C 23 -11.66 1.34 -2.97
C ILE C 23 -10.63 2.15 -3.74
N SER C 24 -11.05 2.78 -4.84
CA SER C 24 -10.14 3.55 -5.68
C SER C 24 -9.70 4.81 -4.94
N GLU C 25 -10.65 5.48 -4.29
CA GLU C 25 -10.34 6.67 -3.50
C GLU C 25 -9.43 6.32 -2.34
N GLU C 26 -9.81 5.28 -1.59
CA GLU C 26 -9.06 4.86 -0.42
C GLU C 26 -7.61 4.52 -0.77
N LEU C 27 -7.41 3.66 -1.74
CA LEU C 27 -6.08 3.21 -2.10
C LEU C 27 -5.20 4.37 -2.57
N ASP C 28 -5.73 5.22 -3.42
CA ASP C 28 -4.96 6.37 -3.90
C ASP C 28 -4.66 7.32 -2.77
N HIS C 29 -5.67 7.59 -1.95
CA HIS C 29 -5.53 8.50 -0.83
C HIS C 29 -4.50 7.96 0.18
N ALA C 30 -4.66 6.71 0.56
CA ALA C 30 -3.78 6.09 1.55
C ALA C 30 -2.34 6.05 1.07
N LEU C 31 -2.16 5.96 -0.23
CA LEU C 31 -0.81 5.95 -0.80
C LEU C 31 -0.29 7.37 -1.00
N LYS C 32 -1.21 8.32 -1.05
CA LYS C 32 -0.84 9.72 -1.23
C LYS C 32 -0.43 10.33 0.11
N ASP C 33 -1.15 9.93 1.17
CA ASP C 33 -0.90 10.44 2.54
C ASP C 33 0.55 10.37 2.91
N MET C 34 1.14 9.21 2.67
CA MET C 34 2.46 8.87 3.19
C MET C 34 3.49 9.91 2.77
N THR C 35 3.78 9.98 1.47
CA THR C 35 4.79 10.90 0.91
C THR C 35 6.10 10.88 1.70
N SER C 36 6.37 9.76 2.35
CA SER C 36 7.58 9.61 3.15
C SER C 36 7.93 8.13 3.27
N ILE C 37 8.33 7.56 2.15
CA ILE C 37 8.75 6.17 2.09
C ILE C 37 9.58 5.94 0.83
N GLY D 1 0.48 -4.51 -10.09
CA GLY D 1 0.90 -4.07 -8.75
C GLY D 1 0.48 -2.63 -8.47
N MET D 2 0.18 -2.32 -7.20
CA MET D 2 -0.11 -0.94 -6.80
C MET D 2 1.11 -0.06 -7.03
N ASP D 3 1.02 0.74 -8.08
CA ASP D 3 2.12 1.59 -8.56
C ASP D 3 2.80 2.36 -7.43
N ALA D 4 2.00 3.11 -6.68
CA ALA D 4 2.53 4.03 -5.67
C ALA D 4 3.52 3.35 -4.72
N ILE D 5 3.08 2.30 -4.02
CA ILE D 5 3.94 1.63 -3.05
C ILE D 5 4.95 0.72 -3.74
N LYS D 6 4.58 0.13 -4.88
CA LYS D 6 5.48 -0.79 -5.57
C LYS D 6 6.72 -0.07 -6.07
N LYS D 7 6.53 1.07 -6.72
CA LYS D 7 7.65 1.83 -7.25
C LYS D 7 8.43 2.52 -6.13
N LYS D 8 7.72 3.05 -5.13
CA LYS D 8 8.39 3.63 -3.98
C LYS D 8 9.13 2.57 -3.18
N MET D 9 8.59 1.34 -3.18
CA MET D 9 9.25 0.22 -2.51
C MET D 9 10.62 -0.02 -3.13
N GLN D 10 10.68 0.01 -4.46
CA GLN D 10 11.93 -0.19 -5.16
C GLN D 10 12.94 0.87 -4.75
N MET D 11 12.51 2.12 -4.72
CA MET D 11 13.37 3.23 -4.32
C MET D 11 13.69 3.15 -2.84
N LEU D 12 12.72 2.72 -2.06
CA LEU D 12 12.88 2.51 -0.62
C LEU D 12 13.94 1.46 -0.35
N LYS D 13 13.82 0.31 -1.01
CA LYS D 13 14.77 -0.78 -0.83
C LYS D 13 16.17 -0.34 -1.26
N LEU D 14 16.24 0.51 -2.28
CA LEU D 14 17.52 1.11 -2.68
C LEU D 14 18.10 1.92 -1.53
N ASP D 15 17.26 2.76 -0.92
CA ASP D 15 17.68 3.56 0.22
C ASP D 15 18.08 2.66 1.38
N ASN D 16 17.21 1.73 1.73
CA ASN D 16 17.45 0.80 2.83
C ASN D 16 18.76 0.05 2.62
N TYR D 17 18.97 -0.44 1.40
CA TYR D 17 20.16 -1.20 1.10
C TYR D 17 21.43 -0.37 1.19
N HIS D 18 21.41 0.85 0.65
CA HIS D 18 22.60 1.69 0.72
C HIS D 18 22.82 2.15 2.15
N LEU D 19 21.74 2.28 2.92
CA LEU D 19 21.85 2.59 4.34
C LEU D 19 22.49 1.42 5.07
N GLU D 20 21.93 0.23 4.85
CA GLU D 20 22.46 -1.00 5.42
C GLU D 20 23.93 -1.17 5.03
N ASN D 21 24.25 -0.77 3.80
CA ASN D 21 25.60 -0.86 3.29
C ASN D 21 26.48 0.17 3.98
N GLU D 22 25.99 1.40 4.05
CA GLU D 22 26.69 2.48 4.74
C GLU D 22 27.03 2.07 6.17
N VAL D 23 26.02 1.54 6.88
CA VAL D 23 26.22 1.05 8.24
C VAL D 23 27.25 -0.06 8.26
N ALA D 24 27.11 -1.01 7.33
CA ALA D 24 28.00 -2.15 7.25
C ALA D 24 29.44 -1.72 7.00
N ARG D 25 29.62 -0.76 6.10
CA ARG D 25 30.95 -0.25 5.78
C ARG D 25 31.57 0.41 6.99
N LEU D 26 30.78 1.22 7.68
CA LEU D 26 31.24 1.94 8.85
C LEU D 26 31.57 0.97 9.98
N LYS D 27 30.70 0.00 10.20
CA LYS D 27 30.92 -1.01 11.22
C LYS D 27 32.06 -1.95 10.83
N LYS D 28 32.31 -2.06 9.53
CA LYS D 28 33.45 -2.83 9.03
C LYS D 28 34.74 -2.13 9.43
N LEU D 29 34.81 -0.84 9.12
CA LEU D 29 35.96 -0.01 9.47
C LEU D 29 36.21 -0.03 10.97
N VAL D 30 35.14 0.17 11.73
CA VAL D 30 35.22 0.14 13.19
C VAL D 30 35.57 -1.25 13.70
N GLY D 31 35.02 -2.26 13.05
CA GLY D 31 35.24 -3.63 13.46
C GLY D 31 36.70 -4.04 13.40
N GLU D 32 37.41 -3.56 12.40
CA GLU D 32 38.83 -3.86 12.25
C GLU D 32 39.67 -3.18 13.32
N ARG D 33 39.14 -2.15 13.96
CA ARG D 33 39.89 -1.40 14.96
C ARG D 33 39.14 -1.34 16.29
#